data_6J9T
#
_entry.id   6J9T
#
_cell.length_a   164.250
_cell.length_b   83.582
_cell.length_c   180.094
_cell.angle_alpha   90.00
_cell.angle_beta   91.53
_cell.angle_gamma   90.00
#
_symmetry.space_group_name_H-M   'C 1 2 1'
#
loop_
_entity.id
_entity.type
_entity.pdbx_description
1 polymer 'L-lactate dehydrogenase'
2 non-polymer 'SULFATE ION'
3 non-polymer 1,6-di-O-phosphono-beta-D-fructofuranose
4 water water
#
_entity_poly.entity_id   1
_entity_poly.type   'polypeptide(L)'
_entity_poly.pdbx_seq_one_letter_code
;MASITDKDHQKVILVGDGAVGSSYAYAMVLQGIAQEIGIVDIFKDKTKGDAIDLSNALPFTSPKKIYSAEYSDAKDADLV
VITAGAPQKPGETRLDLVNKNLKILKSIVDPIVDSGFNGIFLVAANPVDILTYATWKLSGFPKNRVVGSGTSLDTARFRQ
SIAEMVNVDARSVHAYIMGEHGDTEFPVWSHANIGGVTIAEWVKAHPEIKEDKLVKMFEDVRDAAYEIIKLKGATFYGIA
TALARISKAILNDENAVLPLSVYMDGQYGLNDIYIGTPAVINRNGIQNILEIPLTDHEEESMQKSASQLKKVLTDAFAKN
DIETRQ
;
_entity_poly.pdbx_strand_id   A,B,C,D,E,F
#
loop_
_chem_comp.id
_chem_comp.type
_chem_comp.name
_chem_comp.formula
FBP D-saccharide, beta linking 1,6-di-O-phosphono-beta-D-fructofuranose 'C6 H14 O12 P2'
SO4 non-polymer 'SULFATE ION' 'O4 S -2'
#
# COMPACT_ATOMS: atom_id res chain seq x y z
N SER A 3 -35.69 -49.56 -7.03
CA SER A 3 -36.86 -49.21 -6.12
C SER A 3 -37.55 -47.87 -6.50
N ILE A 4 -38.88 -47.86 -6.38
CA ILE A 4 -39.71 -46.67 -6.69
C ILE A 4 -39.45 -45.54 -5.68
N THR A 5 -39.16 -45.91 -4.44
CA THR A 5 -38.92 -44.97 -3.35
C THR A 5 -37.59 -44.23 -3.48
N ASP A 6 -36.72 -44.67 -4.39
CA ASP A 6 -35.51 -43.89 -4.74
C ASP A 6 -35.83 -42.46 -5.22
N LYS A 7 -37.08 -42.25 -5.60
CA LYS A 7 -37.54 -40.94 -6.02
C LYS A 7 -38.22 -40.14 -4.88
N ASP A 8 -38.24 -40.67 -3.66
CA ASP A 8 -38.67 -39.90 -2.50
C ASP A 8 -37.50 -39.09 -1.96
N HIS A 9 -37.03 -38.16 -2.80
CA HIS A 9 -36.01 -37.19 -2.44
C HIS A 9 -36.32 -35.93 -3.21
N GLN A 10 -36.73 -34.87 -2.52
CA GLN A 10 -37.15 -33.63 -3.13
C GLN A 10 -36.09 -32.53 -3.11
N LYS A 11 -35.89 -31.93 -4.28
CA LYS A 11 -34.74 -31.08 -4.55
C LYS A 11 -35.14 -29.72 -5.13
N VAL A 12 -34.67 -28.67 -4.49
CA VAL A 12 -34.94 -27.33 -4.91
C VAL A 12 -33.64 -26.65 -5.29
N ILE A 13 -33.65 -25.97 -6.41
CA ILE A 13 -32.56 -25.08 -6.76
C ILE A 13 -33.10 -23.67 -6.61
N LEU A 14 -32.42 -22.90 -5.78
CA LEU A 14 -32.71 -21.50 -5.59
C LEU A 14 -31.73 -20.68 -6.40
N VAL A 15 -32.27 -19.76 -7.19
CA VAL A 15 -31.44 -18.79 -7.89
C VAL A 15 -31.61 -17.43 -7.25
N GLY A 16 -30.51 -16.85 -6.76
CA GLY A 16 -30.58 -15.58 -6.04
C GLY A 16 -30.49 -15.78 -4.53
N ASP A 17 -29.37 -15.38 -3.95
CA ASP A 17 -29.08 -15.55 -2.51
C ASP A 17 -29.02 -14.22 -1.80
N GLY A 18 -29.87 -13.29 -2.22
CA GLY A 18 -30.10 -12.05 -1.49
C GLY A 18 -30.99 -12.29 -0.28
N ALA A 19 -31.51 -11.24 0.32
CA ALA A 19 -32.27 -11.43 1.54
C ALA A 19 -33.51 -12.33 1.33
N VAL A 20 -34.16 -12.22 0.16
CA VAL A 20 -35.34 -13.00 -0.12
C VAL A 20 -34.99 -14.48 -0.18
N GLY A 21 -33.99 -14.81 -0.98
CA GLY A 21 -33.66 -16.21 -1.27
C GLY A 21 -33.12 -16.91 -0.03
N SER A 22 -32.23 -16.22 0.64
CA SER A 22 -31.65 -16.69 1.91
C SER A 22 -32.76 -16.96 2.98
N SER A 23 -33.67 -16.02 3.12
CA SER A 23 -34.80 -16.19 4.01
C SER A 23 -35.69 -17.34 3.59
N TYR A 24 -35.91 -17.48 2.28
CA TYR A 24 -36.71 -18.61 1.73
C TYR A 24 -36.10 -19.93 2.16
N ALA A 25 -34.81 -20.03 1.96
CA ALA A 25 -34.11 -21.20 2.29
C ALA A 25 -34.25 -21.53 3.77
N TYR A 26 -34.15 -20.49 4.59
CA TYR A 26 -34.26 -20.67 6.06
C TYR A 26 -35.65 -21.15 6.40
N ALA A 27 -36.64 -20.63 5.70
CA ALA A 27 -38.00 -21.08 5.94
C ALA A 27 -38.19 -22.56 5.59
N MET A 28 -37.55 -22.97 4.51
CA MET A 28 -37.64 -24.34 4.06
C MET A 28 -36.96 -25.26 5.08
N VAL A 29 -35.84 -24.80 5.61
CA VAL A 29 -35.09 -25.55 6.63
C VAL A 29 -35.93 -25.77 7.87
N LEU A 30 -36.48 -24.70 8.43
CA LEU A 30 -37.25 -24.79 9.67
C LEU A 30 -38.50 -25.61 9.53
N GLN A 31 -39.13 -25.54 8.38
CA GLN A 31 -40.39 -26.22 8.21
C GLN A 31 -40.18 -27.62 7.66
N GLY A 32 -38.92 -27.99 7.35
CA GLY A 32 -38.61 -29.32 6.88
C GLY A 32 -39.21 -29.62 5.52
N ILE A 33 -39.26 -28.64 4.64
CA ILE A 33 -39.81 -28.82 3.33
C ILE A 33 -38.65 -29.07 2.38
N ALA A 34 -38.75 -30.16 1.64
CA ALA A 34 -37.69 -30.67 0.72
C ALA A 34 -36.48 -31.22 1.44
N GLN A 35 -35.70 -32.02 0.74
CA GLN A 35 -34.55 -32.69 1.35
C GLN A 35 -33.22 -32.20 0.80
N GLU A 36 -33.28 -31.27 -0.15
CA GLU A 36 -32.07 -30.74 -0.78
C GLU A 36 -32.29 -29.35 -1.33
N ILE A 37 -31.36 -28.45 -1.05
CA ILE A 37 -31.43 -27.07 -1.54
C ILE A 37 -30.07 -26.67 -2.08
N GLY A 38 -30.01 -26.42 -3.38
CA GLY A 38 -28.80 -25.92 -3.99
C GLY A 38 -28.96 -24.44 -4.21
N ILE A 39 -27.98 -23.67 -3.81
CA ILE A 39 -28.08 -22.21 -3.87
C ILE A 39 -27.16 -21.67 -4.95
N VAL A 40 -27.73 -20.96 -5.93
CA VAL A 40 -26.99 -20.40 -7.05
C VAL A 40 -27.05 -18.87 -7.10
N ASP A 41 -25.88 -18.24 -7.21
CA ASP A 41 -25.76 -16.79 -7.26
C ASP A 41 -24.40 -16.40 -7.82
N ILE A 42 -24.31 -15.22 -8.42
CA ILE A 42 -23.05 -14.72 -8.97
C ILE A 42 -21.96 -14.70 -7.89
N PHE A 43 -22.34 -14.35 -6.66
CA PHE A 43 -21.44 -14.29 -5.51
C PHE A 43 -21.28 -15.67 -4.85
N LYS A 44 -20.28 -16.41 -5.29
CA LYS A 44 -20.10 -17.80 -4.84
C LYS A 44 -19.70 -17.88 -3.39
N ASP A 45 -18.88 -16.94 -2.93
CA ASP A 45 -18.53 -16.92 -1.50
C ASP A 45 -19.77 -16.75 -0.57
N LYS A 46 -20.66 -15.80 -0.88
CA LYS A 46 -21.89 -15.60 -0.14
C LYS A 46 -22.68 -16.91 -0.06
N THR A 47 -22.86 -17.60 -1.17
CA THR A 47 -23.69 -18.82 -1.17
C THR A 47 -23.01 -19.92 -0.31
N LYS A 48 -21.70 -20.01 -0.39
CA LYS A 48 -20.97 -21.01 0.40
C LYS A 48 -21.21 -20.78 1.89
N GLY A 49 -21.14 -19.50 2.27
CA GLY A 49 -21.33 -19.09 3.64
C GLY A 49 -22.74 -19.33 4.16
N ASP A 50 -23.71 -19.07 3.32
CA ASP A 50 -25.10 -19.26 3.65
C ASP A 50 -25.40 -20.76 3.78
N ALA A 51 -24.92 -21.55 2.84
CA ALA A 51 -25.10 -23.00 2.91
C ALA A 51 -24.59 -23.53 4.24
N ILE A 52 -23.44 -23.04 4.70
CA ILE A 52 -22.90 -23.47 6.01
C ILE A 52 -23.80 -22.98 7.13
N ASP A 53 -24.16 -21.70 7.07
CA ASP A 53 -24.89 -21.11 8.18
C ASP A 53 -26.25 -21.81 8.31
N LEU A 54 -26.88 -22.09 7.18
CA LEU A 54 -28.16 -22.78 7.14
C LEU A 54 -28.01 -24.22 7.61
N SER A 55 -26.94 -24.87 7.22
CA SER A 55 -26.69 -26.25 7.68
C SER A 55 -26.53 -26.33 9.18
N ASN A 56 -26.00 -25.28 9.81
CA ASN A 56 -25.86 -25.23 11.27
C ASN A 56 -27.20 -25.36 12.00
N ALA A 57 -28.29 -25.00 11.34
CA ALA A 57 -29.61 -25.12 11.93
C ALA A 57 -30.17 -26.54 11.94
N LEU A 58 -29.64 -27.40 11.08
CA LEU A 58 -30.29 -28.70 10.79
C LEU A 58 -30.42 -29.69 11.97
N PRO A 59 -29.49 -29.67 12.91
CA PRO A 59 -29.69 -30.54 14.06
C PRO A 59 -30.95 -30.22 14.88
N PHE A 60 -31.64 -29.12 14.58
CA PHE A 60 -32.82 -28.74 15.32
C PHE A 60 -34.06 -28.94 14.47
N THR A 61 -33.93 -29.50 13.29
CA THR A 61 -35.02 -29.66 12.33
C THR A 61 -34.79 -30.99 11.61
N SER A 62 -35.51 -31.24 10.52
CA SER A 62 -35.24 -32.43 9.68
C SER A 62 -34.03 -32.17 8.78
N PRO A 63 -33.35 -33.25 8.32
CA PRO A 63 -32.11 -33.06 7.56
C PRO A 63 -32.31 -32.67 6.13
N LYS A 64 -31.23 -32.18 5.54
CA LYS A 64 -31.22 -31.60 4.22
C LYS A 64 -29.80 -31.58 3.75
N LYS A 65 -29.60 -31.80 2.46
CA LYS A 65 -28.34 -31.47 1.83
C LYS A 65 -28.45 -30.05 1.29
N ILE A 66 -27.55 -29.17 1.72
CA ILE A 66 -27.54 -27.76 1.32
C ILE A 66 -26.16 -27.33 0.83
N TYR A 67 -26.08 -26.64 -0.31
CA TYR A 67 -24.76 -26.34 -0.86
C TYR A 67 -24.82 -25.19 -1.83
N SER A 68 -23.67 -24.60 -2.06
CA SER A 68 -23.49 -23.64 -3.13
C SER A 68 -23.58 -24.43 -4.39
N ALA A 69 -24.37 -23.97 -5.34
CA ALA A 69 -24.66 -24.77 -6.53
C ALA A 69 -24.46 -24.03 -7.84
N GLU A 70 -24.56 -24.80 -8.91
CA GLU A 70 -24.45 -24.29 -10.28
C GLU A 70 -25.70 -24.65 -11.09
N TYR A 71 -25.99 -23.88 -12.12
CA TYR A 71 -27.16 -24.14 -12.98
C TYR A 71 -27.29 -25.59 -13.37
N SER A 72 -26.15 -26.24 -13.65
CA SER A 72 -26.13 -27.65 -14.06
C SER A 72 -26.67 -28.59 -12.96
N ASP A 73 -26.69 -28.16 -11.71
CA ASP A 73 -27.29 -28.94 -10.64
C ASP A 73 -28.82 -29.01 -10.70
N ALA A 74 -29.43 -28.29 -11.63
CA ALA A 74 -30.90 -28.36 -11.81
C ALA A 74 -31.35 -29.59 -12.60
N LYS A 75 -30.41 -30.38 -13.11
CA LYS A 75 -30.73 -31.52 -13.95
C LYS A 75 -31.91 -32.30 -13.40
N ASP A 76 -31.84 -32.67 -12.14
CA ASP A 76 -32.84 -33.55 -11.54
C ASP A 76 -33.63 -32.85 -10.43
N ALA A 77 -33.77 -31.55 -10.51
CA ALA A 77 -34.48 -30.81 -9.46
C ALA A 77 -35.98 -30.88 -9.64
N ASP A 78 -36.72 -30.86 -8.53
CA ASP A 78 -38.17 -30.73 -8.59
C ASP A 78 -38.59 -29.32 -8.91
N LEU A 79 -37.82 -28.37 -8.41
CA LEU A 79 -38.28 -26.99 -8.28
C LEU A 79 -37.13 -26.01 -8.51
N VAL A 80 -37.37 -25.00 -9.34
CA VAL A 80 -36.39 -23.93 -9.54
C VAL A 80 -37.05 -22.64 -9.14
N VAL A 81 -36.48 -22.01 -8.11
CA VAL A 81 -37.03 -20.78 -7.57
C VAL A 81 -36.15 -19.60 -7.95
N ILE A 82 -36.72 -18.62 -8.63
CA ILE A 82 -35.94 -17.50 -9.15
C ILE A 82 -36.28 -16.24 -8.38
N THR A 83 -35.28 -15.71 -7.69
CA THR A 83 -35.43 -14.48 -6.89
C THR A 83 -34.51 -13.37 -7.37
N ALA A 84 -33.66 -13.66 -8.35
CA ALA A 84 -32.62 -12.72 -8.87
C ALA A 84 -33.17 -11.61 -9.76
N GLY A 85 -33.67 -10.54 -9.12
CA GLY A 85 -34.27 -9.38 -9.79
C GLY A 85 -33.57 -8.02 -9.74
N ALA A 86 -33.03 -7.55 -10.87
CA ALA A 86 -32.36 -6.24 -10.89
C ALA A 86 -33.38 -5.10 -10.68
N PRO A 87 -33.13 -4.21 -9.70
CA PRO A 87 -34.11 -3.15 -9.38
C PRO A 87 -34.06 -1.93 -10.31
N GLN A 88 -35.16 -1.19 -10.36
CA GLN A 88 -35.28 -0.01 -11.23
C GLN A 88 -34.44 1.16 -10.75
N THR A 93 -37.14 3.77 -17.35
CA THR A 93 -38.52 3.47 -17.73
C THR A 93 -38.82 2.06 -17.29
N ARG A 94 -40.11 1.73 -17.22
CA ARG A 94 -40.52 0.38 -16.90
C ARG A 94 -40.00 -0.60 -17.96
N LEU A 95 -40.03 -0.17 -19.21
CA LEU A 95 -39.57 -0.99 -20.33
C LEU A 95 -38.06 -1.28 -20.25
N ASP A 96 -37.31 -0.32 -19.72
CA ASP A 96 -35.87 -0.49 -19.44
C ASP A 96 -35.66 -1.57 -18.40
N LEU A 97 -36.42 -1.46 -17.30
CA LEU A 97 -36.40 -2.43 -16.20
C LEU A 97 -36.63 -3.85 -16.71
N VAL A 98 -37.65 -3.99 -17.54
CA VAL A 98 -37.97 -5.26 -18.13
C VAL A 98 -36.80 -5.78 -18.98
N ASN A 99 -36.34 -4.96 -19.95
CA ASN A 99 -35.26 -5.40 -20.85
C ASN A 99 -33.99 -5.80 -20.11
N LYS A 100 -33.66 -5.04 -19.08
CA LYS A 100 -32.51 -5.34 -18.23
C LYS A 100 -32.66 -6.71 -17.58
N ASN A 101 -33.83 -6.95 -17.01
CA ASN A 101 -34.11 -8.20 -16.32
C ASN A 101 -34.28 -9.38 -17.28
N LEU A 102 -34.63 -9.09 -18.53
CA LEU A 102 -34.72 -10.15 -19.54
C LEU A 102 -33.34 -10.72 -19.93
N LYS A 103 -32.34 -9.85 -20.11
CA LYS A 103 -30.96 -10.28 -20.41
C LYS A 103 -30.52 -11.18 -19.23
N ILE A 104 -30.70 -10.73 -17.99
CA ILE A 104 -30.30 -11.54 -16.83
C ILE A 104 -31.09 -12.85 -16.73
N LEU A 105 -32.41 -12.77 -16.92
CA LEU A 105 -33.26 -13.94 -16.80
C LEU A 105 -32.89 -15.03 -17.82
N LYS A 106 -32.57 -14.60 -19.04
CA LYS A 106 -32.17 -15.53 -20.11
C LYS A 106 -30.87 -16.26 -19.75
N SER A 107 -29.97 -15.56 -19.08
CA SER A 107 -28.69 -16.11 -18.67
C SER A 107 -28.85 -17.15 -17.55
N ILE A 108 -30.02 -17.14 -16.90
CA ILE A 108 -30.39 -18.12 -15.89
C ILE A 108 -31.19 -19.28 -16.47
N VAL A 109 -32.26 -18.95 -17.19
CA VAL A 109 -33.18 -19.97 -17.69
C VAL A 109 -32.52 -20.90 -18.71
N ASP A 110 -31.78 -20.35 -19.67
CA ASP A 110 -31.18 -21.19 -20.73
C ASP A 110 -30.31 -22.31 -20.15
N PRO A 111 -29.33 -21.97 -19.28
CA PRO A 111 -28.49 -23.03 -18.73
C PRO A 111 -29.24 -24.00 -17.86
N ILE A 112 -30.27 -23.52 -17.17
CA ILE A 112 -31.12 -24.43 -16.39
C ILE A 112 -31.84 -25.45 -17.30
N VAL A 113 -32.43 -24.97 -18.38
CA VAL A 113 -33.08 -25.87 -19.35
C VAL A 113 -32.04 -26.84 -19.93
N ASP A 114 -30.86 -26.33 -20.27
CA ASP A 114 -29.79 -27.16 -20.83
C ASP A 114 -29.34 -28.24 -19.86
N SER A 115 -29.42 -27.99 -18.56
CA SER A 115 -29.13 -29.04 -17.58
C SER A 115 -30.01 -30.30 -17.71
N GLY A 116 -31.21 -30.14 -18.26
CA GLY A 116 -32.17 -31.24 -18.36
C GLY A 116 -33.32 -31.09 -17.39
N PHE A 117 -33.26 -30.03 -16.57
CA PHE A 117 -34.32 -29.69 -15.63
C PHE A 117 -35.69 -29.91 -16.27
N ASN A 118 -36.56 -30.59 -15.54
CA ASN A 118 -37.83 -30.99 -16.06
C ASN A 118 -38.89 -30.90 -14.96
N GLY A 119 -38.81 -29.83 -14.16
CA GLY A 119 -39.69 -29.64 -13.02
C GLY A 119 -40.58 -28.43 -13.15
N ILE A 120 -40.79 -27.72 -12.04
CA ILE A 120 -41.60 -26.49 -12.05
C ILE A 120 -40.75 -25.26 -11.74
N PHE A 121 -40.98 -24.19 -12.50
CA PHE A 121 -40.34 -22.89 -12.24
C PHE A 121 -41.24 -22.11 -11.31
N LEU A 122 -40.66 -21.59 -10.23
CA LEU A 122 -41.39 -20.68 -9.36
C LEU A 122 -40.66 -19.35 -9.36
N VAL A 123 -41.36 -18.30 -9.82
CA VAL A 123 -40.73 -17.01 -10.08
C VAL A 123 -41.20 -15.96 -9.08
N ALA A 124 -40.24 -15.31 -8.42
CA ALA A 124 -40.52 -14.25 -7.47
C ALA A 124 -39.84 -12.93 -7.79
N ALA A 125 -38.83 -12.94 -8.64
CA ALA A 125 -38.16 -11.74 -9.07
C ALA A 125 -39.13 -10.67 -9.61
N ASN A 126 -38.88 -9.41 -9.22
CA ASN A 126 -39.70 -8.30 -9.69
C ASN A 126 -39.14 -7.76 -10.98
N PRO A 127 -40.04 -7.42 -11.93
CA PRO A 127 -41.50 -7.42 -11.75
C PRO A 127 -42.09 -8.77 -12.09
N VAL A 128 -42.77 -9.36 -11.11
CA VAL A 128 -43.02 -10.80 -11.10
C VAL A 128 -43.93 -11.33 -12.21
N ASP A 129 -45.03 -10.67 -12.46
CA ASP A 129 -45.93 -11.17 -13.52
C ASP A 129 -45.25 -11.17 -14.90
N ILE A 130 -44.51 -10.11 -15.18
CA ILE A 130 -43.79 -9.97 -16.43
C ILE A 130 -42.70 -11.04 -16.53
N LEU A 131 -41.87 -11.17 -15.48
CA LEU A 131 -40.78 -12.15 -15.53
C LEU A 131 -41.27 -13.60 -15.47
N THR A 132 -42.47 -13.78 -14.96
CA THR A 132 -43.10 -15.06 -15.04
C THR A 132 -43.40 -15.37 -16.51
N TYR A 133 -44.02 -14.43 -17.20
CA TYR A 133 -44.29 -14.60 -18.64
C TYR A 133 -42.98 -14.82 -19.40
N ALA A 134 -41.99 -13.99 -19.09
CA ALA A 134 -40.69 -14.12 -19.76
C ALA A 134 -40.08 -15.48 -19.49
N THR A 135 -40.21 -15.98 -18.27
CA THR A 135 -39.67 -17.28 -17.91
C THR A 135 -40.34 -18.38 -18.76
N TRP A 136 -41.67 -18.32 -18.89
CA TRP A 136 -42.41 -19.28 -19.72
C TRP A 136 -41.91 -19.24 -21.18
N LYS A 137 -41.82 -18.02 -21.70
CA LYS A 137 -41.38 -17.76 -23.07
C LYS A 137 -39.95 -18.29 -23.34
N LEU A 138 -39.03 -17.97 -22.42
CA LEU A 138 -37.66 -18.43 -22.51
C LEU A 138 -37.50 -19.94 -22.29
N SER A 139 -38.24 -20.51 -21.35
CA SER A 139 -38.02 -21.91 -20.97
C SER A 139 -38.63 -22.89 -21.97
N GLY A 140 -39.70 -22.47 -22.63
CA GLY A 140 -40.48 -23.36 -23.47
C GLY A 140 -41.30 -24.37 -22.69
N PHE A 141 -41.38 -24.22 -21.37
CA PHE A 141 -42.16 -25.16 -20.55
C PHE A 141 -43.65 -24.91 -20.74
N PRO A 142 -44.48 -25.90 -20.38
CA PRO A 142 -45.91 -25.61 -20.34
C PRO A 142 -46.34 -24.51 -19.35
N LYS A 143 -47.42 -23.84 -19.71
CA LYS A 143 -48.04 -22.77 -18.92
C LYS A 143 -48.23 -23.09 -17.44
N ASN A 144 -48.72 -24.29 -17.16
CA ASN A 144 -49.07 -24.66 -15.82
C ASN A 144 -47.84 -25.01 -14.96
N ARG A 145 -46.66 -25.14 -15.59
CA ARG A 145 -45.42 -25.46 -14.88
C ARG A 145 -44.48 -24.27 -14.76
N VAL A 146 -44.98 -23.09 -15.05
CA VAL A 146 -44.28 -21.84 -14.75
C VAL A 146 -45.23 -20.98 -13.94
N VAL A 147 -44.81 -20.67 -12.72
CA VAL A 147 -45.70 -20.09 -11.72
C VAL A 147 -45.04 -18.89 -11.07
N GLY A 148 -45.78 -17.82 -10.92
CA GLY A 148 -45.24 -16.65 -10.23
C GLY A 148 -45.93 -16.46 -8.89
N SER A 149 -45.24 -15.79 -7.99
CA SER A 149 -45.74 -15.58 -6.65
C SER A 149 -46.87 -14.58 -6.68
N GLY A 150 -46.86 -13.73 -7.70
CA GLY A 150 -47.96 -12.83 -7.95
C GLY A 150 -48.40 -12.01 -6.76
N THR A 151 -49.67 -12.06 -6.43
CA THR A 151 -50.23 -11.32 -5.31
C THR A 151 -50.39 -12.19 -4.07
N SER A 152 -49.63 -13.29 -3.97
CA SER A 152 -49.73 -14.13 -2.77
C SER A 152 -49.32 -13.31 -1.56
N LEU A 153 -48.27 -12.50 -1.71
CA LEU A 153 -47.81 -11.67 -0.58
C LEU A 153 -48.72 -10.49 -0.25
N ASP A 154 -49.14 -9.76 -1.28
CA ASP A 154 -50.14 -8.69 -1.12
C ASP A 154 -51.41 -9.20 -0.45
N THR A 155 -51.86 -10.38 -0.87
CA THR A 155 -53.01 -11.03 -0.25
C THR A 155 -52.72 -11.31 1.23
N ALA A 156 -51.58 -11.90 1.53
CA ALA A 156 -51.22 -12.16 2.94
C ALA A 156 -51.27 -10.82 3.73
N ARG A 157 -50.67 -9.78 3.16
CA ARG A 157 -50.64 -8.49 3.86
C ARG A 157 -52.05 -7.99 4.10
N PHE A 158 -52.92 -8.13 3.09
CA PHE A 158 -54.32 -7.73 3.20
C PHE A 158 -55.04 -8.47 4.32
N ARG A 159 -54.85 -9.80 4.38
CA ARG A 159 -55.49 -10.58 5.41
C ARG A 159 -55.03 -10.24 6.78
N GLN A 160 -53.75 -9.96 6.92
CA GLN A 160 -53.21 -9.68 8.23
C GLN A 160 -53.70 -8.33 8.72
N SER A 161 -53.81 -7.40 7.80
CA SER A 161 -54.33 -6.09 8.11
C SER A 161 -55.75 -6.18 8.65
N ILE A 162 -56.60 -6.93 7.94
CA ILE A 162 -57.97 -7.13 8.37
C ILE A 162 -58.00 -7.85 9.71
N ALA A 163 -57.24 -8.94 9.81
CA ALA A 163 -57.10 -9.69 11.07
C ALA A 163 -56.80 -8.81 12.30
N GLU A 164 -55.88 -7.88 12.14
CA GLU A 164 -55.50 -6.98 13.21
C GLU A 164 -56.64 -6.03 13.54
N MET A 165 -57.33 -5.52 12.52
CA MET A 165 -58.42 -4.63 12.76
C MET A 165 -59.52 -5.31 13.55
N VAL A 166 -59.90 -6.53 13.17
CA VAL A 166 -61.06 -7.21 13.80
C VAL A 166 -60.66 -8.13 14.95
N ASN A 167 -59.37 -8.25 15.20
CA ASN A 167 -58.85 -9.13 16.23
C ASN A 167 -59.19 -10.62 16.08
N VAL A 168 -58.77 -11.16 14.94
CA VAL A 168 -59.07 -12.53 14.55
C VAL A 168 -57.83 -13.08 13.90
N ASP A 169 -57.63 -14.39 14.03
CA ASP A 169 -56.51 -15.09 13.37
C ASP A 169 -56.62 -14.92 11.86
N ALA A 170 -55.55 -14.44 11.23
CA ALA A 170 -55.55 -14.22 9.79
C ALA A 170 -55.91 -15.46 8.99
N ARG A 171 -55.65 -16.66 9.51
CA ARG A 171 -56.08 -17.87 8.82
C ARG A 171 -57.62 -18.01 8.72
N SER A 172 -58.36 -17.23 9.50
CA SER A 172 -59.82 -17.16 9.46
C SER A 172 -60.34 -16.02 8.59
N VAL A 173 -59.43 -15.25 7.97
CA VAL A 173 -59.78 -14.14 7.07
C VAL A 173 -59.51 -14.55 5.65
N HIS A 174 -60.46 -14.29 4.77
CA HIS A 174 -60.42 -14.77 3.38
C HIS A 174 -60.68 -13.60 2.47
N ALA A 175 -59.62 -13.08 1.91
CA ALA A 175 -59.66 -11.91 1.09
C ALA A 175 -58.52 -11.94 0.10
N TYR A 176 -58.76 -11.48 -1.12
CA TYR A 176 -57.74 -11.47 -2.15
C TYR A 176 -57.32 -10.06 -2.58
N ILE A 177 -56.05 -9.92 -2.97
CA ILE A 177 -55.58 -8.85 -3.86
C ILE A 177 -55.27 -9.50 -5.19
N MET A 178 -55.71 -8.87 -6.27
CA MET A 178 -55.61 -9.42 -7.61
C MET A 178 -55.10 -8.38 -8.59
N GLY A 179 -54.80 -8.87 -9.78
CA GLY A 179 -54.19 -8.09 -10.82
C GLY A 179 -52.69 -8.33 -10.96
N GLU A 180 -52.02 -7.36 -11.59
CA GLU A 180 -50.58 -7.36 -11.65
C GLU A 180 -50.08 -6.90 -10.32
N HIS A 181 -49.19 -7.67 -9.71
CA HIS A 181 -48.55 -7.25 -8.48
C HIS A 181 -47.85 -5.93 -8.69
N GLY A 182 -48.23 -4.91 -7.92
CA GLY A 182 -47.72 -3.55 -8.11
C GLY A 182 -48.83 -2.51 -8.02
N ASP A 183 -48.56 -1.29 -8.50
CA ASP A 183 -49.46 -0.13 -8.36
C ASP A 183 -50.90 -0.34 -8.84
N THR A 184 -51.12 -1.20 -9.84
CA THR A 184 -52.44 -1.41 -10.41
C THR A 184 -53.23 -2.57 -9.79
N GLU A 185 -52.69 -3.23 -8.77
CA GLU A 185 -53.40 -4.32 -8.13
C GLU A 185 -54.61 -3.75 -7.38
N PHE A 186 -55.58 -4.60 -7.05
CA PHE A 186 -56.81 -4.13 -6.43
C PHE A 186 -57.37 -5.17 -5.48
N PRO A 187 -58.12 -4.71 -4.46
CA PRO A 187 -58.74 -5.64 -3.51
C PRO A 187 -60.08 -6.12 -3.98
N VAL A 188 -60.41 -7.37 -3.69
CA VAL A 188 -61.70 -7.91 -4.06
C VAL A 188 -62.60 -7.85 -2.83
N TRP A 189 -63.07 -6.64 -2.51
CA TRP A 189 -63.95 -6.51 -1.33
C TRP A 189 -65.26 -7.28 -1.44
N SER A 190 -65.74 -7.49 -2.66
CA SER A 190 -67.02 -8.18 -2.84
C SER A 190 -67.02 -9.58 -2.23
N HIS A 191 -65.85 -10.24 -2.18
CA HIS A 191 -65.78 -11.62 -1.74
C HIS A 191 -64.95 -11.79 -0.49
N ALA A 192 -64.45 -10.69 0.06
CA ALA A 192 -63.63 -10.76 1.22
C ALA A 192 -64.51 -11.01 2.44
N ASN A 193 -64.05 -11.88 3.34
CA ASN A 193 -64.86 -12.22 4.51
C ASN A 193 -64.05 -12.79 5.64
N ILE A 194 -64.72 -12.89 6.78
CA ILE A 194 -64.19 -13.44 8.00
C ILE A 194 -65.20 -14.49 8.46
N GLY A 195 -64.81 -15.76 8.39
CA GLY A 195 -65.67 -16.88 8.78
C GLY A 195 -66.94 -16.92 7.98
N GLY A 196 -66.88 -16.54 6.70
CA GLY A 196 -68.07 -16.42 5.86
C GLY A 196 -68.89 -15.14 5.95
N VAL A 197 -68.66 -14.31 6.97
CA VAL A 197 -69.34 -13.02 7.09
C VAL A 197 -68.57 -12.01 6.26
N THR A 198 -69.17 -11.43 5.23
CA THR A 198 -68.41 -10.55 4.32
C THR A 198 -68.01 -9.28 5.04
N ILE A 199 -67.05 -8.55 4.49
CA ILE A 199 -66.67 -7.28 5.09
C ILE A 199 -67.84 -6.31 5.07
N ALA A 200 -68.63 -6.33 4.00
CA ALA A 200 -69.89 -5.51 3.91
C ALA A 200 -70.88 -5.83 5.04
N GLU A 201 -71.07 -7.12 5.27
CA GLU A 201 -71.90 -7.57 6.37
C GLU A 201 -71.23 -7.28 7.73
N TRP A 202 -69.89 -7.35 7.80
CA TRP A 202 -69.16 -7.12 9.05
C TRP A 202 -69.34 -5.65 9.50
N VAL A 203 -69.27 -4.74 8.53
CA VAL A 203 -69.36 -3.31 8.77
C VAL A 203 -70.77 -2.88 9.25
N LYS A 204 -71.79 -3.52 8.68
CA LYS A 204 -73.16 -3.45 9.18
C LYS A 204 -73.21 -3.74 10.67
N ALA A 205 -72.71 -4.91 11.07
CA ALA A 205 -72.70 -5.31 12.49
C ALA A 205 -71.70 -4.50 13.39
N HIS A 206 -70.69 -3.89 12.79
CA HIS A 206 -69.70 -3.11 13.54
C HIS A 206 -69.45 -1.73 12.89
N PRO A 207 -70.42 -0.82 13.02
CA PRO A 207 -70.33 0.48 12.31
C PRO A 207 -69.18 1.43 12.75
N GLU A 208 -68.43 1.06 13.81
CA GLU A 208 -67.16 1.73 14.20
C GLU A 208 -66.17 1.71 13.04
N ILE A 209 -66.29 0.70 12.18
CA ILE A 209 -65.39 0.54 11.05
C ILE A 209 -65.84 1.47 9.91
N LYS A 210 -65.10 2.55 9.71
CA LYS A 210 -65.45 3.57 8.73
C LYS A 210 -64.99 3.13 7.31
N GLU A 211 -65.79 3.46 6.31
CA GLU A 211 -65.48 3.15 4.93
C GLU A 211 -64.07 3.62 4.60
N ASP A 212 -63.71 4.81 5.10
CA ASP A 212 -62.40 5.42 4.80
C ASP A 212 -61.21 4.63 5.44
N LYS A 213 -61.47 3.93 6.54
CA LYS A 213 -60.49 3.02 7.11
C LYS A 213 -60.13 1.87 6.15
N LEU A 214 -61.13 1.29 5.52
CA LEU A 214 -60.95 0.21 4.58
C LEU A 214 -60.16 0.63 3.34
N VAL A 215 -60.43 1.85 2.88
CA VAL A 215 -59.75 2.39 1.71
C VAL A 215 -58.28 2.53 2.06
N LYS A 216 -58.03 3.09 3.24
CA LYS A 216 -56.66 3.37 3.67
C LYS A 216 -55.95 2.05 3.94
N MET A 217 -56.69 1.09 4.47
CA MET A 217 -56.14 -0.22 4.71
C MET A 217 -55.58 -0.82 3.43
N PHE A 218 -56.33 -0.72 2.32
CA PHE A 218 -55.82 -1.23 1.04
C PHE A 218 -54.66 -0.42 0.48
N GLU A 219 -54.72 0.89 0.66
CA GLU A 219 -53.63 1.76 0.24
C GLU A 219 -52.34 1.40 0.95
N ASP A 220 -52.44 1.24 2.27
CA ASP A 220 -51.32 0.74 3.06
C ASP A 220 -50.79 -0.59 2.53
N VAL A 221 -51.68 -1.47 2.10
CA VAL A 221 -51.23 -2.75 1.56
C VAL A 221 -50.46 -2.53 0.25
N ARG A 222 -51.07 -1.81 -0.66
CA ARG A 222 -50.46 -1.51 -1.97
C ARG A 222 -49.10 -0.86 -1.86
N ASP A 223 -48.94 0.01 -0.88
CA ASP A 223 -47.69 0.71 -0.66
C ASP A 223 -46.78 0.03 0.42
N ALA A 224 -47.08 -1.19 0.81
CA ALA A 224 -46.42 -1.78 1.98
C ALA A 224 -44.89 -1.94 1.79
N ALA A 225 -44.47 -2.37 0.61
CA ALA A 225 -43.05 -2.46 0.32
C ALA A 225 -42.34 -1.13 0.56
N TYR A 226 -42.90 -0.02 0.06
CA TYR A 226 -42.26 1.30 0.24
C TYR A 226 -42.12 1.61 1.73
N GLU A 227 -43.13 1.30 2.54
CA GLU A 227 -43.08 1.59 3.98
C GLU A 227 -42.00 0.77 4.68
N ILE A 228 -41.97 -0.52 4.36
CA ILE A 228 -41.04 -1.44 5.01
C ILE A 228 -39.60 -1.10 4.62
N ILE A 229 -39.38 -0.84 3.33
CA ILE A 229 -38.07 -0.44 2.84
C ILE A 229 -37.59 0.84 3.54
N LYS A 230 -38.50 1.80 3.66
CA LYS A 230 -38.17 3.06 4.31
C LYS A 230 -37.74 2.80 5.73
N LEU A 231 -38.41 1.87 6.42
CA LEU A 231 -38.15 1.64 7.83
C LEU A 231 -36.93 0.76 8.11
N LYS A 232 -36.70 -0.25 7.29
CA LYS A 232 -35.66 -1.21 7.58
C LYS A 232 -34.76 -1.61 6.42
N GLY A 233 -34.95 -1.01 5.25
CA GLY A 233 -33.99 -1.17 4.15
C GLY A 233 -34.43 -2.15 3.09
N ALA A 234 -35.21 -3.14 3.48
CA ALA A 234 -35.64 -4.17 2.56
C ALA A 234 -36.86 -4.92 3.10
N THR A 235 -37.49 -5.68 2.22
CA THR A 235 -38.63 -6.51 2.58
C THR A 235 -38.29 -7.93 2.16
N PHE A 236 -38.48 -8.89 3.05
CA PHE A 236 -38.15 -10.26 2.70
C PHE A 236 -38.88 -11.38 3.44
N TYR A 237 -39.24 -11.18 4.70
CA TYR A 237 -39.88 -12.24 5.45
C TYR A 237 -41.24 -12.67 4.85
N GLY A 238 -42.03 -11.71 4.39
CA GLY A 238 -43.31 -12.04 3.82
C GLY A 238 -43.19 -12.92 2.58
N ILE A 239 -42.38 -12.48 1.63
CA ILE A 239 -42.31 -13.21 0.32
C ILE A 239 -41.62 -14.56 0.51
N ALA A 240 -40.60 -14.61 1.36
CA ALA A 240 -39.93 -15.87 1.64
C ALA A 240 -40.94 -16.85 2.19
N THR A 241 -41.79 -16.38 3.10
CA THR A 241 -42.79 -17.23 3.74
C THR A 241 -43.82 -17.74 2.73
N ALA A 242 -44.22 -16.84 1.84
CA ALA A 242 -45.12 -17.19 0.75
C ALA A 242 -44.52 -18.22 -0.20
N LEU A 243 -43.26 -18.00 -0.58
CA LEU A 243 -42.56 -18.93 -1.49
C LEU A 243 -42.48 -20.31 -0.87
N ALA A 244 -42.21 -20.38 0.43
CA ALA A 244 -42.17 -21.66 1.10
C ALA A 244 -43.56 -22.29 1.13
N ARG A 245 -44.61 -21.48 1.30
CA ARG A 245 -45.97 -22.01 1.30
C ARG A 245 -46.33 -22.62 -0.08
N ILE A 246 -45.97 -21.91 -1.15
CA ILE A 246 -46.22 -22.39 -2.50
C ILE A 246 -45.39 -23.65 -2.76
N SER A 247 -44.14 -23.63 -2.30
CA SER A 247 -43.25 -24.79 -2.47
C SER A 247 -43.89 -26.02 -1.82
N LYS A 248 -44.42 -25.85 -0.62
CA LYS A 248 -45.07 -26.96 0.10
C LYS A 248 -46.31 -27.48 -0.66
N ALA A 249 -47.08 -26.57 -1.27
CA ALA A 249 -48.29 -26.98 -1.96
C ALA A 249 -47.96 -27.87 -3.14
N ILE A 250 -46.89 -27.51 -3.82
CA ILE A 250 -46.39 -28.32 -4.91
C ILE A 250 -45.86 -29.64 -4.36
N LEU A 251 -44.88 -29.58 -3.46
CA LEU A 251 -44.16 -30.80 -3.06
C LEU A 251 -44.98 -31.81 -2.29
N ASN A 252 -45.99 -31.37 -1.56
CA ASN A 252 -46.93 -32.28 -0.89
C ASN A 252 -48.25 -32.43 -1.65
N ASP A 253 -48.26 -32.03 -2.93
CA ASP A 253 -49.37 -32.32 -3.81
C ASP A 253 -50.74 -31.95 -3.25
N GLU A 254 -50.88 -30.71 -2.79
CA GLU A 254 -51.99 -30.33 -1.92
C GLU A 254 -53.29 -30.00 -2.66
N ASN A 255 -53.20 -29.50 -3.91
CA ASN A 255 -54.35 -28.87 -4.57
C ASN A 255 -54.88 -27.75 -3.71
N ALA A 256 -53.96 -26.94 -3.22
CA ALA A 256 -54.31 -25.78 -2.45
C ALA A 256 -54.69 -24.65 -3.37
N VAL A 257 -55.58 -23.79 -2.87
CA VAL A 257 -55.96 -22.60 -3.59
C VAL A 257 -55.11 -21.44 -3.13
N LEU A 258 -54.35 -20.85 -4.05
CA LEU A 258 -53.54 -19.69 -3.73
C LEU A 258 -53.62 -18.65 -4.82
N PRO A 259 -53.46 -17.37 -4.44
CA PRO A 259 -53.35 -16.33 -5.45
C PRO A 259 -51.96 -16.36 -6.05
N LEU A 260 -51.89 -16.61 -7.35
CA LEU A 260 -50.61 -16.79 -8.02
C LEU A 260 -50.65 -16.09 -9.35
N SER A 261 -49.48 -15.81 -9.93
CA SER A 261 -49.45 -15.34 -11.32
C SER A 261 -49.54 -16.56 -12.25
N VAL A 262 -50.65 -16.64 -12.98
CA VAL A 262 -50.98 -17.77 -13.83
C VAL A 262 -51.35 -17.32 -15.22
N TYR A 263 -51.24 -18.23 -16.19
CA TYR A 263 -51.45 -17.88 -17.61
C TYR A 263 -52.92 -17.73 -17.92
N MET A 264 -53.24 -16.63 -18.58
CA MET A 264 -54.61 -16.23 -18.82
C MET A 264 -55.06 -16.78 -20.21
N ASP A 265 -56.00 -17.73 -20.20
CA ASP A 265 -56.59 -18.30 -21.43
C ASP A 265 -58.10 -18.10 -21.48
N GLY A 266 -58.53 -16.84 -21.41
CA GLY A 266 -59.96 -16.49 -21.49
C GLY A 266 -60.54 -15.91 -20.21
N GLN A 267 -59.97 -16.27 -19.08
CA GLN A 267 -60.48 -15.85 -17.79
C GLN A 267 -60.51 -14.32 -17.69
N TYR A 268 -61.59 -13.79 -17.11
CA TYR A 268 -61.78 -12.34 -16.96
C TYR A 268 -61.74 -11.62 -18.30
N GLY A 269 -61.99 -12.34 -19.40
CA GLY A 269 -61.85 -11.78 -20.76
C GLY A 269 -60.42 -11.41 -21.12
N LEU A 270 -59.45 -12.12 -20.55
CA LEU A 270 -58.02 -11.83 -20.76
C LEU A 270 -57.32 -12.99 -21.47
N ASN A 271 -56.23 -12.65 -22.17
CA ASN A 271 -55.44 -13.64 -22.92
C ASN A 271 -53.96 -13.36 -23.01
N ASP A 272 -53.17 -14.42 -22.88
CA ASP A 272 -51.74 -14.40 -23.21
C ASP A 272 -50.95 -13.43 -22.36
N ILE A 273 -51.28 -13.40 -21.09
CA ILE A 273 -50.44 -12.78 -20.08
C ILE A 273 -50.46 -13.65 -18.82
N TYR A 274 -49.45 -13.48 -17.98
CA TYR A 274 -49.52 -14.01 -16.62
C TYR A 274 -50.00 -12.87 -15.75
N ILE A 275 -50.99 -13.19 -14.92
CA ILE A 275 -51.56 -12.24 -13.97
C ILE A 275 -52.09 -12.94 -12.70
N GLY A 276 -52.30 -12.17 -11.63
CA GLY A 276 -52.67 -12.70 -10.35
C GLY A 276 -54.14 -12.97 -10.17
N THR A 277 -54.44 -14.23 -9.83
CA THR A 277 -55.78 -14.71 -9.49
C THR A 277 -55.66 -16.00 -8.65
N PRO A 278 -56.71 -16.36 -7.89
CA PRO A 278 -56.69 -17.63 -7.20
C PRO A 278 -56.61 -18.78 -8.15
N ALA A 279 -55.82 -19.79 -7.78
CA ALA A 279 -55.64 -20.96 -8.61
C ALA A 279 -55.34 -22.17 -7.77
N VAL A 280 -55.63 -23.34 -8.29
CA VAL A 280 -55.40 -24.60 -7.60
C VAL A 280 -54.05 -25.10 -8.05
N ILE A 281 -53.20 -25.49 -7.11
CA ILE A 281 -51.84 -25.91 -7.42
C ILE A 281 -51.51 -27.22 -6.71
N ASN A 282 -50.78 -28.08 -7.39
CA ASN A 282 -50.31 -29.35 -6.83
C ASN A 282 -48.98 -29.76 -7.43
N ARG A 283 -48.62 -31.03 -7.29
CA ARG A 283 -47.30 -31.52 -7.74
C ARG A 283 -47.01 -31.23 -9.21
N ASN A 284 -48.06 -31.16 -10.01
CA ASN A 284 -47.94 -30.83 -11.44
C ASN A 284 -48.16 -29.35 -11.81
N GLY A 285 -48.06 -28.46 -10.82
CA GLY A 285 -48.27 -27.04 -11.07
C GLY A 285 -49.75 -26.69 -11.06
N ILE A 286 -50.11 -25.74 -11.93
CA ILE A 286 -51.45 -25.17 -11.93
C ILE A 286 -52.47 -26.16 -12.48
N GLN A 287 -53.53 -26.45 -11.72
CA GLN A 287 -54.59 -27.35 -12.17
C GLN A 287 -55.84 -26.59 -12.60
N ASN A 288 -56.20 -25.54 -11.88
CA ASN A 288 -57.36 -24.76 -12.22
C ASN A 288 -57.08 -23.36 -11.96
N ILE A 289 -57.54 -22.51 -12.86
CA ILE A 289 -57.55 -21.10 -12.61
C ILE A 289 -58.97 -20.78 -12.13
N LEU A 290 -59.09 -20.18 -10.95
CA LEU A 290 -60.39 -19.79 -10.45
C LEU A 290 -60.73 -18.39 -10.95
N GLU A 291 -61.91 -18.25 -11.50
CA GLU A 291 -62.38 -16.99 -12.00
C GLU A 291 -63.38 -16.40 -11.03
N ILE A 292 -62.94 -15.53 -10.11
CA ILE A 292 -63.88 -14.88 -9.19
C ILE A 292 -64.80 -13.98 -10.01
N PRO A 293 -66.13 -14.07 -9.83
CA PRO A 293 -66.97 -13.12 -10.52
C PRO A 293 -66.97 -11.75 -9.82
N LEU A 294 -66.42 -10.75 -10.47
CA LEU A 294 -66.16 -9.46 -9.84
C LEU A 294 -67.30 -8.51 -10.06
N THR A 295 -67.39 -7.48 -9.22
CA THR A 295 -68.31 -6.38 -9.48
C THR A 295 -67.84 -5.65 -10.75
N ASP A 296 -68.68 -4.76 -11.29
CA ASP A 296 -68.24 -3.94 -12.41
C ASP A 296 -67.00 -3.12 -12.03
N HIS A 297 -67.03 -2.49 -10.85
CA HIS A 297 -65.91 -1.68 -10.31
C HIS A 297 -64.64 -2.55 -10.34
N GLU A 298 -64.73 -3.73 -9.71
CA GLU A 298 -63.60 -4.67 -9.58
C GLU A 298 -63.13 -5.18 -10.95
N GLU A 299 -64.07 -5.50 -11.83
CA GLU A 299 -63.70 -6.01 -13.18
C GLU A 299 -62.96 -4.94 -13.99
N GLU A 300 -63.35 -3.68 -13.78
CA GLU A 300 -62.67 -2.56 -14.43
C GLU A 300 -61.21 -2.48 -13.96
N SER A 301 -60.99 -2.65 -12.66
CA SER A 301 -59.63 -2.61 -12.11
C SER A 301 -58.75 -3.71 -12.70
N MET A 302 -59.32 -4.91 -12.82
CA MET A 302 -58.66 -6.03 -13.47
C MET A 302 -58.31 -5.74 -14.93
N GLN A 303 -59.26 -5.19 -15.68
CA GLN A 303 -59.03 -4.86 -17.09
C GLN A 303 -57.90 -3.88 -17.23
N LYS A 304 -57.93 -2.80 -16.44
CA LYS A 304 -56.87 -1.77 -16.48
C LYS A 304 -55.52 -2.37 -16.14
N SER A 305 -55.46 -3.10 -15.02
CA SER A 305 -54.22 -3.75 -14.61
C SER A 305 -53.66 -4.61 -15.75
N ALA A 306 -54.52 -5.47 -16.30
CA ALA A 306 -54.15 -6.35 -17.40
C ALA A 306 -53.74 -5.59 -18.64
N SER A 307 -54.54 -4.63 -19.05
CA SER A 307 -54.25 -3.82 -20.22
C SER A 307 -52.87 -3.16 -20.21
N GLN A 308 -52.55 -2.47 -19.12
CA GLN A 308 -51.27 -1.80 -18.96
C GLN A 308 -50.13 -2.83 -19.02
N LEU A 309 -50.31 -3.94 -18.31
CA LEU A 309 -49.35 -5.04 -18.29
C LEU A 309 -49.10 -5.63 -19.67
N LYS A 310 -50.18 -5.85 -20.40
CA LYS A 310 -50.10 -6.41 -21.76
C LYS A 310 -49.40 -5.47 -22.73
N LYS A 311 -49.63 -4.16 -22.61
CA LYS A 311 -48.96 -3.18 -23.48
C LYS A 311 -47.44 -3.27 -23.27
N VAL A 312 -46.99 -3.38 -22.01
CA VAL A 312 -45.57 -3.46 -21.69
C VAL A 312 -44.92 -4.75 -22.22
N LEU A 313 -45.61 -5.87 -22.09
CA LEU A 313 -45.10 -7.15 -22.62
C LEU A 313 -44.95 -7.14 -24.15
N THR A 314 -46.00 -6.69 -24.82
CA THR A 314 -45.99 -6.57 -26.26
C THR A 314 -44.83 -5.69 -26.70
N ASP A 315 -44.72 -4.49 -26.10
CA ASP A 315 -43.60 -3.58 -26.42
C ASP A 315 -42.26 -4.28 -26.11
N ALA A 316 -42.20 -5.05 -25.02
CA ALA A 316 -40.95 -5.65 -24.61
C ALA A 316 -40.52 -6.70 -25.62
N SER B 3 -60.36 -16.11 35.19
CA SER B 3 -60.02 -17.47 34.62
C SER B 3 -58.50 -17.79 34.63
N ILE B 4 -58.16 -19.04 34.94
CA ILE B 4 -56.76 -19.49 35.01
C ILE B 4 -56.12 -19.50 33.61
N THR B 5 -56.94 -19.76 32.59
CA THR B 5 -56.50 -19.81 31.19
C THR B 5 -56.16 -18.43 30.61
N ASP B 6 -56.49 -17.36 31.31
CA ASP B 6 -55.97 -16.02 30.98
C ASP B 6 -54.42 -15.97 30.94
N LYS B 7 -53.78 -16.95 31.55
CA LYS B 7 -52.34 -17.07 31.55
C LYS B 7 -51.83 -17.86 30.37
N ASP B 8 -52.71 -18.41 29.54
CA ASP B 8 -52.26 -19.15 28.37
C ASP B 8 -52.00 -18.18 27.20
N HIS B 9 -51.09 -17.23 27.42
CA HIS B 9 -50.62 -16.30 26.41
C HIS B 9 -49.14 -16.07 26.70
N GLN B 10 -48.27 -16.53 25.83
CA GLN B 10 -46.84 -16.47 26.06
C GLN B 10 -46.20 -15.30 25.30
N LYS B 11 -45.36 -14.58 26.01
CA LYS B 11 -44.84 -13.32 25.56
C LYS B 11 -43.31 -13.27 25.68
N VAL B 12 -42.68 -12.93 24.56
CA VAL B 12 -41.23 -12.77 24.51
C VAL B 12 -40.88 -11.32 24.21
N ILE B 13 -39.96 -10.75 24.96
CA ILE B 13 -39.34 -9.48 24.63
C ILE B 13 -37.92 -9.75 24.13
N LEU B 14 -37.68 -9.35 22.89
CA LEU B 14 -36.38 -9.49 22.27
C LEU B 14 -35.67 -8.16 22.39
N VAL B 15 -34.46 -8.18 22.92
CA VAL B 15 -33.59 -7.01 22.91
C VAL B 15 -32.49 -7.19 21.89
N GLY B 16 -32.43 -6.31 20.91
CA GLY B 16 -31.50 -6.44 19.78
C GLY B 16 -32.12 -6.96 18.50
N ASP B 17 -32.25 -6.09 17.50
CA ASP B 17 -32.91 -6.42 16.23
C ASP B 17 -31.94 -6.45 15.08
N GLY B 18 -30.72 -6.93 15.35
CA GLY B 18 -29.73 -7.21 14.32
C GLY B 18 -30.04 -8.52 13.63
N ALA B 19 -29.12 -9.04 12.83
CA ALA B 19 -29.43 -10.22 12.05
C ALA B 19 -29.80 -11.43 12.93
N VAL B 20 -29.20 -11.53 14.11
CA VAL B 20 -29.50 -12.62 15.02
C VAL B 20 -30.93 -12.53 15.55
N GLY B 21 -31.28 -11.36 16.08
CA GLY B 21 -32.56 -11.16 16.75
C GLY B 21 -33.69 -11.29 15.74
N SER B 22 -33.50 -10.64 14.61
CA SER B 22 -34.48 -10.66 13.55
C SER B 22 -34.75 -12.11 13.07
N SER B 23 -33.68 -12.83 12.83
CA SER B 23 -33.77 -14.22 12.42
C SER B 23 -34.41 -15.10 13.50
N TYR B 24 -34.09 -14.81 14.77
CA TYR B 24 -34.76 -15.49 15.92
C TYR B 24 -36.24 -15.32 15.85
N ALA B 25 -36.64 -14.08 15.70
CA ALA B 25 -38.03 -13.74 15.67
C ALA B 25 -38.69 -14.51 14.52
N TYR B 26 -38.02 -14.55 13.37
CA TYR B 26 -38.60 -15.21 12.20
C TYR B 26 -38.78 -16.72 12.50
N ALA B 27 -37.79 -17.30 13.20
CA ALA B 27 -37.86 -18.71 13.57
C ALA B 27 -39.04 -18.99 14.50
N MET B 28 -39.30 -18.04 15.40
CA MET B 28 -40.40 -18.17 16.32
C MET B 28 -41.74 -18.08 15.59
N VAL B 29 -41.80 -17.16 14.64
CA VAL B 29 -42.98 -17.00 13.77
C VAL B 29 -43.32 -18.26 13.00
N LEU B 30 -42.34 -18.81 12.31
CA LEU B 30 -42.57 -20.02 11.45
C LEU B 30 -42.88 -21.26 12.23
N GLN B 31 -42.30 -21.39 13.41
CA GLN B 31 -42.54 -22.57 14.22
C GLN B 31 -43.71 -22.36 15.19
N GLY B 32 -44.30 -21.18 15.21
CA GLY B 32 -45.48 -20.92 16.06
C GLY B 32 -45.21 -20.93 17.55
N ILE B 33 -44.05 -20.46 17.97
CA ILE B 33 -43.66 -20.59 19.36
C ILE B 33 -44.29 -19.72 20.42
N ALA B 34 -44.20 -18.46 20.41
CA ALA B 34 -44.98 -17.85 21.59
C ALA B 34 -46.13 -17.16 20.88
N GLN B 35 -46.91 -16.36 21.58
CA GLN B 35 -48.07 -15.65 20.97
C GLN B 35 -47.83 -14.14 20.85
N GLU B 36 -46.69 -13.68 21.36
CA GLU B 36 -46.37 -12.24 21.37
C GLU B 36 -44.86 -12.01 21.40
N ILE B 37 -44.39 -11.15 20.51
CA ILE B 37 -42.99 -10.82 20.44
C ILE B 37 -42.87 -9.30 20.35
N GLY B 38 -42.29 -8.69 21.39
CA GLY B 38 -42.00 -7.27 21.37
C GLY B 38 -40.54 -7.09 21.07
N ILE B 39 -40.23 -6.23 20.10
CA ILE B 39 -38.84 -6.08 19.62
C ILE B 39 -38.29 -4.74 20.08
N VAL B 40 -37.21 -4.78 20.86
CA VAL B 40 -36.59 -3.59 21.42
C VAL B 40 -35.19 -3.37 20.89
N ASP B 41 -34.92 -2.16 20.39
CA ASP B 41 -33.59 -1.77 19.86
C ASP B 41 -33.43 -0.26 19.82
N ILE B 42 -32.22 0.23 19.92
CA ILE B 42 -31.95 1.68 19.86
C ILE B 42 -32.53 2.27 18.58
N PHE B 43 -32.46 1.51 17.49
CA PHE B 43 -33.04 1.89 16.20
C PHE B 43 -34.53 1.55 16.10
N LYS B 44 -35.36 2.50 16.45
CA LYS B 44 -36.79 2.27 16.49
C LYS B 44 -37.38 2.04 15.11
N ASP B 45 -36.88 2.74 14.10
CA ASP B 45 -37.43 2.54 12.75
C ASP B 45 -37.20 1.11 12.26
N LYS B 46 -35.99 0.59 12.47
CA LYS B 46 -35.69 -0.80 12.10
C LYS B 46 -36.72 -1.76 12.75
N THR B 47 -36.99 -1.59 14.02
CA THR B 47 -37.84 -2.53 14.70
C THR B 47 -39.29 -2.43 14.20
N LYS B 48 -39.73 -1.22 13.91
CA LYS B 48 -41.05 -1.02 13.36
C LYS B 48 -41.20 -1.79 12.03
N GLY B 49 -40.17 -1.67 11.20
CA GLY B 49 -40.15 -2.28 9.88
C GLY B 49 -40.11 -3.79 9.91
N ASP B 50 -39.33 -4.30 10.87
CA ASP B 50 -39.23 -5.74 11.09
C ASP B 50 -40.58 -6.33 11.62
N ALA B 51 -41.17 -5.64 12.59
CA ALA B 51 -42.44 -6.06 13.12
C ALA B 51 -43.44 -6.20 12.00
N ILE B 52 -43.45 -5.26 11.06
CA ILE B 52 -44.38 -5.35 9.95
C ILE B 52 -44.01 -6.52 9.05
N ASP B 53 -42.74 -6.63 8.70
CA ASP B 53 -42.30 -7.62 7.70
C ASP B 53 -42.55 -9.03 8.23
N LEU B 54 -42.28 -9.22 9.51
CA LEU B 54 -42.56 -10.48 10.20
C LEU B 54 -44.08 -10.74 10.26
N SER B 55 -44.86 -9.71 10.54
CA SER B 55 -46.30 -9.88 10.60
C SER B 55 -46.86 -10.35 9.26
N ASN B 56 -46.22 -9.95 8.16
CA ASN B 56 -46.69 -10.36 6.84
C ASN B 56 -46.66 -11.86 6.66
N ALA B 57 -45.82 -12.55 7.43
CA ALA B 57 -45.73 -13.98 7.36
C ALA B 57 -46.85 -14.73 8.07
N LEU B 58 -47.55 -14.04 8.97
CA LEU B 58 -48.49 -14.70 9.88
C LEU B 58 -49.70 -15.44 9.29
N PRO B 59 -50.26 -14.96 8.20
CA PRO B 59 -51.33 -15.74 7.57
C PRO B 59 -50.95 -17.11 7.06
N PHE B 60 -49.66 -17.45 7.09
CA PHE B 60 -49.19 -18.78 6.67
C PHE B 60 -48.77 -19.61 7.87
N THR B 61 -48.98 -19.11 9.08
CA THR B 61 -48.41 -19.70 10.28
C THR B 61 -49.43 -19.43 11.39
N SER B 62 -49.13 -19.71 12.64
CA SER B 62 -50.08 -19.38 13.75
C SER B 62 -49.93 -17.91 14.13
N PRO B 63 -50.97 -17.32 14.77
CA PRO B 63 -50.95 -15.85 14.95
C PRO B 63 -50.11 -15.42 16.11
N LYS B 64 -49.78 -14.14 16.09
CA LYS B 64 -48.85 -13.54 17.02
C LYS B 64 -49.10 -12.06 17.01
N LYS B 65 -49.02 -11.42 18.16
CA LYS B 65 -48.90 -9.98 18.20
C LYS B 65 -47.40 -9.62 18.19
N ILE B 66 -46.99 -8.82 17.22
CA ILE B 66 -45.58 -8.44 17.02
C ILE B 66 -45.47 -6.93 16.89
N TYR B 67 -44.55 -6.31 17.60
CA TYR B 67 -44.49 -4.85 17.57
C TYR B 67 -43.14 -4.35 18.01
N SER B 68 -42.85 -3.12 17.62
CA SER B 68 -41.71 -2.37 18.16
C SER B 68 -42.01 -2.07 19.60
N ALA B 69 -41.08 -2.38 20.49
CA ALA B 69 -41.38 -2.35 21.92
C ALA B 69 -40.36 -1.56 22.74
N GLU B 70 -40.71 -1.38 24.00
CA GLU B 70 -39.89 -0.68 24.98
C GLU B 70 -39.64 -1.58 26.17
N TYR B 71 -38.55 -1.34 26.89
CA TYR B 71 -38.23 -2.09 28.11
C TYR B 71 -39.39 -2.30 29.07
N SER B 72 -40.23 -1.27 29.20
CA SER B 72 -41.41 -1.35 30.07
C SER B 72 -42.44 -2.41 29.62
N ASP B 73 -42.44 -2.80 28.35
CA ASP B 73 -43.29 -3.89 27.89
C ASP B 73 -42.88 -5.28 28.43
N ALA B 74 -41.76 -5.37 29.16
CA ALA B 74 -41.34 -6.63 29.78
C ALA B 74 -42.10 -6.97 31.06
N LYS B 75 -42.95 -6.04 31.52
CA LYS B 75 -43.65 -6.22 32.78
C LYS B 75 -44.18 -7.65 32.95
N ASP B 76 -44.89 -8.14 31.94
CA ASP B 76 -45.58 -9.41 32.06
C ASP B 76 -45.04 -10.42 31.06
N ALA B 77 -43.79 -10.30 30.69
CA ALA B 77 -43.18 -11.19 29.70
C ALA B 77 -42.71 -12.48 30.32
N ASP B 78 -42.78 -13.56 29.56
CA ASP B 78 -42.27 -14.84 30.02
C ASP B 78 -40.79 -14.87 29.90
N LEU B 79 -40.28 -14.20 28.87
CA LEU B 79 -38.94 -14.44 28.38
C LEU B 79 -38.35 -13.13 27.87
N VAL B 80 -37.13 -12.84 28.30
CA VAL B 80 -36.37 -11.71 27.76
C VAL B 80 -35.12 -12.27 27.09
N VAL B 81 -35.03 -12.06 25.77
CA VAL B 81 -33.91 -12.57 24.99
C VAL B 81 -32.99 -11.42 24.62
N ILE B 82 -31.72 -11.52 25.03
CA ILE B 82 -30.75 -10.43 24.82
C ILE B 82 -29.75 -10.81 23.76
N THR B 83 -29.74 -10.06 22.66
CA THR B 83 -28.86 -10.33 21.54
C THR B 83 -27.83 -9.38 21.05
N ALA B 84 -27.75 -8.13 21.38
CA ALA B 84 -26.80 -7.46 20.43
C ALA B 84 -25.46 -6.97 20.96
N GLY B 85 -24.52 -7.88 21.19
CA GLY B 85 -23.34 -7.44 21.95
C GLY B 85 -22.58 -6.41 21.13
N ALA B 86 -22.11 -5.33 21.75
CA ALA B 86 -21.17 -4.44 21.04
C ALA B 86 -19.90 -5.24 20.70
N PRO B 87 -19.49 -5.26 19.44
CA PRO B 87 -18.35 -6.09 19.02
C PRO B 87 -16.99 -5.49 19.37
N GLN B 88 -15.99 -6.37 19.46
CA GLN B 88 -14.62 -5.96 19.79
C GLN B 88 -13.97 -5.17 18.63
N LYS B 89 -13.42 -4.00 18.93
CA LYS B 89 -12.78 -3.14 17.93
C LYS B 89 -11.31 -3.53 17.92
N PRO B 90 -10.65 -3.36 16.78
CA PRO B 90 -9.27 -3.87 16.74
C PRO B 90 -8.35 -3.34 17.86
N GLY B 91 -8.59 -2.13 18.35
CA GLY B 91 -7.73 -1.67 19.48
C GLY B 91 -7.82 -2.38 20.85
N GLU B 92 -8.96 -3.02 21.11
CA GLU B 92 -9.36 -3.25 22.50
C GLU B 92 -8.98 -4.63 23.05
N THR B 93 -8.77 -4.62 24.34
CA THR B 93 -8.53 -5.84 25.08
C THR B 93 -9.87 -6.55 25.31
N ARG B 94 -9.81 -7.80 25.71
CA ARG B 94 -11.01 -8.54 26.09
C ARG B 94 -11.73 -7.85 27.27
N LEU B 95 -10.96 -7.31 28.20
CA LEU B 95 -11.50 -6.60 29.35
C LEU B 95 -12.22 -5.32 28.96
N ASP B 96 -11.72 -4.68 27.93
CA ASP B 96 -12.33 -3.49 27.38
C ASP B 96 -13.71 -3.87 26.79
N LEU B 97 -13.73 -4.96 26.02
CA LEU B 97 -14.95 -5.50 25.39
C LEU B 97 -16.01 -5.76 26.43
N VAL B 98 -15.58 -6.40 27.50
CA VAL B 98 -16.47 -6.69 28.63
C VAL B 98 -17.03 -5.41 29.25
N ASN B 99 -16.15 -4.49 29.63
CA ASN B 99 -16.59 -3.24 30.27
C ASN B 99 -17.56 -2.44 29.42
N LYS B 100 -17.27 -2.37 28.14
CA LYS B 100 -18.12 -1.67 27.19
C LYS B 100 -19.52 -2.29 27.20
N ASN B 101 -19.57 -3.62 27.11
CA ASN B 101 -20.82 -4.35 27.05
C ASN B 101 -21.54 -4.33 28.40
N LEU B 102 -20.81 -4.11 29.49
CA LEU B 102 -21.44 -4.03 30.82
C LEU B 102 -22.24 -2.74 31.01
N LYS B 103 -21.69 -1.62 30.53
CA LYS B 103 -22.45 -0.36 30.55
C LYS B 103 -23.72 -0.53 29.76
N ILE B 104 -23.61 -1.07 28.54
CA ILE B 104 -24.79 -1.25 27.72
C ILE B 104 -25.77 -2.22 28.40
N LEU B 105 -25.26 -3.33 28.90
CA LEU B 105 -26.11 -4.41 29.44
C LEU B 105 -26.90 -3.88 30.64
N LYS B 106 -26.25 -3.07 31.46
CA LYS B 106 -26.90 -2.48 32.60
C LYS B 106 -28.06 -1.58 32.20
N SER B 107 -27.89 -0.84 31.10
CA SER B 107 -28.90 0.09 30.62
C SER B 107 -30.10 -0.66 30.05
N ILE B 108 -29.95 -1.97 29.81
CA ILE B 108 -31.02 -2.85 29.37
C ILE B 108 -31.64 -3.55 30.57
N VAL B 109 -30.82 -4.19 31.39
CA VAL B 109 -31.34 -5.05 32.48
C VAL B 109 -32.07 -4.26 33.55
N ASP B 110 -31.52 -3.12 33.96
CA ASP B 110 -32.15 -2.32 35.05
C ASP B 110 -33.59 -1.92 34.68
N PRO B 111 -33.82 -1.31 33.49
CA PRO B 111 -35.21 -0.94 33.18
C PRO B 111 -36.13 -2.13 33.00
N ILE B 112 -35.58 -3.25 32.55
CA ILE B 112 -36.39 -4.43 32.42
C ILE B 112 -36.83 -4.90 33.80
N VAL B 113 -35.90 -4.95 34.74
CA VAL B 113 -36.25 -5.37 36.10
C VAL B 113 -37.29 -4.38 36.67
N ASP B 114 -37.10 -3.08 36.42
CA ASP B 114 -37.99 -2.04 36.93
C ASP B 114 -39.37 -2.18 36.37
N SER B 115 -39.50 -2.68 35.16
CA SER B 115 -40.84 -2.96 34.60
C SER B 115 -41.68 -3.87 35.46
N GLY B 116 -41.03 -4.73 36.27
CA GLY B 116 -41.71 -5.80 37.01
C GLY B 116 -41.51 -7.20 36.41
N PHE B 117 -40.81 -7.28 35.29
CA PHE B 117 -40.47 -8.55 34.67
C PHE B 117 -40.07 -9.57 35.71
N ASN B 118 -40.60 -10.76 35.56
CA ASN B 118 -40.42 -11.78 36.56
C ASN B 118 -40.32 -13.14 35.91
N GLY B 119 -39.60 -13.18 34.80
CA GLY B 119 -39.54 -14.38 33.95
C GLY B 119 -38.13 -14.93 33.85
N ILE B 120 -37.76 -15.42 32.68
CA ILE B 120 -36.41 -15.95 32.47
C ILE B 120 -35.64 -15.12 31.47
N PHE B 121 -34.37 -14.89 31.77
CA PHE B 121 -33.45 -14.16 30.87
C PHE B 121 -32.73 -15.19 30.02
N LEU B 122 -32.75 -14.98 28.71
CA LEU B 122 -31.98 -15.83 27.79
C LEU B 122 -31.00 -14.95 27.06
N VAL B 123 -29.72 -15.22 27.29
CA VAL B 123 -28.67 -14.34 26.84
C VAL B 123 -27.88 -14.97 25.70
N ALA B 124 -27.77 -14.26 24.58
CA ALA B 124 -26.99 -14.72 23.42
C ALA B 124 -25.90 -13.75 23.00
N ALA B 125 -25.98 -12.50 23.45
CA ALA B 125 -24.94 -11.51 23.17
C ALA B 125 -23.55 -12.02 23.51
N ASN B 126 -22.61 -11.74 22.62
CA ASN B 126 -21.22 -12.05 22.85
C ASN B 126 -20.52 -10.93 23.60
N PRO B 127 -19.65 -11.31 24.56
CA PRO B 127 -19.27 -12.72 24.85
C PRO B 127 -20.25 -13.39 25.83
N VAL B 128 -20.87 -14.49 25.39
CA VAL B 128 -22.05 -14.98 26.01
C VAL B 128 -21.95 -15.47 27.47
N ASP B 129 -20.97 -16.27 27.79
CA ASP B 129 -20.84 -16.76 29.15
C ASP B 129 -20.62 -15.62 30.15
N ILE B 130 -19.79 -14.65 29.77
CA ILE B 130 -19.53 -13.49 30.60
C ILE B 130 -20.79 -12.66 30.76
N LEU B 131 -21.47 -12.33 29.65
CA LEU B 131 -22.67 -11.46 29.74
C LEU B 131 -23.87 -12.19 30.37
N THR B 132 -23.81 -13.52 30.37
CA THR B 132 -24.77 -14.29 31.14
C THR B 132 -24.52 -14.07 32.62
N TYR B 133 -23.26 -14.19 33.05
CA TYR B 133 -22.91 -13.89 34.44
C TYR B 133 -23.28 -12.47 34.80
N ALA B 134 -22.94 -11.53 33.92
CA ALA B 134 -23.20 -10.12 34.20
C ALA B 134 -24.68 -9.88 34.32
N THR B 135 -25.46 -10.55 33.48
CA THR B 135 -26.92 -10.42 33.50
C THR B 135 -27.47 -10.91 34.84
N TRP B 136 -26.96 -12.06 35.32
CA TRP B 136 -27.34 -12.59 36.65
C TRP B 136 -27.02 -11.61 37.77
N LYS B 137 -25.80 -11.13 37.73
CA LYS B 137 -25.30 -10.16 38.69
C LYS B 137 -26.10 -8.85 38.72
N LEU B 138 -26.36 -8.29 37.54
CA LEU B 138 -27.17 -7.08 37.40
C LEU B 138 -28.66 -7.27 37.73
N SER B 139 -29.24 -8.39 37.34
CA SER B 139 -30.68 -8.57 37.47
C SER B 139 -31.09 -8.90 38.91
N GLY B 140 -30.18 -9.56 39.64
CA GLY B 140 -30.50 -10.11 40.95
C GLY B 140 -31.38 -11.33 40.88
N PHE B 141 -31.62 -11.87 39.69
CA PHE B 141 -32.52 -13.05 39.57
C PHE B 141 -31.80 -14.30 40.05
N PRO B 142 -32.55 -15.36 40.33
CA PRO B 142 -31.89 -16.61 40.64
C PRO B 142 -31.05 -17.19 39.48
N LYS B 143 -30.00 -17.92 39.86
CA LYS B 143 -29.09 -18.60 38.93
C LYS B 143 -29.76 -19.40 37.81
N ASN B 144 -30.76 -20.17 38.17
CA ASN B 144 -31.41 -21.03 37.24
C ASN B 144 -32.38 -20.29 36.27
N ARG B 145 -32.67 -19.01 36.53
CA ARG B 145 -33.52 -18.18 35.66
C ARG B 145 -32.75 -17.17 34.84
N VAL B 146 -31.43 -17.33 34.77
CA VAL B 146 -30.61 -16.62 33.82
C VAL B 146 -29.80 -17.64 33.07
N VAL B 147 -29.96 -17.64 31.75
CA VAL B 147 -29.48 -18.72 30.94
C VAL B 147 -28.78 -18.14 29.71
N GLY B 148 -27.61 -18.70 29.37
CA GLY B 148 -26.96 -18.30 28.18
C GLY B 148 -26.97 -19.40 27.13
N SER B 149 -26.79 -19.01 25.89
CA SER B 149 -26.91 -19.97 24.77
C SER B 149 -25.68 -20.84 24.75
N GLY B 150 -24.61 -20.30 25.33
CA GLY B 150 -23.40 -21.04 25.52
C GLY B 150 -22.90 -21.75 24.28
N THR B 151 -22.67 -23.05 24.40
CA THR B 151 -22.16 -23.87 23.31
C THR B 151 -23.26 -24.66 22.61
N SER B 152 -24.51 -24.21 22.72
CA SER B 152 -25.60 -24.89 21.99
C SER B 152 -25.35 -24.86 20.48
N LEU B 153 -24.88 -23.74 19.97
CA LEU B 153 -24.60 -23.61 18.55
C LEU B 153 -23.36 -24.39 18.14
N ASP B 154 -22.26 -24.22 18.87
CA ASP B 154 -21.02 -25.01 18.61
C ASP B 154 -21.30 -26.50 18.61
N THR B 155 -22.12 -26.92 19.57
CA THR B 155 -22.55 -28.31 19.62
C THR B 155 -23.33 -28.68 18.34
N ALA B 156 -24.31 -27.87 17.94
CA ALA B 156 -25.01 -28.16 16.71
C ALA B 156 -23.99 -28.31 15.55
N ARG B 157 -23.08 -27.35 15.43
CA ARG B 157 -22.11 -27.38 14.33
C ARG B 157 -21.30 -28.69 14.37
N PHE B 158 -20.89 -29.09 15.56
CA PHE B 158 -20.15 -30.32 15.75
C PHE B 158 -20.93 -31.53 15.29
N ARG B 159 -22.19 -31.63 15.71
CA ARG B 159 -23.01 -32.74 15.29
C ARG B 159 -23.23 -32.80 13.78
N GLN B 160 -23.41 -31.65 13.16
CA GLN B 160 -23.70 -31.63 11.75
C GLN B 160 -22.45 -32.05 10.95
N SER B 161 -21.31 -31.65 11.44
CA SER B 161 -20.05 -32.04 10.86
C SER B 161 -19.86 -33.54 10.87
N ILE B 162 -20.07 -34.16 12.03
CA ILE B 162 -20.02 -35.60 12.18
C ILE B 162 -21.06 -36.27 11.28
N ALA B 163 -22.29 -35.79 11.35
CA ALA B 163 -23.37 -36.28 10.50
C ALA B 163 -22.98 -36.36 9.04
N GLU B 164 -22.38 -35.29 8.55
CA GLU B 164 -21.96 -35.20 7.14
C GLU B 164 -20.84 -36.21 6.87
N MET B 165 -19.90 -36.36 7.78
CA MET B 165 -18.84 -37.31 7.57
C MET B 165 -19.42 -38.74 7.45
N VAL B 166 -20.31 -39.13 8.36
CA VAL B 166 -20.79 -40.54 8.42
C VAL B 166 -22.10 -40.75 7.64
N ASN B 167 -22.63 -39.68 7.06
CA ASN B 167 -23.89 -39.72 6.31
C ASN B 167 -25.16 -40.16 7.07
N VAL B 168 -25.42 -39.46 8.15
CA VAL B 168 -26.47 -39.83 9.12
C VAL B 168 -27.17 -38.54 9.50
N ASP B 169 -28.45 -38.63 9.85
CA ASP B 169 -29.23 -37.47 10.36
C ASP B 169 -28.59 -36.94 11.64
N ALA B 170 -28.26 -35.66 11.68
CA ALA B 170 -27.61 -35.08 12.82
C ALA B 170 -28.40 -35.27 14.12
N ARG B 171 -29.73 -35.42 14.04
CA ARG B 171 -30.48 -35.74 15.26
C ARG B 171 -30.11 -37.12 15.86
N SER B 172 -29.42 -37.94 15.12
CA SER B 172 -28.97 -39.25 15.57
C SER B 172 -27.53 -39.20 16.02
N VAL B 173 -26.90 -38.03 15.93
CA VAL B 173 -25.52 -37.81 16.42
C VAL B 173 -25.54 -37.07 17.76
N HIS B 174 -24.79 -37.55 18.74
CA HIS B 174 -24.87 -37.05 20.13
C HIS B 174 -23.46 -36.73 20.59
N ALA B 175 -23.13 -35.46 20.54
CA ALA B 175 -21.80 -35.01 20.82
C ALA B 175 -21.86 -33.59 21.31
N TYR B 176 -21.03 -33.25 22.27
CA TYR B 176 -21.03 -31.94 22.87
C TYR B 176 -19.75 -31.16 22.60
N ILE B 177 -19.89 -29.83 22.50
CA ILE B 177 -18.78 -28.92 22.72
C ILE B 177 -19.08 -28.25 24.06
N MET B 178 -18.05 -28.12 24.89
CA MET B 178 -18.18 -27.56 26.20
C MET B 178 -17.10 -26.51 26.47
N GLY B 179 -17.26 -25.86 27.62
CA GLY B 179 -16.41 -24.76 28.04
C GLY B 179 -17.00 -23.38 27.82
N GLU B 180 -16.14 -22.36 27.80
CA GLU B 180 -16.56 -21.03 27.41
C GLU B 180 -16.69 -21.02 25.91
N HIS B 181 -17.86 -20.59 25.43
CA HIS B 181 -18.05 -20.45 24.01
C HIS B 181 -16.99 -19.52 23.46
N GLY B 182 -16.19 -20.01 22.50
CA GLY B 182 -15.08 -19.23 21.95
C GLY B 182 -13.85 -20.06 21.81
N ASP B 183 -12.70 -19.40 21.71
CA ASP B 183 -11.43 -20.06 21.39
C ASP B 183 -11.03 -21.22 22.31
N THR B 184 -11.46 -21.18 23.57
CA THR B 184 -11.05 -22.19 24.55
C THR B 184 -12.02 -23.34 24.72
N GLU B 185 -13.06 -23.38 23.92
CA GLU B 185 -14.03 -24.49 24.02
C GLU B 185 -13.37 -25.80 23.56
N PHE B 186 -13.96 -26.94 23.89
CA PHE B 186 -13.35 -28.22 23.54
C PHE B 186 -14.41 -29.29 23.30
N PRO B 187 -14.07 -30.31 22.47
CA PRO B 187 -15.03 -31.37 22.18
C PRO B 187 -14.93 -32.49 23.20
N VAL B 188 -16.06 -33.11 23.51
CA VAL B 188 -16.09 -34.23 24.42
C VAL B 188 -16.12 -35.51 23.61
N TRP B 189 -15.00 -35.89 23.04
CA TRP B 189 -14.96 -37.11 22.24
C TRP B 189 -15.31 -38.34 23.04
N SER B 190 -14.98 -38.34 24.32
CA SER B 190 -15.16 -39.55 25.14
C SER B 190 -16.60 -40.01 25.19
N HIS B 191 -17.55 -39.08 25.04
CA HIS B 191 -18.96 -39.42 25.13
C HIS B 191 -19.73 -39.19 23.85
N ALA B 192 -19.02 -38.77 22.81
CA ALA B 192 -19.67 -38.48 21.56
C ALA B 192 -20.02 -39.78 20.89
N ASN B 193 -21.19 -39.85 20.26
CA ASN B 193 -21.62 -41.10 19.62
C ASN B 193 -22.67 -40.91 18.57
N ILE B 194 -22.91 -41.99 17.84
CA ILE B 194 -23.90 -42.08 16.79
C ILE B 194 -24.70 -43.32 17.10
N GLY B 195 -25.96 -43.14 17.49
CA GLY B 195 -26.83 -44.25 17.84
C GLY B 195 -26.25 -45.11 18.94
N GLY B 196 -25.56 -44.50 19.91
CA GLY B 196 -24.92 -45.23 21.00
C GLY B 196 -23.55 -45.81 20.72
N VAL B 197 -23.14 -45.88 19.46
CA VAL B 197 -21.79 -46.31 19.11
C VAL B 197 -20.86 -45.10 19.22
N THR B 198 -19.88 -45.14 20.11
CA THR B 198 -19.01 -43.96 20.33
C THR B 198 -18.14 -43.70 19.12
N ILE B 199 -17.60 -42.48 19.02
CA ILE B 199 -16.73 -42.17 17.89
C ILE B 199 -15.48 -43.06 17.98
N ALA B 200 -14.99 -43.33 19.19
CA ALA B 200 -13.86 -44.28 19.42
C ALA B 200 -14.19 -45.70 18.89
N GLU B 201 -15.38 -46.18 19.20
CA GLU B 201 -15.86 -47.43 18.65
C GLU B 201 -16.16 -47.33 17.15
N TRP B 202 -16.62 -46.17 16.66
CA TRP B 202 -16.94 -45.98 15.23
C TRP B 202 -15.66 -46.07 14.39
N VAL B 203 -14.60 -45.46 14.89
CA VAL B 203 -13.28 -45.43 14.24
C VAL B 203 -12.62 -46.83 14.16
N LYS B 204 -12.75 -47.61 15.23
CA LYS B 204 -12.44 -49.05 15.23
C LYS B 204 -13.07 -49.77 14.06
N ALA B 205 -14.39 -49.72 13.96
CA ALA B 205 -15.09 -50.34 12.83
C ALA B 205 -14.80 -49.70 11.44
N HIS B 206 -14.38 -48.43 11.41
CA HIS B 206 -14.16 -47.70 10.14
C HIS B 206 -12.81 -46.98 10.19
N PRO B 207 -11.73 -47.76 10.12
CA PRO B 207 -10.37 -47.19 10.22
C PRO B 207 -9.94 -46.22 9.08
N GLU B 208 -10.76 -46.06 8.03
CA GLU B 208 -10.58 -44.96 7.05
C GLU B 208 -10.54 -43.60 7.75
N ILE B 209 -11.26 -43.49 8.87
CA ILE B 209 -11.45 -42.22 9.58
C ILE B 209 -10.19 -41.97 10.39
N LYS B 210 -9.35 -41.05 9.92
CA LYS B 210 -8.04 -40.79 10.51
C LYS B 210 -8.18 -39.88 11.73
N GLU B 211 -7.36 -40.12 12.75
CA GLU B 211 -7.39 -39.29 14.00
C GLU B 211 -7.27 -37.83 13.63
N ASP B 212 -6.43 -37.52 12.65
CA ASP B 212 -6.24 -36.14 12.22
C ASP B 212 -7.48 -35.48 11.60
N LYS B 213 -8.33 -36.26 10.93
CA LYS B 213 -9.58 -35.76 10.39
C LYS B 213 -10.47 -35.23 11.52
N LEU B 214 -10.52 -35.98 12.63
CA LEU B 214 -11.34 -35.62 13.77
C LEU B 214 -10.84 -34.35 14.46
N VAL B 215 -9.53 -34.20 14.55
CA VAL B 215 -8.92 -33.02 15.16
C VAL B 215 -9.28 -31.81 14.31
N LYS B 216 -9.12 -31.95 12.99
CA LYS B 216 -9.39 -30.87 12.09
C LYS B 216 -10.90 -30.54 12.14
N MET B 217 -11.73 -31.57 12.24
CA MET B 217 -13.16 -31.40 12.25
C MET B 217 -13.53 -30.48 13.41
N PHE B 218 -12.90 -30.71 14.57
CA PHE B 218 -13.15 -29.84 15.72
C PHE B 218 -12.59 -28.44 15.56
N GLU B 219 -11.41 -28.34 14.95
CA GLU B 219 -10.84 -27.04 14.66
C GLU B 219 -11.76 -26.25 13.77
N ASP B 220 -12.22 -26.87 12.69
CA ASP B 220 -13.21 -26.23 11.81
C ASP B 220 -14.48 -25.76 12.55
N VAL B 221 -14.94 -26.55 13.50
CA VAL B 221 -16.06 -26.13 14.31
C VAL B 221 -15.74 -24.89 15.18
N ARG B 222 -14.67 -24.96 15.94
CA ARG B 222 -14.19 -23.84 16.74
C ARG B 222 -14.04 -22.56 15.96
N ASP B 223 -13.54 -22.67 14.73
CA ASP B 223 -13.29 -21.52 13.90
C ASP B 223 -14.43 -21.21 12.96
N ALA B 224 -15.57 -21.83 13.16
CA ALA B 224 -16.64 -21.73 12.16
C ALA B 224 -17.16 -20.28 11.94
N ALA B 225 -17.34 -19.53 13.02
CA ALA B 225 -17.76 -18.15 12.90
C ALA B 225 -16.81 -17.34 12.03
N TYR B 226 -15.50 -17.48 12.22
CA TYR B 226 -14.53 -16.77 11.36
C TYR B 226 -14.75 -17.11 9.90
N GLU B 227 -14.97 -18.38 9.59
CA GLU B 227 -15.13 -18.81 8.20
C GLU B 227 -16.40 -18.21 7.59
N ILE B 228 -17.50 -18.28 8.35
CA ILE B 228 -18.78 -17.84 7.84
C ILE B 228 -18.75 -16.31 7.64
N ILE B 229 -18.21 -15.60 8.61
CA ILE B 229 -18.08 -14.13 8.55
C ILE B 229 -17.25 -13.73 7.33
N LYS B 230 -16.17 -14.45 7.11
CA LYS B 230 -15.31 -14.20 5.96
C LYS B 230 -16.09 -14.38 4.66
N LEU B 231 -16.93 -15.42 4.60
CA LEU B 231 -17.63 -15.74 3.35
C LEU B 231 -18.86 -14.90 3.09
N LYS B 232 -19.62 -14.53 4.13
CA LYS B 232 -20.88 -13.82 3.93
C LYS B 232 -21.14 -12.65 4.88
N GLY B 233 -20.18 -12.28 5.72
CA GLY B 233 -20.28 -11.04 6.48
C GLY B 233 -20.72 -11.23 7.90
N ALA B 234 -21.54 -12.25 8.13
CA ALA B 234 -22.10 -12.45 9.46
C ALA B 234 -22.60 -13.88 9.63
N THR B 235 -22.86 -14.26 10.87
CA THR B 235 -23.39 -15.59 11.16
C THR B 235 -24.67 -15.35 11.96
N PHE B 236 -25.76 -16.02 11.59
CA PHE B 236 -26.98 -15.81 12.30
C PHE B 236 -28.04 -16.94 12.31
N TYR B 237 -28.15 -17.70 11.23
CA TYR B 237 -29.17 -18.75 11.17
C TYR B 237 -28.99 -19.83 12.27
N GLY B 238 -27.75 -20.21 12.55
CA GLY B 238 -27.49 -21.23 13.57
C GLY B 238 -27.92 -20.81 14.95
N ILE B 239 -27.48 -19.63 15.38
CA ILE B 239 -27.81 -19.16 16.76
C ILE B 239 -29.28 -18.81 16.91
N ALA B 240 -29.88 -18.21 15.89
CA ALA B 240 -31.33 -17.94 15.89
C ALA B 240 -32.09 -19.21 16.09
N THR B 241 -31.69 -20.24 15.37
CA THR B 241 -32.39 -21.54 15.45
C THR B 241 -32.23 -22.15 16.83
N ALA B 242 -31.03 -22.02 17.39
CA ALA B 242 -30.76 -22.49 18.75
C ALA B 242 -31.57 -21.76 19.80
N LEU B 243 -31.63 -20.44 19.67
CA LEU B 243 -32.40 -19.63 20.60
C LEU B 243 -33.86 -20.05 20.55
N ALA B 244 -34.39 -20.28 19.35
CA ALA B 244 -35.77 -20.70 19.24
C ALA B 244 -35.95 -22.07 19.88
N ARG B 245 -34.95 -22.94 19.76
CA ARG B 245 -35.05 -24.28 20.36
C ARG B 245 -35.09 -24.20 21.88
N ILE B 246 -34.23 -23.34 22.44
CA ILE B 246 -34.20 -23.14 23.89
C ILE B 246 -35.51 -22.49 24.34
N SER B 247 -35.98 -21.50 23.56
CA SER B 247 -37.22 -20.84 23.89
C SER B 247 -38.34 -21.86 23.98
N LYS B 248 -38.40 -22.78 23.03
CA LYS B 248 -39.45 -23.81 23.02
C LYS B 248 -39.34 -24.75 24.22
N ALA B 249 -38.12 -25.07 24.65
CA ALA B 249 -37.93 -25.95 25.79
C ALA B 249 -38.46 -25.32 27.07
N ILE B 250 -38.25 -24.02 27.21
CA ILE B 250 -38.80 -23.28 28.32
C ILE B 250 -40.32 -23.21 28.20
N LEU B 251 -40.82 -22.66 27.10
CA LEU B 251 -42.25 -22.37 26.99
C LEU B 251 -43.15 -23.60 26.96
N ASN B 252 -42.64 -24.73 26.47
CA ASN B 252 -43.39 -25.99 26.52
C ASN B 252 -42.92 -26.91 27.63
N ASP B 253 -42.19 -26.35 28.59
CA ASP B 253 -41.88 -27.05 29.81
C ASP B 253 -41.34 -28.48 29.57
N GLU B 254 -40.31 -28.58 28.73
CA GLU B 254 -39.90 -29.85 28.16
C GLU B 254 -38.98 -30.72 29.07
N ASN B 255 -38.20 -30.11 29.93
CA ASN B 255 -37.08 -30.79 30.61
C ASN B 255 -36.15 -31.39 29.59
N ALA B 256 -35.81 -30.60 28.59
CA ALA B 256 -34.92 -31.06 27.55
C ALA B 256 -33.51 -30.84 28.02
N VAL B 257 -32.61 -31.69 27.52
CA VAL B 257 -31.23 -31.57 27.81
C VAL B 257 -30.60 -30.78 26.71
N LEU B 258 -29.99 -29.66 27.06
CA LEU B 258 -29.27 -28.85 26.10
C LEU B 258 -27.96 -28.31 26.67
N PRO B 259 -27.00 -28.04 25.79
CA PRO B 259 -25.78 -27.45 26.24
C PRO B 259 -26.03 -25.98 26.39
N LEU B 260 -25.85 -25.46 27.59
CA LEU B 260 -26.18 -24.08 27.88
C LEU B 260 -25.18 -23.50 28.79
N SER B 261 -25.13 -22.17 28.86
CA SER B 261 -24.25 -21.53 29.86
C SER B 261 -25.04 -21.45 31.16
N VAL B 262 -24.54 -22.17 32.17
CA VAL B 262 -25.21 -22.34 33.46
C VAL B 262 -24.26 -22.10 34.62
N TYR B 263 -24.81 -21.78 35.77
CA TYR B 263 -24.02 -21.36 36.93
C TYR B 263 -23.35 -22.54 37.61
N MET B 264 -22.08 -22.36 37.88
CA MET B 264 -21.24 -23.44 38.34
C MET B 264 -21.11 -23.46 39.87
N ASP B 265 -21.68 -24.49 40.51
CA ASP B 265 -21.65 -24.64 41.96
C ASP B 265 -21.04 -25.96 42.33
N GLY B 266 -19.79 -26.15 41.89
CA GLY B 266 -19.00 -27.33 42.27
C GLY B 266 -18.69 -28.23 41.09
N GLN B 267 -19.57 -28.22 40.09
CA GLN B 267 -19.46 -29.12 38.94
C GLN B 267 -18.13 -28.91 38.23
N TYR B 268 -17.52 -30.02 37.84
CA TYR B 268 -16.18 -30.01 37.22
C TYR B 268 -15.07 -29.33 38.09
N GLY B 269 -15.30 -29.27 39.39
CA GLY B 269 -14.43 -28.48 40.28
C GLY B 269 -14.35 -26.99 39.93
N LEU B 270 -15.48 -26.46 39.46
CA LEU B 270 -15.63 -25.03 39.19
C LEU B 270 -16.68 -24.35 40.06
N ASN B 271 -16.51 -23.04 40.23
CA ASN B 271 -17.39 -22.23 41.06
C ASN B 271 -17.55 -20.81 40.58
N ASP B 272 -18.79 -20.34 40.67
CA ASP B 272 -19.11 -18.91 40.52
C ASP B 272 -18.72 -18.34 39.19
N ILE B 273 -18.97 -19.12 38.14
CA ILE B 273 -18.97 -18.63 36.79
C ILE B 273 -20.12 -19.28 36.03
N TYR B 274 -20.53 -18.66 34.95
CA TYR B 274 -21.39 -19.34 34.00
C TYR B 274 -20.47 -19.91 32.93
N ILE B 275 -20.72 -21.17 32.61
CA ILE B 275 -19.98 -21.87 31.59
C ILE B 275 -20.84 -22.98 30.95
N GLY B 276 -20.37 -23.47 29.82
CA GLY B 276 -21.15 -24.35 28.99
C GLY B 276 -21.04 -25.80 29.34
N THR B 277 -22.20 -26.41 29.58
CA THR B 277 -22.34 -27.85 29.86
C THR B 277 -23.80 -28.26 29.56
N PRO B 278 -24.07 -29.56 29.31
CA PRO B 278 -25.43 -30.02 29.25
C PRO B 278 -26.18 -29.75 30.51
N ALA B 279 -27.43 -29.33 30.33
CA ALA B 279 -28.30 -29.08 31.45
C ALA B 279 -29.76 -29.36 31.08
N VAL B 280 -30.58 -29.63 32.09
CA VAL B 280 -31.97 -29.88 31.91
C VAL B 280 -32.68 -28.54 32.11
N ILE B 281 -33.57 -28.18 31.18
CA ILE B 281 -34.26 -26.89 31.23
C ILE B 281 -35.79 -27.08 31.02
N ASN B 282 -36.57 -26.32 31.76
CA ASN B 282 -38.01 -26.31 31.61
C ASN B 282 -38.59 -24.93 31.87
N ARG B 283 -39.91 -24.85 32.09
CA ARG B 283 -40.60 -23.56 32.30
C ARG B 283 -39.98 -22.69 33.40
N ASN B 284 -39.36 -23.35 34.38
CA ASN B 284 -38.66 -22.64 35.48
C ASN B 284 -37.17 -22.46 35.29
N GLY B 285 -36.69 -22.59 34.06
CA GLY B 285 -35.25 -22.47 33.80
C GLY B 285 -34.50 -23.76 34.10
N ILE B 286 -33.29 -23.61 34.59
CA ILE B 286 -32.37 -24.74 34.75
C ILE B 286 -32.82 -25.62 35.91
N GLN B 287 -32.97 -26.92 35.66
CA GLN B 287 -33.32 -27.90 36.71
C GLN B 287 -32.14 -28.75 37.17
N ASN B 288 -31.32 -29.20 36.25
CA ASN B 288 -30.17 -30.01 36.59
C ASN B 288 -29.03 -29.59 35.72
N ILE B 289 -27.85 -29.50 36.31
CA ILE B 289 -26.65 -29.35 35.56
C ILE B 289 -26.07 -30.73 35.44
N LEU B 290 -25.83 -31.20 34.22
CA LEU B 290 -25.29 -32.52 34.02
C LEU B 290 -23.81 -32.39 34.02
N GLU B 291 -23.18 -33.24 34.82
CA GLU B 291 -21.73 -33.25 34.93
C GLU B 291 -21.22 -34.43 34.16
N ILE B 292 -20.84 -34.23 32.91
CA ILE B 292 -20.25 -35.32 32.17
C ILE B 292 -18.90 -35.67 32.82
N PRO B 293 -18.67 -36.96 33.11
CA PRO B 293 -17.35 -37.28 33.66
C PRO B 293 -16.32 -37.33 32.52
N LEU B 294 -15.37 -36.42 32.54
CA LEU B 294 -14.45 -36.24 31.43
C LEU B 294 -13.19 -37.04 31.60
N THR B 295 -12.48 -37.28 30.51
CA THR B 295 -11.12 -37.82 30.60
C THR B 295 -10.22 -36.78 31.28
N ASP B 296 -9.01 -37.17 31.64
CA ASP B 296 -8.06 -36.19 32.17
C ASP B 296 -7.79 -35.10 31.15
N HIS B 297 -7.55 -35.49 29.90
CA HIS B 297 -7.28 -34.53 28.82
C HIS B 297 -8.45 -33.53 28.74
N GLU B 298 -9.69 -34.06 28.68
CA GLU B 298 -10.89 -33.25 28.55
C GLU B 298 -11.09 -32.35 29.79
N GLU B 299 -10.85 -32.89 30.97
CA GLU B 299 -11.03 -32.11 32.21
C GLU B 299 -10.02 -30.95 32.29
N GLU B 300 -8.83 -31.19 31.75
CA GLU B 300 -7.81 -30.16 31.68
C GLU B 300 -8.30 -28.99 30.79
N SER B 301 -8.91 -29.33 29.66
CA SER B 301 -9.42 -28.29 28.76
C SER B 301 -10.49 -27.44 29.44
N MET B 302 -11.38 -28.13 30.17
CA MET B 302 -12.42 -27.46 30.93
C MET B 302 -11.85 -26.55 32.01
N GLN B 303 -10.85 -27.01 32.74
CA GLN B 303 -10.15 -26.18 33.74
C GLN B 303 -9.51 -24.94 33.13
N LYS B 304 -8.78 -25.11 32.02
CA LYS B 304 -8.15 -23.95 31.33
C LYS B 304 -9.21 -22.95 30.88
N SER B 305 -10.25 -23.46 30.19
CA SER B 305 -11.31 -22.59 29.67
C SER B 305 -11.91 -21.78 30.82
N ALA B 306 -12.27 -22.50 31.88
CA ALA B 306 -12.85 -21.88 33.06
C ALA B 306 -11.90 -20.86 33.71
N SER B 307 -10.66 -21.27 33.91
CA SER B 307 -9.67 -20.42 34.58
C SER B 307 -9.50 -19.06 33.93
N GLN B 308 -9.32 -19.06 32.62
CA GLN B 308 -9.14 -17.83 31.83
C GLN B 308 -10.38 -16.95 31.93
N LEU B 309 -11.54 -17.58 31.79
CA LEU B 309 -12.83 -16.92 31.92
C LEU B 309 -13.02 -16.29 33.27
N LYS B 310 -12.69 -17.04 34.31
CA LYS B 310 -12.81 -16.54 35.68
C LYS B 310 -11.88 -15.36 35.95
N LYS B 311 -10.68 -15.38 35.39
CA LYS B 311 -9.75 -14.27 35.63
C LYS B 311 -10.35 -12.99 35.07
N VAL B 312 -10.94 -13.09 33.87
CA VAL B 312 -11.54 -11.93 33.20
C VAL B 312 -12.75 -11.36 33.98
N LEU B 313 -13.61 -12.24 34.50
CA LEU B 313 -14.73 -11.81 35.30
C LEU B 313 -14.31 -11.11 36.59
N THR B 314 -13.40 -11.73 37.30
CA THR B 314 -12.87 -11.14 38.50
C THR B 314 -12.31 -9.76 38.18
N ASP B 315 -11.42 -9.67 37.18
CA ASP B 315 -10.83 -8.37 36.82
C ASP B 315 -11.95 -7.41 36.44
N ALA B 316 -12.98 -7.91 35.77
CA ALA B 316 -14.02 -7.03 35.26
C ALA B 316 -14.84 -6.37 36.37
N PHE B 317 -15.18 -7.14 37.41
CA PHE B 317 -15.96 -6.65 38.55
C PHE B 317 -15.05 -6.31 39.75
N ALA B 318 -14.39 -5.16 39.65
CA ALA B 318 -13.46 -4.64 40.65
C ALA B 318 -13.21 -3.21 40.20
N SER C 3 21.72 38.67 -7.60
CA SER C 3 20.97 37.46 -8.15
C SER C 3 20.05 36.77 -7.12
N ILE C 4 18.89 36.34 -7.60
CA ILE C 4 17.86 35.68 -6.77
C ILE C 4 18.37 34.32 -6.28
N THR C 5 19.18 33.66 -7.11
CA THR C 5 19.70 32.33 -6.84
C THR C 5 20.76 32.33 -5.72
N ASP C 6 21.24 33.52 -5.32
CA ASP C 6 22.07 33.66 -4.13
C ASP C 6 21.41 33.09 -2.85
N LYS C 7 20.10 32.88 -2.91
CA LYS C 7 19.33 32.31 -1.82
C LYS C 7 19.05 30.81 -1.99
N ASP C 8 19.59 30.18 -3.04
CA ASP C 8 19.50 28.73 -3.18
C ASP C 8 20.63 28.05 -2.42
N HIS C 9 20.65 28.28 -1.12
CA HIS C 9 21.63 27.70 -0.21
C HIS C 9 20.92 27.48 1.10
N GLN C 10 20.65 26.23 1.46
CA GLN C 10 19.89 25.92 2.65
C GLN C 10 20.79 25.57 3.84
N LYS C 11 20.44 26.17 4.97
CA LYS C 11 21.27 26.14 6.17
C LYS C 11 20.52 25.68 7.40
N VAL C 12 21.08 24.67 8.05
CA VAL C 12 20.50 24.15 9.29
C VAL C 12 21.48 24.41 10.43
N ILE C 13 20.96 24.89 11.55
CA ILE C 13 21.70 24.88 12.79
C ILE C 13 21.12 23.81 13.69
N LEU C 14 21.96 22.85 14.06
CA LEU C 14 21.60 21.79 14.99
C LEU C 14 22.08 22.17 16.38
N VAL C 15 21.18 22.14 17.34
CA VAL C 15 21.55 22.32 18.73
C VAL C 15 21.48 20.95 19.44
N GLY C 16 22.60 20.51 20.00
CA GLY C 16 22.68 19.21 20.64
C GLY C 16 23.35 18.21 19.76
N ASP C 17 24.56 17.81 20.16
CA ASP C 17 25.40 16.87 19.37
C ASP C 17 25.57 15.53 20.09
N GLY C 18 24.52 15.09 20.79
CA GLY C 18 24.47 13.77 21.36
C GLY C 18 24.13 12.76 20.28
N ALA C 19 23.76 11.54 20.66
CA ALA C 19 23.55 10.51 19.66
C ALA C 19 22.44 10.87 18.67
N VAL C 20 21.41 11.55 19.16
CA VAL C 20 20.29 11.95 18.27
C VAL C 20 20.75 12.97 17.22
N GLY C 21 21.42 14.03 17.67
CA GLY C 21 21.78 15.15 16.79
C GLY C 21 22.80 14.72 15.78
N SER C 22 23.78 13.96 16.27
CA SER C 22 24.86 13.45 15.43
C SER C 22 24.33 12.51 14.35
N SER C 23 23.46 11.59 14.75
CA SER C 23 22.77 10.71 13.80
C SER C 23 21.87 11.48 12.81
N TYR C 24 21.17 12.51 13.29
CA TYR C 24 20.42 13.40 12.41
C TYR C 24 21.32 13.98 11.33
N ALA C 25 22.44 14.53 11.76
CA ALA C 25 23.33 15.19 10.86
C ALA C 25 23.80 14.19 9.82
N TYR C 26 24.06 12.97 10.27
CA TYR C 26 24.60 11.96 9.35
C TYR C 26 23.51 11.60 8.33
N ALA C 27 22.26 11.54 8.79
CA ALA C 27 21.15 11.29 7.88
C ALA C 27 21.01 12.39 6.83
N MET C 28 21.20 13.63 7.25
CA MET C 28 21.13 14.77 6.33
C MET C 28 22.26 14.70 5.28
N VAL C 29 23.45 14.33 5.75
CA VAL C 29 24.61 14.15 4.88
C VAL C 29 24.38 13.09 3.81
N LEU C 30 23.95 11.91 4.23
CA LEU C 30 23.73 10.79 3.30
C LEU C 30 22.63 11.03 2.32
N GLN C 31 21.57 11.68 2.77
CA GLN C 31 20.47 11.95 1.89
C GLN C 31 20.61 13.26 1.12
N GLY C 32 21.67 14.04 1.37
CA GLY C 32 21.93 15.25 0.63
C GLY C 32 20.91 16.34 0.87
N ILE C 33 20.42 16.46 2.09
CA ILE C 33 19.42 17.44 2.41
C ILE C 33 20.16 18.60 3.05
N ALA C 34 19.91 19.79 2.55
CA ALA C 34 20.57 21.02 2.92
C ALA C 34 22.02 21.09 2.51
N GLN C 35 22.57 22.30 2.45
CA GLN C 35 23.92 22.49 1.97
C GLN C 35 24.86 22.98 3.09
N GLU C 36 24.32 23.19 4.29
CA GLU C 36 25.10 23.71 5.39
C GLU C 36 24.52 23.28 6.76
N ILE C 37 25.39 22.75 7.63
CA ILE C 37 24.97 22.28 8.95
C ILE C 37 25.95 22.82 9.96
N GLY C 38 25.48 23.71 10.83
CA GLY C 38 26.31 24.20 11.92
C GLY C 38 25.90 23.44 13.16
N ILE C 39 26.87 22.88 13.88
CA ILE C 39 26.57 22.03 15.03
C ILE C 39 26.92 22.79 16.33
N VAL C 40 25.93 23.01 17.21
CA VAL C 40 26.11 23.75 18.46
C VAL C 40 25.84 22.90 19.71
N ASP C 41 26.79 22.89 20.64
CA ASP C 41 26.71 22.09 21.87
C ASP C 41 27.69 22.64 22.92
N ILE C 42 27.39 22.43 24.20
CA ILE C 42 28.24 22.86 25.29
C ILE C 42 29.65 22.29 25.09
N PHE C 43 29.72 21.02 24.62
CA PHE C 43 30.97 20.33 24.38
C PHE C 43 31.53 20.70 22.99
N LYS C 44 32.37 21.74 22.94
CA LYS C 44 32.89 22.24 21.67
C LYS C 44 33.83 21.21 21.01
N ASP C 45 34.55 20.45 21.82
CA ASP C 45 35.40 19.41 21.26
C ASP C 45 34.63 18.41 20.44
N LYS C 46 33.59 17.88 21.06
CA LYS C 46 32.75 16.87 20.45
C LYS C 46 32.22 17.38 19.11
N THR C 47 31.74 18.61 19.08
CA THR C 47 31.21 19.13 17.84
C THR C 47 32.28 19.37 16.75
N LYS C 48 33.47 19.82 17.14
CA LYS C 48 34.56 19.95 16.22
C LYS C 48 34.87 18.59 15.57
N GLY C 49 34.91 17.55 16.41
CA GLY C 49 35.23 16.20 15.98
C GLY C 49 34.18 15.57 15.09
N ASP C 50 32.92 15.82 15.41
CA ASP C 50 31.82 15.34 14.61
C ASP C 50 31.80 16.04 13.25
N ALA C 51 32.01 17.34 13.25
CA ALA C 51 32.05 18.10 11.99
C ALA C 51 33.07 17.49 11.05
N ILE C 52 34.23 17.13 11.58
CA ILE C 52 35.25 16.50 10.78
C ILE C 52 34.79 15.13 10.35
N ASP C 53 34.29 14.35 11.29
CA ASP C 53 33.97 12.94 11.01
C ASP C 53 32.84 12.87 9.97
N LEU C 54 31.85 13.75 10.10
CA LEU C 54 30.80 13.86 9.14
C LEU C 54 31.32 14.37 7.77
N SER C 55 32.23 15.33 7.77
CA SER C 55 32.80 15.81 6.53
C SER C 55 33.51 14.73 5.76
N ASN C 56 34.08 13.75 6.47
CA ASN C 56 34.77 12.61 5.82
C ASN C 56 33.86 11.79 4.94
N ALA C 57 32.57 11.84 5.21
CA ALA C 57 31.58 11.13 4.38
C ALA C 57 31.21 11.83 3.08
N LEU C 58 31.52 13.12 2.96
CA LEU C 58 31.02 13.93 1.82
C LEU C 58 31.45 13.52 0.42
N PRO C 59 32.66 12.99 0.26
CA PRO C 59 33.01 12.52 -1.08
C PRO C 59 32.14 11.40 -1.66
N PHE C 60 31.24 10.84 -0.86
CA PHE C 60 30.36 9.75 -1.27
C PHE C 60 28.93 10.25 -1.32
N THR C 61 28.74 11.54 -1.22
CA THR C 61 27.43 12.09 -1.13
C THR C 61 27.49 13.52 -1.75
N SER C 62 26.43 14.33 -1.66
CA SER C 62 26.49 15.69 -2.18
C SER C 62 27.21 16.57 -1.16
N PRO C 63 27.72 17.72 -1.58
CA PRO C 63 28.56 18.49 -0.64
C PRO C 63 27.79 19.30 0.36
N LYS C 64 28.49 19.75 1.39
CA LYS C 64 27.92 20.46 2.52
C LYS C 64 29.03 21.18 3.28
N LYS C 65 28.76 22.37 3.76
CA LYS C 65 29.65 23.02 4.70
C LYS C 65 29.19 22.63 6.09
N ILE C 66 30.08 22.02 6.88
CA ILE C 66 29.76 21.48 8.21
C ILE C 66 30.77 21.97 9.20
N TYR C 67 30.32 22.47 10.34
CA TYR C 67 31.26 23.08 11.28
C TYR C 67 30.70 23.17 12.67
N SER C 68 31.62 23.26 13.65
CA SER C 68 31.25 23.52 15.03
C SER C 68 30.78 24.93 15.00
N ALA C 69 29.59 25.17 15.57
CA ALA C 69 28.98 26.48 15.44
C ALA C 69 28.60 27.12 16.77
N GLU C 70 28.19 28.39 16.68
CA GLU C 70 27.65 29.17 17.80
C GLU C 70 26.23 29.65 17.49
N TYR C 71 25.46 29.88 18.53
CA TYR C 71 24.12 30.42 18.39
C TYR C 71 24.02 31.56 17.38
N SER C 72 25.03 32.44 17.33
CA SER C 72 25.01 33.59 16.43
C SER C 72 25.01 33.15 14.96
N ASP C 73 25.48 31.93 14.67
CA ASP C 73 25.47 31.45 13.30
C ASP C 73 24.06 31.15 12.80
N ALA C 74 23.04 31.28 13.66
CA ALA C 74 21.65 31.08 13.24
C ALA C 74 21.08 32.30 12.49
N LYS C 75 21.84 33.39 12.41
CA LYS C 75 21.33 34.64 11.84
C LYS C 75 20.54 34.37 10.55
N ASP C 76 21.15 33.62 9.63
CA ASP C 76 20.58 33.42 8.31
C ASP C 76 20.23 31.97 8.07
N ALA C 77 19.92 31.23 9.13
CA ALA C 77 19.56 29.81 9.02
C ALA C 77 18.10 29.59 8.63
N ASP C 78 17.86 28.54 7.85
CA ASP C 78 16.50 28.18 7.47
C ASP C 78 15.84 27.48 8.59
N LEU C 79 16.62 26.74 9.36
CA LEU C 79 16.09 25.74 10.25
C LEU C 79 16.96 25.67 11.51
N VAL C 80 16.31 25.65 12.66
CA VAL C 80 16.98 25.37 13.89
C VAL C 80 16.37 24.10 14.45
N VAL C 81 17.21 23.09 14.63
CA VAL C 81 16.78 21.83 15.21
C VAL C 81 17.32 21.65 16.64
N ILE C 82 16.43 21.46 17.60
CA ILE C 82 16.81 21.39 19.00
C ILE C 82 16.64 19.96 19.49
N THR C 83 17.76 19.36 19.87
CA THR C 83 17.80 18.00 20.41
C THR C 83 18.37 17.93 21.82
N ALA C 84 18.83 19.07 22.34
CA ALA C 84 19.47 19.17 23.70
C ALA C 84 18.49 19.04 24.87
N GLY C 85 18.17 17.78 25.23
CA GLY C 85 17.23 17.43 26.30
C GLY C 85 17.81 16.79 27.55
N ALA C 86 17.81 17.52 28.67
CA ALA C 86 18.27 16.93 29.94
C ALA C 86 17.29 15.83 30.41
N PRO C 87 17.80 14.61 30.65
CA PRO C 87 16.91 13.49 31.04
C PRO C 87 16.43 13.50 32.51
N GLN C 88 15.34 12.81 32.78
CA GLN C 88 14.77 12.74 34.14
C GLN C 88 15.63 11.93 35.09
N THR C 93 10.34 14.65 39.71
CA THR C 93 8.95 14.79 39.26
C THR C 93 8.96 15.21 37.79
N ARG C 94 7.85 15.03 37.09
CA ARG C 94 7.72 15.51 35.73
C ARG C 94 7.90 17.03 35.66
N LEU C 95 7.34 17.73 36.66
CA LEU C 95 7.43 19.18 36.73
C LEU C 95 8.87 19.66 36.93
N ASP C 96 9.67 18.87 37.63
CA ASP C 96 11.11 19.13 37.79
C ASP C 96 11.80 19.05 36.45
N LEU C 97 11.52 17.95 35.74
CA LEU C 97 12.07 17.68 34.41
C LEU C 97 11.81 18.85 33.47
N VAL C 98 10.57 19.29 33.46
CA VAL C 98 10.19 20.45 32.69
C VAL C 98 10.99 21.70 33.09
N ASN C 99 10.97 22.06 34.38
CA ASN C 99 11.69 23.27 34.83
C ASN C 99 13.17 23.27 34.51
N LYS C 100 13.80 22.13 34.69
CA LYS C 100 15.20 21.95 34.38
C LYS C 100 15.48 22.22 32.90
N ASN C 101 14.65 21.63 32.03
CA ASN C 101 14.79 21.80 30.58
C ASN C 101 14.37 23.18 30.12
N LEU C 102 13.53 23.87 30.88
CA LEU C 102 13.17 25.25 30.54
C LEU C 102 14.36 26.21 30.68
N LYS C 103 15.14 26.04 31.76
CA LYS C 103 16.31 26.87 31.99
C LYS C 103 17.25 26.69 30.83
N ILE C 104 17.54 25.42 30.54
CA ILE C 104 18.42 25.11 29.42
C ILE C 104 17.87 25.60 28.07
N LEU C 105 16.57 25.38 27.84
CA LEU C 105 15.95 25.82 26.58
C LEU C 105 16.02 27.34 26.36
N LYS C 106 15.80 28.09 27.43
CA LYS C 106 15.86 29.55 27.36
C LYS C 106 17.26 30.05 26.99
N SER C 107 18.27 29.35 27.49
CA SER C 107 19.66 29.69 27.22
C SER C 107 20.04 29.40 25.78
N ILE C 108 19.21 28.61 25.10
CA ILE C 108 19.35 28.34 23.68
C ILE C 108 18.54 29.30 22.82
N VAL C 109 17.26 29.40 23.14
CA VAL C 109 16.34 30.12 22.27
C VAL C 109 16.63 31.61 22.24
N ASP C 110 16.87 32.20 23.40
CA ASP C 110 17.12 33.65 23.45
C ASP C 110 18.27 34.07 22.53
N PRO C 111 19.44 33.44 22.66
CA PRO C 111 20.53 33.89 21.78
C PRO C 111 20.28 33.61 20.31
N ILE C 112 19.54 32.54 20.03
CA ILE C 112 19.19 32.27 18.66
C ILE C 112 18.32 33.37 18.08
N VAL C 113 17.31 33.77 18.83
CA VAL C 113 16.46 34.87 18.40
C VAL C 113 17.28 36.15 18.24
N ASP C 114 18.19 36.39 19.19
CA ASP C 114 19.06 37.59 19.15
C ASP C 114 19.95 37.60 17.92
N SER C 115 20.35 36.43 17.44
CA SER C 115 21.11 36.36 16.18
C SER C 115 20.39 37.00 14.97
N GLY C 116 19.06 37.06 15.00
CA GLY C 116 18.28 37.53 13.88
C GLY C 116 17.61 36.39 13.14
N PHE C 117 17.83 35.15 13.61
CA PHE C 117 17.18 33.99 13.05
C PHE C 117 15.73 34.27 12.76
N ASN C 118 15.30 33.87 11.58
CA ASN C 118 13.99 34.18 11.14
C ASN C 118 13.44 33.00 10.31
N GLY C 119 13.69 31.78 10.79
CA GLY C 119 13.31 30.56 10.09
C GLY C 119 12.29 29.73 10.85
N ILE C 120 12.44 28.41 10.79
CA ILE C 120 11.57 27.52 11.53
C ILE C 120 12.32 26.76 12.62
N PHE C 121 11.69 26.62 13.78
CA PHE C 121 12.21 25.83 14.86
C PHE C 121 11.67 24.44 14.73
N LEU C 122 12.54 23.45 14.83
CA LEU C 122 12.12 22.05 14.87
C LEU C 122 12.61 21.47 16.16
N VAL C 123 11.67 21.04 17.01
CA VAL C 123 12.00 20.62 18.36
C VAL C 123 11.84 19.12 18.54
N ALA C 124 12.90 18.45 19.03
CA ALA C 124 12.88 17.02 19.31
C ALA C 124 13.22 16.65 20.75
N ALA C 125 13.84 17.56 21.47
CA ALA C 125 14.13 17.34 22.87
C ALA C 125 12.94 16.89 23.69
N ASN C 126 13.18 15.91 24.55
CA ASN C 126 12.14 15.41 25.42
C ASN C 126 12.09 16.18 26.71
N PRO C 127 10.87 16.44 27.18
CA PRO C 127 9.59 15.99 26.64
C PRO C 127 9.05 16.92 25.54
N VAL C 128 8.86 16.36 24.35
CA VAL C 128 8.79 17.15 23.14
C VAL C 128 7.59 18.11 23.03
N ASP C 129 6.40 17.66 23.33
CA ASP C 129 5.24 18.52 23.16
C ASP C 129 5.34 19.73 24.10
N ILE C 130 5.79 19.50 25.32
CA ILE C 130 5.98 20.57 26.27
C ILE C 130 7.06 21.55 25.80
N LEU C 131 8.24 21.04 25.43
CA LEU C 131 9.32 21.94 25.03
C LEU C 131 9.03 22.63 23.69
N THR C 132 8.16 22.03 22.88
CA THR C 132 7.72 22.69 21.68
C THR C 132 6.91 23.92 22.09
N TYR C 133 5.94 23.75 23.01
CA TYR C 133 5.19 24.89 23.52
C TYR C 133 6.14 25.92 24.17
N ALA C 134 7.08 25.44 24.99
CA ALA C 134 8.01 26.34 25.63
C ALA C 134 8.83 27.10 24.60
N THR C 135 9.21 26.44 23.51
CA THR C 135 10.00 27.06 22.46
C THR C 135 9.21 28.18 21.80
N TRP C 136 7.93 27.91 21.51
CA TRP C 136 7.03 28.94 20.94
C TRP C 136 6.91 30.13 21.88
N LYS C 137 6.65 29.84 23.14
CA LYS C 137 6.50 30.86 24.16
C LYS C 137 7.76 31.72 24.33
N LEU C 138 8.93 31.07 24.40
CA LEU C 138 10.21 31.76 24.53
C LEU C 138 10.60 32.52 23.27
N SER C 139 10.34 31.96 22.11
CA SER C 139 10.85 32.56 20.87
C SER C 139 10.03 33.76 20.42
N GLY C 140 8.74 33.74 20.76
CA GLY C 140 7.82 34.72 20.22
C GLY C 140 7.51 34.50 18.75
N PHE C 141 7.97 33.40 18.15
CA PHE C 141 7.64 33.12 16.74
C PHE C 141 6.18 32.75 16.55
N PRO C 142 5.69 32.84 15.33
CA PRO C 142 4.34 32.28 15.05
C PRO C 142 4.18 30.76 15.29
N LYS C 143 2.97 30.38 15.66
CA LYS C 143 2.59 28.99 15.94
C LYS C 143 3.04 27.98 14.86
N ASN C 144 2.84 28.35 13.60
CA ASN C 144 3.10 27.44 12.52
C ASN C 144 4.59 27.29 12.19
N ARG C 145 5.44 28.15 12.79
CA ARG C 145 6.88 28.12 12.58
C ARG C 145 7.64 27.56 13.76
N VAL C 146 6.92 26.96 14.70
CA VAL C 146 7.53 26.16 15.74
C VAL C 146 6.88 24.79 15.70
N VAL C 147 7.68 23.77 15.49
CA VAL C 147 7.20 22.46 15.19
C VAL C 147 7.91 21.44 16.03
N GLY C 148 7.16 20.49 16.56
CA GLY C 148 7.77 19.40 17.33
C GLY C 148 7.65 18.09 16.60
N SER C 149 8.56 17.17 16.91
CA SER C 149 8.60 15.89 16.21
C SER C 149 7.41 15.02 16.68
N GLY C 150 6.92 15.31 17.87
CA GLY C 150 5.73 14.70 18.35
C GLY C 150 5.70 13.19 18.28
N THR C 151 4.66 12.66 17.68
CA THR C 151 4.49 11.24 17.53
C THR C 151 4.90 10.75 16.11
N SER C 152 5.74 11.51 15.41
CA SER C 152 6.24 11.04 14.10
C SER C 152 7.02 9.74 14.28
N LEU C 153 7.84 9.64 15.32
CA LEU C 153 8.60 8.41 15.59
C LEU C 153 7.73 7.22 16.08
N ASP C 154 6.86 7.48 17.07
CA ASP C 154 5.90 6.47 17.53
C ASP C 154 5.07 5.94 16.39
N THR C 155 4.64 6.85 15.52
CA THR C 155 3.89 6.48 14.32
C THR C 155 4.75 5.55 13.43
N ALA C 156 5.99 5.95 13.15
CA ALA C 156 6.88 5.08 12.37
C ALA C 156 6.98 3.70 13.02
N ARG C 157 7.22 3.67 14.33
CA ARG C 157 7.34 2.40 15.04
C ARG C 157 6.06 1.56 14.87
N PHE C 158 4.91 2.20 15.00
CA PHE C 158 3.62 1.54 14.82
C PHE C 158 3.49 0.92 13.43
N ARG C 159 3.82 1.70 12.41
CA ARG C 159 3.70 1.20 11.07
C ARG C 159 4.61 0.02 10.82
N GLN C 160 5.81 0.09 11.36
CA GLN C 160 6.79 -0.94 11.08
C GLN C 160 6.38 -2.25 11.76
N SER C 161 5.80 -2.10 12.93
CA SER C 161 5.27 -3.23 13.65
C SER C 161 4.17 -3.95 12.87
N ILE C 162 3.20 -3.19 12.37
CA ILE C 162 2.12 -3.70 11.54
C ILE C 162 2.68 -4.31 10.25
N ALA C 163 3.53 -3.57 9.57
CA ALA C 163 4.25 -4.07 8.38
C ALA C 163 4.90 -5.46 8.58
N GLU C 164 5.57 -5.63 9.72
CA GLU C 164 6.23 -6.90 10.04
C GLU C 164 5.21 -8.01 10.27
N MET C 165 4.12 -7.68 10.95
CA MET C 165 3.09 -8.68 11.19
C MET C 165 2.47 -9.16 9.90
N VAL C 166 2.17 -8.24 9.01
CA VAL C 166 1.42 -8.55 7.81
C VAL C 166 2.32 -8.83 6.61
N ASN C 167 3.62 -8.65 6.78
CA ASN C 167 4.61 -8.83 5.72
C ASN C 167 4.43 -7.92 4.49
N VAL C 168 4.44 -6.63 4.75
CA VAL C 168 4.17 -5.60 3.75
C VAL C 168 5.14 -4.45 4.02
N ASP C 169 5.49 -3.71 2.97
CA ASP C 169 6.37 -2.54 3.10
C ASP C 169 5.68 -1.52 3.97
N ALA C 170 6.37 -1.03 4.99
CA ALA C 170 5.76 -0.06 5.90
C ALA C 170 5.25 1.19 5.20
N ARG C 171 5.86 1.57 4.05
CA ARG C 171 5.34 2.72 3.29
C ARG C 171 3.93 2.48 2.73
N SER C 172 3.47 1.23 2.72
CA SER C 172 2.11 0.86 2.34
C SER C 172 1.15 0.75 3.54
N VAL C 173 1.66 1.01 4.76
CA VAL C 173 0.87 0.95 5.99
C VAL C 173 0.60 2.36 6.45
N HIS C 174 -0.65 2.66 6.80
CA HIS C 174 -1.07 4.02 7.13
C HIS C 174 -1.78 3.97 8.46
N ALA C 175 -1.06 4.37 9.51
CA ALA C 175 -1.56 4.28 10.85
C ALA C 175 -0.88 5.31 11.71
N TYR C 176 -1.63 5.92 12.61
CA TYR C 176 -1.11 6.99 13.43
C TYR C 176 -1.07 6.61 14.91
N ILE C 177 -0.09 7.18 15.61
CA ILE C 177 -0.13 7.32 17.06
C ILE C 177 -0.27 8.82 17.33
N MET C 178 -1.15 9.16 18.25
CA MET C 178 -1.52 10.55 18.51
C MET C 178 -1.55 10.83 19.98
N GLY C 179 -1.68 12.11 20.29
CA GLY C 179 -1.63 12.61 21.64
C GLY C 179 -0.30 13.22 22.00
N GLU C 180 -0.04 13.30 23.29
CA GLU C 180 1.26 13.69 23.77
C GLU C 180 2.19 12.51 23.63
N HIS C 181 3.32 12.71 22.97
CA HIS C 181 4.33 11.69 22.91
C HIS C 181 4.72 11.27 24.31
N GLY C 182 4.56 9.99 24.63
CA GLY C 182 4.80 9.46 25.98
C GLY C 182 3.70 8.50 26.40
N ASP C 183 3.61 8.24 27.70
CA ASP C 183 2.71 7.22 28.26
C ASP C 183 1.24 7.34 27.85
N THR C 184 0.77 8.55 27.59
CA THR C 184 -0.66 8.77 27.32
C THR C 184 -1.01 8.79 25.85
N GLU C 185 -0.04 8.50 24.99
CA GLU C 185 -0.33 8.50 23.55
C GLU C 185 -1.26 7.32 23.26
N PHE C 186 -1.91 7.34 22.11
CA PHE C 186 -2.81 6.26 21.76
C PHE C 186 -2.85 6.00 20.26
N PRO C 187 -3.15 4.76 19.86
CA PRO C 187 -3.27 4.42 18.46
C PRO C 187 -4.64 4.74 17.90
N VAL C 188 -4.67 5.15 16.64
CA VAL C 188 -5.93 5.43 15.96
C VAL C 188 -6.31 4.25 15.11
N TRP C 189 -6.80 3.19 15.76
CA TRP C 189 -7.13 1.97 15.02
C TRP C 189 -8.25 2.18 14.03
N SER C 190 -9.15 3.12 14.33
CA SER C 190 -10.29 3.37 13.45
C SER C 190 -9.88 3.74 12.03
N HIS C 191 -8.73 4.38 11.85
CA HIS C 191 -8.31 4.85 10.54
C HIS C 191 -7.06 4.18 10.04
N ALA C 192 -6.53 3.24 10.82
CA ALA C 192 -5.32 2.55 10.44
C ALA C 192 -5.62 1.54 9.35
N ASN C 193 -4.76 1.46 8.34
CA ASN C 193 -5.02 0.57 7.22
C ASN C 193 -3.79 0.23 6.43
N ILE C 194 -3.95 -0.77 5.57
CA ILE C 194 -2.94 -1.26 4.72
C ILE C 194 -3.54 -1.25 3.31
N GLY C 195 -3.05 -0.34 2.45
CA GLY C 195 -3.56 -0.21 1.10
C GLY C 195 -5.03 0.06 1.06
N GLY C 196 -5.52 0.85 2.02
CA GLY C 196 -6.95 1.15 2.12
C GLY C 196 -7.84 0.13 2.82
N VAL C 197 -7.32 -1.08 3.07
CA VAL C 197 -8.06 -2.07 3.86
C VAL C 197 -7.77 -1.81 5.34
N THR C 198 -8.80 -1.49 6.13
CA THR C 198 -8.55 -1.12 7.54
C THR C 198 -8.07 -2.33 8.33
N ILE C 199 -7.50 -2.08 9.51
CA ILE C 199 -7.05 -3.19 10.33
C ILE C 199 -8.28 -4.02 10.76
N ALA C 200 -9.40 -3.36 11.01
CA ALA C 200 -10.67 -4.08 11.33
C ALA C 200 -11.10 -5.00 10.19
N GLU C 201 -11.03 -4.49 8.98
CA GLU C 201 -11.32 -5.27 7.79
C GLU C 201 -10.24 -6.33 7.56
N TRP C 202 -8.98 -6.02 7.90
CA TRP C 202 -7.86 -6.96 7.68
C TRP C 202 -8.03 -8.19 8.56
N VAL C 203 -8.43 -7.95 9.80
CA VAL C 203 -8.64 -8.99 10.81
C VAL C 203 -9.81 -9.94 10.43
N LYS C 204 -10.89 -9.38 9.91
CA LYS C 204 -12.02 -10.16 9.33
C LYS C 204 -11.48 -11.14 8.29
N ALA C 205 -10.76 -10.65 7.29
CA ALA C 205 -10.17 -11.54 6.27
C ALA C 205 -9.04 -12.50 6.82
N HIS C 206 -8.39 -12.17 7.93
CA HIS C 206 -7.28 -12.95 8.48
C HIS C 206 -7.44 -13.16 9.96
N PRO C 207 -8.40 -14.01 10.32
CA PRO C 207 -8.76 -14.19 11.74
C PRO C 207 -7.67 -14.87 12.62
N GLU C 208 -6.55 -15.30 12.03
CA GLU C 208 -5.34 -15.68 12.80
C GLU C 208 -4.87 -14.53 13.68
N ILE C 209 -5.15 -13.29 13.26
CA ILE C 209 -4.67 -12.11 13.95
C ILE C 209 -5.58 -11.86 15.14
N LYS C 210 -5.04 -12.14 16.34
CA LYS C 210 -5.81 -12.06 17.55
C LYS C 210 -5.86 -10.63 18.06
N GLU C 211 -7.01 -10.28 18.61
CA GLU C 211 -7.19 -8.98 19.17
C GLU C 211 -6.07 -8.63 20.19
N ASP C 212 -5.65 -9.65 20.96
CA ASP C 212 -4.49 -9.66 21.91
C ASP C 212 -3.22 -9.15 21.30
N LYS C 213 -2.95 -9.64 20.10
CA LYS C 213 -1.74 -9.32 19.39
C LYS C 213 -1.67 -7.81 19.09
N LEU C 214 -2.80 -7.22 18.66
CA LEU C 214 -2.88 -5.81 18.36
C LEU C 214 -2.68 -4.92 19.59
N VAL C 215 -3.24 -5.34 20.71
CA VAL C 215 -3.10 -4.59 21.95
C VAL C 215 -1.64 -4.57 22.35
N LYS C 216 -1.01 -5.75 22.28
CA LYS C 216 0.36 -5.93 22.71
C LYS C 216 1.26 -5.18 21.74
N MET C 217 0.90 -5.23 20.48
CA MET C 217 1.64 -4.51 19.48
C MET C 217 1.74 -3.01 19.85
N PHE C 218 0.61 -2.40 20.25
CA PHE C 218 0.63 -0.97 20.63
C PHE C 218 1.42 -0.75 21.91
N GLU C 219 1.29 -1.67 22.84
CA GLU C 219 2.02 -1.58 24.11
C GLU C 219 3.52 -1.59 23.85
N ASP C 220 3.96 -2.51 23.01
CA ASP C 220 5.35 -2.58 22.58
C ASP C 220 5.80 -1.28 21.93
N VAL C 221 4.93 -0.65 21.15
CA VAL C 221 5.27 0.64 20.57
C VAL C 221 5.43 1.70 21.66
N ARG C 222 4.43 1.84 22.51
CA ARG C 222 4.44 2.82 23.62
C ARG C 222 5.66 2.68 24.52
N ASP C 223 6.08 1.45 24.75
CA ASP C 223 7.22 1.17 25.60
C ASP C 223 8.51 0.94 24.82
N ALA C 224 8.53 1.29 23.54
CA ALA C 224 9.68 0.93 22.70
C ALA C 224 10.99 1.54 23.17
N ALA C 225 10.96 2.81 23.57
CA ALA C 225 12.17 3.48 24.08
C ALA C 225 12.78 2.70 25.26
N TYR C 226 11.93 2.28 26.21
CA TYR C 226 12.43 1.53 27.37
C TYR C 226 13.13 0.23 26.91
N GLU C 227 12.55 -0.47 25.95
CA GLU C 227 13.12 -1.74 25.48
C GLU C 227 14.48 -1.52 24.81
N ILE C 228 14.53 -0.51 23.94
CA ILE C 228 15.75 -0.23 23.19
C ILE C 228 16.86 0.23 24.15
N ILE C 229 16.52 1.12 25.08
CA ILE C 229 17.47 1.63 26.05
C ILE C 229 18.02 0.48 26.90
N LYS C 230 17.13 -0.42 27.30
CA LYS C 230 17.53 -1.59 28.05
C LYS C 230 18.51 -2.46 27.26
N LEU C 231 18.27 -2.61 25.96
CA LEU C 231 19.10 -3.48 25.14
C LEU C 231 20.40 -2.87 24.68
N LYS C 232 20.42 -1.57 24.39
CA LYS C 232 21.65 -0.96 23.84
C LYS C 232 22.06 0.39 24.43
N GLY C 233 21.37 0.89 25.44
CA GLY C 233 21.80 2.08 26.15
C GLY C 233 21.10 3.36 25.72
N ALA C 234 20.66 3.44 24.47
CA ALA C 234 20.01 4.64 23.98
C ALA C 234 19.18 4.36 22.74
N THR C 235 18.34 5.32 22.36
CA THR C 235 17.60 5.23 21.11
C THR C 235 17.99 6.45 20.31
N PHE C 236 18.22 6.28 19.02
CA PHE C 236 18.50 7.43 18.20
C PHE C 236 18.21 7.32 16.69
N TYR C 237 18.35 6.14 16.10
CA TYR C 237 18.20 6.05 14.67
C TYR C 237 16.79 6.42 14.18
N GLY C 238 15.78 6.03 14.95
CA GLY C 238 14.41 6.34 14.57
C GLY C 238 14.08 7.83 14.53
N ILE C 239 14.42 8.54 15.61
CA ILE C 239 14.11 9.98 15.69
C ILE C 239 14.98 10.79 14.75
N ALA C 240 16.25 10.40 14.60
CA ALA C 240 17.14 11.06 13.64
C ALA C 240 16.57 10.98 12.25
N THR C 241 16.11 9.78 11.90
CA THR C 241 15.52 9.57 10.58
C THR C 241 14.22 10.42 10.37
N ALA C 242 13.38 10.48 11.40
CA ALA C 242 12.17 11.28 11.39
C ALA C 242 12.46 12.76 11.25
N LEU C 243 13.46 13.23 11.99
CA LEU C 243 13.85 14.63 11.90
C LEU C 243 14.32 14.98 10.50
N ALA C 244 15.07 14.08 9.88
CA ALA C 244 15.55 14.33 8.52
C ALA C 244 14.39 14.34 7.55
N ARG C 245 13.39 13.50 7.79
CA ARG C 245 12.19 13.47 6.96
C ARG C 245 11.42 14.78 7.06
N ILE C 246 11.26 15.28 8.27
CA ILE C 246 10.56 16.53 8.48
C ILE C 246 11.35 17.66 7.85
N SER C 247 12.67 17.61 8.03
CA SER C 247 13.55 18.65 7.49
C SER C 247 13.37 18.71 6.01
N LYS C 248 13.33 17.55 5.37
CA LYS C 248 13.15 17.47 3.91
C LYS C 248 11.76 18.03 3.46
N ALA C 249 10.71 17.77 4.24
CA ALA C 249 9.37 18.30 3.92
C ALA C 249 9.32 19.83 3.95
N ILE C 250 9.99 20.42 4.93
CA ILE C 250 10.16 21.86 4.97
C ILE C 250 11.03 22.37 3.80
N LEU C 251 12.25 21.89 3.70
CA LEU C 251 13.20 22.47 2.73
C LEU C 251 12.82 22.26 1.28
N ASN C 252 12.13 21.17 0.95
CA ASN C 252 11.65 20.94 -0.43
C ASN C 252 10.18 21.26 -0.57
N ASP C 253 9.65 22.02 0.40
CA ASP C 253 8.35 22.64 0.27
C ASP C 253 7.28 21.64 -0.19
N GLU C 254 7.17 20.53 0.51
CA GLU C 254 6.46 19.37 0.04
C GLU C 254 4.94 19.42 0.27
N ASN C 255 4.49 20.11 1.32
CA ASN C 255 3.12 19.95 1.78
C ASN C 255 2.82 18.51 2.09
N ALA C 256 3.74 17.89 2.80
CA ALA C 256 3.57 16.50 3.20
C ALA C 256 2.72 16.46 4.45
N VAL C 257 2.00 15.35 4.62
CA VAL C 257 1.24 15.11 5.83
C VAL C 257 2.05 14.26 6.78
N LEU C 258 2.34 14.83 7.94
CA LEU C 258 3.07 14.10 8.98
C LEU C 258 2.42 14.28 10.33
N PRO C 259 2.55 13.27 11.21
CA PRO C 259 2.18 13.48 12.59
C PRO C 259 3.22 14.33 13.27
N LEU C 260 2.82 15.49 13.75
CA LEU C 260 3.74 16.43 14.35
C LEU C 260 3.09 17.08 15.55
N SER C 261 3.91 17.65 16.41
CA SER C 261 3.41 18.42 17.51
C SER C 261 3.09 19.82 17.03
N VAL C 262 1.81 20.17 17.04
CA VAL C 262 1.32 21.42 16.45
C VAL C 262 0.39 22.13 17.42
N TYR C 263 0.23 23.44 17.22
CA TYR C 263 -0.57 24.28 18.15
C TYR C 263 -2.06 24.10 17.96
N MET C 264 -2.72 23.93 19.09
CA MET C 264 -4.11 23.54 19.09
C MET C 264 -5.01 24.78 19.21
N ASP C 265 -5.75 25.09 18.13
CA ASP C 265 -6.69 26.22 18.11
C ASP C 265 -8.11 25.75 17.81
N GLY C 266 -8.63 24.86 18.65
CA GLY C 266 -10.01 24.37 18.53
C GLY C 266 -10.11 22.91 18.16
N GLN C 267 -9.10 22.39 17.46
CA GLN C 267 -9.12 21.01 16.99
C GLN C 267 -9.29 20.04 18.14
N TYR C 268 -10.13 19.02 17.94
CA TYR C 268 -10.43 18.00 18.94
C TYR C 268 -11.01 18.60 20.24
N GLY C 269 -11.55 19.81 20.13
CA GLY C 269 -11.98 20.57 21.31
C GLY C 269 -10.86 20.97 22.24
N LEU C 270 -9.67 21.19 21.69
CA LEU C 270 -8.48 21.53 22.49
C LEU C 270 -7.97 22.93 22.17
N ASN C 271 -7.31 23.54 23.15
CA ASN C 271 -6.77 24.90 23.00
C ASN C 271 -5.47 25.19 23.74
N ASP C 272 -4.57 25.91 23.06
CA ASP C 272 -3.38 26.47 23.69
C ASP C 272 -2.43 25.44 24.29
N ILE C 273 -2.25 24.34 23.55
CA ILE C 273 -1.17 23.41 23.79
C ILE C 273 -0.63 22.92 22.46
N TYR C 274 0.60 22.42 22.48
CA TYR C 274 1.11 21.70 21.34
C TYR C 274 0.88 20.24 21.66
N ILE C 275 0.37 19.53 20.66
CA ILE C 275 0.08 18.12 20.77
C ILE C 275 0.16 17.43 19.39
N GLY C 276 0.27 16.09 19.40
CA GLY C 276 0.50 15.33 18.20
C GLY C 276 -0.73 14.97 17.40
N THR C 277 -0.73 15.38 16.13
CA THR C 277 -1.77 15.09 15.17
C THR C 277 -1.20 15.23 13.76
N PRO C 278 -1.82 14.57 12.76
CA PRO C 278 -1.38 14.81 11.40
C PRO C 278 -1.53 16.25 10.99
N ALA C 279 -0.55 16.75 10.25
CA ALA C 279 -0.58 18.12 9.78
C ALA C 279 0.17 18.23 8.47
N VAL C 280 -0.18 19.25 7.69
CA VAL C 280 0.45 19.52 6.42
C VAL C 280 1.58 20.49 6.70
N ILE C 281 2.78 20.18 6.20
CA ILE C 281 3.95 21.03 6.43
C ILE C 281 4.68 21.35 5.12
N ASN C 282 5.15 22.59 5.00
CA ASN C 282 5.97 22.98 3.85
C ASN C 282 7.04 23.99 4.25
N ARG C 283 7.58 24.73 3.28
CA ARG C 283 8.65 25.69 3.55
C ARG C 283 8.33 26.71 4.61
N ASN C 284 7.04 27.03 4.75
CA ASN C 284 6.57 27.98 5.76
C ASN C 284 6.07 27.35 7.05
N GLY C 285 6.43 26.10 7.29
CA GLY C 285 5.94 25.39 8.47
C GLY C 285 4.54 24.83 8.27
N ILE C 286 3.76 24.85 9.34
CA ILE C 286 2.48 24.17 9.36
C ILE C 286 1.46 24.94 8.51
N GLN C 287 0.83 24.25 7.57
CA GLN C 287 -0.23 24.84 6.73
C GLN C 287 -1.63 24.42 7.15
N ASN C 288 -1.83 23.16 7.51
CA ASN C 288 -3.10 22.69 7.96
C ASN C 288 -2.89 21.73 9.08
N ILE C 289 -3.76 21.81 10.08
CA ILE C 289 -3.83 20.79 11.08
C ILE C 289 -4.98 19.89 10.65
N LEU C 290 -4.72 18.60 10.50
CA LEU C 290 -5.76 17.68 10.13
C LEU C 290 -6.41 17.18 11.39
N GLU C 291 -7.73 17.24 11.39
CA GLU C 291 -8.52 16.75 12.50
C GLU C 291 -9.10 15.39 12.16
N ILE C 292 -8.44 14.29 12.52
CA ILE C 292 -9.02 12.97 12.27
C ILE C 292 -10.27 12.86 13.12
N PRO C 293 -11.40 12.42 12.51
CA PRO C 293 -12.57 12.21 13.36
C PRO C 293 -12.44 10.88 14.10
N LEU C 294 -12.34 10.93 15.42
CA LEU C 294 -12.03 9.75 16.22
C LEU C 294 -13.29 9.09 16.73
N THR C 295 -13.18 7.82 17.09
CA THR C 295 -14.24 7.15 17.81
C THR C 295 -14.40 7.83 19.17
N ASP C 296 -15.48 7.51 19.87
CA ASP C 296 -15.63 8.02 21.23
C ASP C 296 -14.45 7.55 22.10
N HIS C 297 -14.11 6.26 21.99
CA HIS C 297 -13.06 5.56 22.74
C HIS C 297 -11.71 6.34 22.47
N GLU C 298 -11.41 6.57 21.19
CA GLU C 298 -10.22 7.33 20.75
C GLU C 298 -10.23 8.81 21.18
N GLU C 299 -11.38 9.48 21.07
CA GLU C 299 -11.49 10.90 21.45
C GLU C 299 -11.25 11.07 22.96
N GLU C 300 -11.67 10.08 23.73
CA GLU C 300 -11.45 10.09 25.17
C GLU C 300 -9.96 10.03 25.47
N SER C 301 -9.23 9.18 24.75
CA SER C 301 -7.78 9.07 24.93
C SER C 301 -7.05 10.38 24.63
N MET C 302 -7.47 11.03 23.55
CA MET C 302 -6.97 12.36 23.20
C MET C 302 -7.26 13.41 24.28
N GLN C 303 -8.49 13.43 24.80
CA GLN C 303 -8.87 14.38 25.86
C GLN C 303 -8.01 14.18 27.11
N LYS C 304 -7.88 12.93 27.55
CA LYS C 304 -7.04 12.63 28.72
C LYS C 304 -5.60 13.06 28.47
N SER C 305 -5.02 12.65 27.34
CA SER C 305 -3.65 12.98 27.02
C SER C 305 -3.47 14.47 27.10
N ALA C 306 -4.36 15.20 26.43
CA ALA C 306 -4.34 16.67 26.40
C ALA C 306 -4.51 17.29 27.79
N SER C 307 -5.50 16.81 28.54
CA SER C 307 -5.76 17.29 29.90
C SER C 307 -4.52 17.29 30.77
N GLN C 308 -3.90 16.11 30.86
CA GLN C 308 -2.77 15.88 31.73
C GLN C 308 -1.61 16.79 31.31
N LEU C 309 -1.39 16.86 30.01
CA LEU C 309 -0.38 17.72 29.42
C LEU C 309 -0.61 19.19 29.75
N LYS C 310 -1.86 19.62 29.59
CA LYS C 310 -2.21 21.01 29.86
C LYS C 310 -2.03 21.36 31.34
N LYS C 311 -2.34 20.43 32.24
CA LYS C 311 -2.17 20.70 33.68
C LYS C 311 -0.68 20.96 33.97
N VAL C 312 0.21 20.15 33.37
CA VAL C 312 1.65 20.28 33.59
C VAL C 312 2.22 21.60 33.03
N LEU C 313 1.75 22.01 31.85
CA LEU C 313 2.15 23.29 31.28
C LEU C 313 1.72 24.48 32.12
N THR C 314 0.45 24.49 32.51
CA THR C 314 -0.08 25.53 33.37
C THR C 314 0.73 25.61 34.65
N ASP C 315 0.93 24.48 35.31
CA ASP C 315 1.73 24.43 36.54
C ASP C 315 3.15 24.91 36.28
N ALA C 316 3.69 24.55 35.13
CA ALA C 316 5.09 24.88 34.82
C ALA C 316 5.32 26.39 34.69
N PHE C 317 4.40 27.11 34.04
CA PHE C 317 4.60 28.57 33.77
C PHE C 317 4.11 29.62 34.79
N ILE D 4 11.98 34.00 6.10
CA ILE D 4 13.15 33.73 5.18
C ILE D 4 12.98 32.46 4.33
N THR D 5 12.41 31.43 4.95
CA THR D 5 12.16 30.14 4.29
C THR D 5 11.06 30.20 3.23
N ASP D 6 10.27 31.30 3.18
CA ASP D 6 9.33 31.53 2.09
C ASP D 6 10.01 31.54 0.70
N LYS D 7 11.33 31.67 0.70
CA LYS D 7 12.11 31.63 -0.51
C LYS D 7 12.77 30.27 -0.78
N ASP D 8 12.46 29.25 0.03
CA ASP D 8 12.88 27.86 -0.26
C ASP D 8 11.90 27.18 -1.21
N HIS D 9 11.79 27.75 -2.40
CA HIS D 9 10.93 27.27 -3.46
C HIS D 9 11.66 27.59 -4.74
N GLN D 10 12.12 26.56 -5.44
CA GLN D 10 12.92 26.73 -6.63
C GLN D 10 12.11 26.58 -7.90
N LYS D 11 12.32 27.51 -8.81
CA LYS D 11 11.51 27.67 -9.99
C LYS D 11 12.33 27.73 -11.27
N VAL D 12 11.97 26.85 -12.21
CA VAL D 12 12.62 26.81 -13.51
C VAL D 12 11.61 27.16 -14.61
N ILE D 13 12.02 28.04 -15.53
CA ILE D 13 11.28 28.27 -16.73
C ILE D 13 12.05 27.62 -17.87
N LEU D 14 11.39 26.68 -18.52
CA LEU D 14 11.93 26.01 -19.71
C LEU D 14 11.35 26.65 -20.97
N VAL D 15 12.23 27.05 -21.85
CA VAL D 15 11.84 27.58 -23.14
C VAL D 15 12.14 26.51 -24.17
N GLY D 16 11.10 26.04 -24.87
CA GLY D 16 11.25 24.99 -25.84
C GLY D 16 10.72 23.70 -25.24
N ASP D 17 9.61 23.19 -25.76
CA ASP D 17 9.02 21.90 -25.35
C ASP D 17 9.13 20.81 -26.44
N GLY D 18 10.23 20.82 -27.20
CA GLY D 18 10.54 19.72 -28.13
C GLY D 18 11.08 18.50 -27.36
N ALA D 19 11.67 17.57 -28.06
CA ALA D 19 12.10 16.38 -27.39
C ALA D 19 13.15 16.65 -26.29
N VAL D 20 14.03 17.63 -26.51
CA VAL D 20 15.06 17.97 -25.51
C VAL D 20 14.44 18.54 -24.23
N GLY D 21 13.58 19.52 -24.38
CA GLY D 21 13.01 20.24 -23.25
C GLY D 21 12.08 19.34 -22.46
N SER D 22 11.26 18.61 -23.19
CA SER D 22 10.31 17.67 -22.56
C SER D 22 11.06 16.59 -21.75
N SER D 23 12.10 16.02 -22.36
CA SER D 23 12.94 15.06 -21.70
C SER D 23 13.66 15.69 -20.49
N TYR D 24 14.10 16.93 -20.63
CA TYR D 24 14.71 17.66 -19.50
C TYR D 24 13.76 17.74 -18.32
N ALA D 25 12.53 18.16 -18.63
CA ALA D 25 11.51 18.33 -17.62
C ALA D 25 11.27 17.00 -16.93
N TYR D 26 11.23 15.93 -17.71
CA TYR D 26 10.96 14.60 -17.14
C TYR D 26 12.10 14.20 -16.20
N ALA D 27 13.32 14.51 -16.60
CA ALA D 27 14.47 14.22 -15.77
C ALA D 27 14.37 14.96 -14.43
N MET D 28 13.91 16.20 -14.49
CA MET D 28 13.81 17.03 -13.30
C MET D 28 12.73 16.45 -12.37
N VAL D 29 11.63 16.02 -12.96
CA VAL D 29 10.55 15.37 -12.25
C VAL D 29 11.00 14.11 -11.51
N LEU D 30 11.65 13.20 -12.20
CA LEU D 30 12.10 11.93 -11.61
C LEU D 30 13.14 12.12 -10.55
N GLN D 31 14.00 13.10 -10.72
CA GLN D 31 15.10 13.29 -9.77
C GLN D 31 14.73 14.26 -8.66
N GLY D 32 13.51 14.83 -8.72
CA GLY D 32 13.03 15.72 -7.71
C GLY D 32 13.82 16.99 -7.62
N ILE D 33 14.25 17.52 -8.74
CA ILE D 33 15.05 18.76 -8.75
C ILE D 33 14.10 19.91 -9.07
N ALA D 34 14.15 20.95 -8.25
CA ALA D 34 13.23 22.10 -8.29
C ALA D 34 11.81 21.76 -7.93
N GLN D 35 11.05 22.78 -7.53
CA GLN D 35 9.67 22.60 -7.05
C GLN D 35 8.63 23.22 -8.01
N GLU D 36 9.09 23.84 -9.09
CA GLU D 36 8.22 24.43 -10.07
C GLU D 36 8.88 24.48 -11.46
N ILE D 37 8.14 24.08 -12.48
CA ILE D 37 8.62 24.11 -13.85
C ILE D 37 7.52 24.73 -14.72
N GLY D 38 7.80 25.89 -15.30
CA GLY D 38 6.90 26.50 -16.26
C GLY D 38 7.42 26.23 -17.64
N ILE D 39 6.56 25.75 -18.54
CA ILE D 39 7.00 25.34 -19.87
C ILE D 39 6.48 26.34 -20.88
N VAL D 40 7.40 26.98 -21.61
CA VAL D 40 7.07 27.97 -22.64
C VAL D 40 7.45 27.54 -24.05
N ASP D 41 6.48 27.57 -24.96
CA ASP D 41 6.69 27.19 -26.35
C ASP D 41 5.59 27.82 -27.25
N ILE D 42 5.89 28.04 -28.53
CA ILE D 42 4.93 28.63 -29.46
C ILE D 42 3.65 27.79 -29.44
N PHE D 43 3.80 26.46 -29.35
CA PHE D 43 2.69 25.52 -29.37
C PHE D 43 2.10 25.33 -27.98
N LYS D 44 1.09 26.09 -27.66
CA LYS D 44 0.54 26.13 -26.32
C LYS D 44 -0.19 24.85 -25.99
N ASP D 45 -0.85 24.26 -26.96
CA ASP D 45 -1.52 22.99 -26.72
C ASP D 45 -0.55 21.85 -26.32
N LYS D 46 0.55 21.70 -27.06
CA LYS D 46 1.59 20.76 -26.71
C LYS D 46 2.05 20.97 -25.25
N THR D 47 2.34 22.20 -24.84
CA THR D 47 2.89 22.41 -23.50
C THR D 47 1.83 22.08 -22.43
N LYS D 48 0.59 22.40 -22.70
CA LYS D 48 -0.51 22.05 -21.78
C LYS D 48 -0.55 20.53 -21.55
N GLY D 49 -0.42 19.79 -22.64
CA GLY D 49 -0.48 18.34 -22.63
C GLY D 49 0.70 17.70 -21.92
N ASP D 50 1.88 18.26 -22.13
CA ASP D 50 3.09 17.79 -21.50
C ASP D 50 3.01 18.07 -19.98
N ALA D 51 2.57 19.27 -19.62
CA ALA D 51 2.42 19.62 -18.23
C ALA D 51 1.56 18.60 -17.51
N ILE D 52 0.46 18.19 -18.14
CA ILE D 52 -0.43 17.22 -17.53
C ILE D 52 0.27 15.89 -17.47
N ASP D 53 0.86 15.47 -18.58
CA ASP D 53 1.45 14.14 -18.65
C ASP D 53 2.58 13.99 -17.61
N LEU D 54 3.41 15.02 -17.51
CA LEU D 54 4.48 15.07 -16.52
C LEU D 54 3.92 15.10 -15.08
N SER D 55 2.85 15.85 -14.85
CA SER D 55 2.23 15.88 -13.54
C SER D 55 1.73 14.52 -13.12
N ASN D 56 1.28 13.70 -14.07
CA ASN D 56 0.85 12.35 -13.76
C ASN D 56 1.92 11.51 -13.07
N ALA D 57 3.19 11.86 -13.29
CA ALA D 57 4.28 11.11 -12.71
C ALA D 57 4.53 11.46 -11.26
N LEU D 58 4.03 12.61 -10.82
CA LEU D 58 4.40 13.16 -9.48
C LEU D 58 4.06 12.32 -8.22
N PRO D 59 2.98 11.56 -8.23
CA PRO D 59 2.75 10.69 -7.09
C PRO D 59 3.81 9.64 -6.83
N PHE D 60 4.75 9.49 -7.75
CA PHE D 60 5.81 8.49 -7.64
C PHE D 60 7.16 9.16 -7.34
N THR D 61 7.17 10.47 -7.15
CA THR D 61 8.38 11.25 -6.97
C THR D 61 8.03 12.35 -5.96
N SER D 62 8.89 13.36 -5.81
CA SER D 62 8.53 14.53 -5.00
C SER D 62 7.64 15.48 -5.78
N PRO D 63 6.84 16.32 -5.09
CA PRO D 63 5.90 17.20 -5.78
C PRO D 63 6.49 18.42 -6.45
N LYS D 64 5.71 18.98 -7.38
CA LYS D 64 6.13 20.06 -8.28
C LYS D 64 4.89 20.71 -8.83
N LYS D 65 4.92 22.03 -9.00
CA LYS D 65 3.93 22.71 -9.78
C LYS D 65 4.46 22.78 -11.20
N ILE D 66 3.70 22.23 -12.15
CA ILE D 66 4.09 22.19 -13.55
C ILE D 66 2.98 22.74 -14.44
N TYR D 67 3.29 23.61 -15.39
CA TYR D 67 2.23 24.27 -16.17
C TYR D 67 2.77 24.86 -17.44
N SER D 68 1.86 25.06 -18.38
CA SER D 68 2.13 25.78 -19.59
C SER D 68 2.34 27.20 -19.16
N ALA D 69 3.44 27.83 -19.60
CA ALA D 69 3.82 29.15 -19.10
C ALA D 69 4.08 30.19 -20.17
N GLU D 70 4.25 31.43 -19.71
CA GLU D 70 4.56 32.58 -20.57
C GLU D 70 5.84 33.24 -20.09
N TYR D 71 6.54 33.90 -20.99
CA TYR D 71 7.75 34.63 -20.65
C TYR D 71 7.66 35.45 -19.35
N SER D 72 6.51 36.06 -19.11
CA SER D 72 6.30 36.89 -17.92
C SER D 72 6.37 36.07 -16.62
N ASP D 73 6.15 34.76 -16.71
CA ASP D 73 6.28 33.91 -15.52
C ASP D 73 7.75 33.76 -15.04
N ALA D 74 8.69 34.30 -15.80
CA ALA D 74 10.10 34.25 -15.40
C ALA D 74 10.45 35.29 -14.34
N LYS D 75 9.49 36.16 -14.00
CA LYS D 75 9.74 37.25 -13.05
C LYS D 75 10.57 36.78 -11.85
N ASP D 76 10.13 35.70 -11.21
CA ASP D 76 10.76 35.26 -9.98
C ASP D 76 11.41 33.88 -10.14
N ALA D 77 11.82 33.54 -11.35
CA ALA D 77 12.45 32.24 -11.60
C ALA D 77 13.92 32.20 -11.18
N ASP D 78 14.37 31.05 -10.72
CA ASP D 78 15.79 30.83 -10.45
C ASP D 78 16.56 30.61 -11.71
N LEU D 79 15.93 29.98 -12.68
CA LEU D 79 16.65 29.41 -13.79
C LEU D 79 15.82 29.52 -15.06
N VAL D 80 16.45 29.95 -16.15
CA VAL D 80 15.79 29.94 -17.46
C VAL D 80 16.61 29.07 -18.37
N VAL D 81 15.98 28.01 -18.85
CA VAL D 81 16.65 27.06 -19.70
C VAL D 81 16.14 27.19 -21.12
N ILE D 82 17.07 27.44 -22.05
CA ILE D 82 16.69 27.69 -23.44
C ILE D 82 17.11 26.52 -24.29
N THR D 83 16.10 25.86 -24.88
CA THR D 83 16.33 24.72 -25.79
C THR D 83 15.80 24.97 -27.19
N ALA D 84 15.10 26.10 -27.40
CA ALA D 84 14.43 26.47 -28.70
C ALA D 84 15.43 26.89 -29.81
N GLY D 85 16.03 25.90 -30.49
CA GLY D 85 17.02 26.11 -31.58
C GLY D 85 16.63 25.77 -33.02
N ALA D 86 16.49 26.77 -33.89
CA ALA D 86 16.14 26.49 -35.30
C ALA D 86 17.30 25.79 -36.01
N PRO D 87 17.03 24.62 -36.62
CA PRO D 87 18.12 23.85 -37.26
C PRO D 87 18.55 24.38 -38.63
N GLN D 88 19.78 24.04 -39.03
CA GLN D 88 20.32 24.46 -40.32
C GLN D 88 19.62 23.74 -41.47
N LYS D 89 19.14 24.47 -42.48
CA LYS D 89 18.52 23.84 -43.64
C LYS D 89 19.58 23.74 -44.74
N PRO D 90 19.44 22.76 -45.66
CA PRO D 90 20.51 22.55 -46.66
C PRO D 90 20.84 23.74 -47.60
N GLY D 91 20.02 24.78 -47.66
CA GLY D 91 20.41 26.01 -48.41
C GLY D 91 21.40 26.93 -47.71
N GLU D 92 21.65 26.70 -46.42
CA GLU D 92 22.14 27.76 -45.53
C GLU D 92 23.61 27.73 -45.10
N THR D 93 24.17 28.92 -44.96
CA THR D 93 25.50 29.13 -44.47
C THR D 93 25.47 29.08 -42.93
N ARG D 94 26.62 28.89 -42.28
CA ARG D 94 26.67 28.90 -40.80
C ARG D 94 26.22 30.26 -40.27
N LEU D 95 26.63 31.31 -40.98
CA LEU D 95 26.26 32.68 -40.62
C LEU D 95 24.74 32.91 -40.73
N ASP D 96 24.10 32.23 -41.70
CA ASP D 96 22.65 32.25 -41.84
C ASP D 96 21.98 31.62 -40.63
N LEU D 97 22.46 30.44 -40.27
CA LEU D 97 21.98 29.71 -39.10
C LEU D 97 22.01 30.59 -37.85
N VAL D 98 23.14 31.24 -37.66
CA VAL D 98 23.31 32.15 -36.55
C VAL D 98 22.29 33.31 -36.60
N ASN D 99 22.24 34.03 -37.73
CA ASN D 99 21.33 35.17 -37.85
C ASN D 99 19.86 34.79 -37.63
N LYS D 100 19.47 33.64 -38.15
CA LYS D 100 18.12 33.12 -37.97
C LYS D 100 17.82 32.89 -36.49
N ASN D 101 18.74 32.23 -35.80
CA ASN D 101 18.59 31.92 -34.38
C ASN D 101 18.73 33.15 -33.47
N LEU D 102 19.40 34.18 -33.96
CA LEU D 102 19.49 35.43 -33.21
C LEU D 102 18.15 36.18 -33.16
N LYS D 103 17.43 36.22 -34.28
CA LYS D 103 16.08 36.82 -34.31
C LYS D 103 15.18 36.09 -33.32
N ILE D 104 15.18 34.76 -33.38
CA ILE D 104 14.36 33.98 -32.47
C ILE D 104 14.81 34.16 -31.00
N LEU D 105 16.13 34.10 -30.77
CA LEU D 105 16.65 34.23 -29.43
C LEU D 105 16.28 35.58 -28.77
N LYS D 106 16.36 36.64 -29.55
CA LYS D 106 16.00 37.97 -29.08
C LYS D 106 14.53 38.06 -28.67
N SER D 107 13.68 37.36 -29.40
CA SER D 107 12.25 37.36 -29.12
C SER D 107 11.93 36.58 -27.83
N ILE D 108 12.89 35.78 -27.38
CA ILE D 108 12.81 35.09 -26.10
C ILE D 108 13.44 35.89 -24.95
N VAL D 109 14.68 36.31 -25.15
CA VAL D 109 15.44 36.91 -24.09
C VAL D 109 14.86 38.25 -23.66
N ASP D 110 14.47 39.10 -24.61
CA ASP D 110 13.96 40.43 -24.25
C ASP D 110 12.76 40.34 -23.29
N PRO D 111 11.74 39.53 -23.63
CA PRO D 111 10.56 39.49 -22.73
C PRO D 111 10.85 38.85 -21.42
N ILE D 112 11.81 37.93 -21.41
CA ILE D 112 12.22 37.35 -20.16
C ILE D 112 12.88 38.38 -19.25
N VAL D 113 13.81 39.15 -19.80
CA VAL D 113 14.43 40.23 -19.03
C VAL D 113 13.38 41.24 -18.57
N ASP D 114 12.45 41.59 -19.45
CA ASP D 114 11.37 42.54 -19.11
C ASP D 114 10.51 42.01 -17.96
N SER D 115 10.35 40.70 -17.83
CA SER D 115 9.60 40.12 -16.70
C SER D 115 10.18 40.50 -15.32
N GLY D 116 11.47 40.83 -15.29
CA GLY D 116 12.16 41.09 -14.02
C GLY D 116 13.07 39.93 -13.62
N PHE D 117 13.10 38.88 -14.44
CA PHE D 117 13.94 37.73 -14.20
C PHE D 117 15.34 38.18 -13.78
N ASN D 118 15.84 37.56 -12.74
CA ASN D 118 17.06 37.98 -12.17
C ASN D 118 17.83 36.74 -11.68
N GLY D 119 17.82 35.69 -12.51
CA GLY D 119 18.45 34.42 -12.16
C GLY D 119 19.61 34.06 -13.06
N ILE D 120 19.71 32.77 -13.39
CA ILE D 120 20.75 32.30 -14.32
C ILE D 120 20.13 31.77 -15.61
N PHE D 121 20.76 32.12 -16.73
CA PHE D 121 20.38 31.55 -18.02
C PHE D 121 21.18 30.30 -18.23
N LEU D 122 20.52 29.23 -18.61
CA LEU D 122 21.19 28.02 -19.06
C LEU D 122 20.80 27.74 -20.51
N VAL D 123 21.78 27.73 -21.40
CA VAL D 123 21.53 27.68 -22.83
C VAL D 123 21.99 26.37 -23.41
N ALA D 124 21.07 25.69 -24.09
CA ALA D 124 21.37 24.42 -24.80
C ALA D 124 21.10 24.45 -26.30
N ALA D 125 20.34 25.43 -26.79
CA ALA D 125 20.07 25.58 -28.18
C ALA D 125 21.30 25.63 -29.04
N ASN D 126 21.25 24.93 -30.18
CA ASN D 126 22.37 24.91 -31.10
C ASN D 126 22.27 26.02 -32.07
N PRO D 127 23.43 26.64 -32.41
CA PRO D 127 24.81 26.26 -31.99
C PRO D 127 25.19 26.92 -30.64
N VAL D 128 25.45 26.08 -29.65
CA VAL D 128 25.34 26.44 -28.24
C VAL D 128 26.35 27.51 -27.77
N ASP D 129 27.60 27.39 -28.12
CA ASP D 129 28.58 28.39 -27.69
C ASP D 129 28.25 29.78 -28.24
N ILE D 130 27.84 29.83 -29.50
CA ILE D 130 27.44 31.08 -30.14
C ILE D 130 26.19 31.66 -29.47
N LEU D 131 25.15 30.85 -29.29
CA LEU D 131 23.89 31.35 -28.72
C LEU D 131 24.03 31.65 -27.22
N THR D 132 25.03 31.05 -26.60
CA THR D 132 25.35 31.41 -25.25
C THR D 132 25.89 32.84 -25.26
N TYR D 133 26.85 33.12 -26.14
CA TYR D 133 27.38 34.49 -26.26
C TYR D 133 26.25 35.47 -26.59
N ALA D 134 25.40 35.07 -27.53
CA ALA D 134 24.33 35.94 -27.97
C ALA D 134 23.40 36.22 -26.81
N THR D 135 23.16 35.21 -25.98
CA THR D 135 22.25 35.33 -24.86
C THR D 135 22.84 36.35 -23.88
N TRP D 136 24.13 36.26 -23.62
CA TRP D 136 24.83 37.22 -22.75
C TRP D 136 24.68 38.65 -23.28
N LYS D 137 24.97 38.79 -24.55
CA LYS D 137 24.93 40.07 -25.23
C LYS D 137 23.53 40.68 -25.18
N LEU D 138 22.52 39.87 -25.52
CA LEU D 138 21.14 40.31 -25.49
C LEU D 138 20.63 40.59 -24.08
N SER D 139 20.96 39.75 -23.13
CA SER D 139 20.35 39.85 -21.79
C SER D 139 20.92 41.01 -20.98
N GLY D 140 22.18 41.35 -21.25
CA GLY D 140 22.91 42.27 -20.42
C GLY D 140 23.29 41.71 -19.07
N PHE D 141 23.10 40.41 -18.84
CA PHE D 141 23.47 39.79 -17.54
C PHE D 141 24.97 39.64 -17.41
N PRO D 142 25.47 39.42 -16.19
CA PRO D 142 26.90 39.12 -16.05
C PRO D 142 27.30 37.82 -16.74
N LYS D 143 28.56 37.79 -17.16
CA LYS D 143 29.20 36.61 -17.76
C LYS D 143 28.99 35.29 -17.04
N ASN D 144 29.14 35.31 -15.73
CA ASN D 144 29.08 34.10 -14.94
C ASN D 144 27.64 33.59 -14.76
N ARG D 145 26.64 34.40 -15.13
CA ARG D 145 25.21 34.04 -14.97
C ARG D 145 24.56 33.73 -16.28
N VAL D 146 25.37 33.57 -17.31
CA VAL D 146 24.90 32.99 -18.55
C VAL D 146 25.82 31.84 -18.87
N VAL D 147 25.23 30.65 -18.97
CA VAL D 147 25.96 29.39 -19.05
C VAL D 147 25.44 28.52 -20.18
N GLY D 148 26.35 27.96 -20.96
CA GLY D 148 25.95 27.05 -22.02
C GLY D 148 26.35 25.62 -21.69
N SER D 149 25.64 24.67 -22.28
CA SER D 149 25.84 23.29 -21.97
C SER D 149 27.15 22.83 -22.62
N GLY D 150 27.54 23.53 -23.67
CA GLY D 150 28.87 23.34 -24.24
C GLY D 150 29.21 21.92 -24.62
N THR D 151 30.34 21.44 -24.13
CA THR D 151 30.78 20.08 -24.38
C THR D 151 30.46 19.14 -23.19
N SER D 152 29.48 19.50 -22.34
CA SER D 152 29.09 18.58 -21.27
C SER D 152 28.60 17.27 -21.88
N LEU D 153 27.83 17.33 -22.97
CA LEU D 153 27.27 16.10 -23.62
C LEU D 153 28.29 15.30 -24.38
N ASP D 154 29.10 15.99 -25.17
CA ASP D 154 30.25 15.36 -25.86
C ASP D 154 31.18 14.66 -24.86
N THR D 155 31.44 15.34 -23.73
CA THR D 155 32.25 14.78 -22.67
C THR D 155 31.58 13.51 -22.15
N ALA D 156 30.29 13.58 -21.84
CA ALA D 156 29.58 12.37 -21.39
C ALA D 156 29.75 11.25 -22.39
N ARG D 157 29.50 11.56 -23.66
CA ARG D 157 29.61 10.54 -24.72
C ARG D 157 31.01 9.92 -24.71
N PHE D 158 32.03 10.78 -24.59
CA PHE D 158 33.42 10.34 -24.57
C PHE D 158 33.66 9.36 -23.42
N ARG D 159 33.21 9.72 -22.24
CA ARG D 159 33.41 8.90 -21.09
C ARG D 159 32.74 7.56 -21.24
N GLN D 160 31.56 7.56 -21.80
CA GLN D 160 30.78 6.34 -21.87
C GLN D 160 31.39 5.39 -22.88
N SER D 161 31.92 5.96 -23.92
CA SER D 161 32.65 5.22 -24.91
C SER D 161 33.85 4.51 -24.32
N ILE D 162 34.65 5.27 -23.55
CA ILE D 162 35.82 4.72 -22.87
C ILE D 162 35.37 3.63 -21.90
N ALA D 163 34.40 3.97 -21.08
CA ALA D 163 33.84 3.04 -20.09
C ALA D 163 33.51 1.68 -20.72
N GLU D 164 32.84 1.74 -21.86
CA GLU D 164 32.43 0.53 -22.58
C GLU D 164 33.65 -0.24 -23.09
N MET D 165 34.65 0.46 -23.59
CA MET D 165 35.83 -0.20 -24.06
C MET D 165 36.53 -0.94 -22.93
N VAL D 166 36.67 -0.28 -21.79
CA VAL D 166 37.47 -0.77 -20.70
C VAL D 166 36.66 -1.54 -19.66
N ASN D 167 35.35 -1.57 -19.83
CA ASN D 167 34.45 -2.23 -18.90
C ASN D 167 34.54 -1.71 -17.44
N VAL D 168 34.30 -0.40 -17.33
CA VAL D 168 34.34 0.31 -16.07
C VAL D 168 33.15 1.28 -16.03
N ASP D 169 32.68 1.62 -14.84
CA ASP D 169 31.59 2.60 -14.64
C ASP D 169 32.05 3.95 -15.14
N ALA D 170 31.27 4.58 -16.03
CA ALA D 170 31.65 5.85 -16.61
C ALA D 170 31.90 6.95 -15.57
N ARG D 171 31.28 6.86 -14.38
CA ARG D 171 31.64 7.79 -13.29
C ARG D 171 33.13 7.68 -12.83
N SER D 172 33.79 6.58 -13.14
CA SER D 172 35.20 6.35 -12.78
C SER D 172 36.15 6.75 -13.90
N VAL D 173 35.58 7.23 -15.02
CA VAL D 173 36.34 7.67 -16.15
C VAL D 173 36.34 9.19 -16.15
N HIS D 174 37.50 9.79 -16.37
CA HIS D 174 37.70 11.24 -16.27
C HIS D 174 38.38 11.73 -17.51
N ALA D 175 37.59 12.29 -18.41
CA ALA D 175 38.06 12.69 -19.69
C ALA D 175 37.20 13.82 -20.19
N TYR D 176 37.79 14.78 -20.87
CA TYR D 176 37.07 15.92 -21.40
C TYR D 176 37.12 16.00 -22.94
N ILE D 177 36.03 16.54 -23.51
CA ILE D 177 36.06 17.10 -24.83
C ILE D 177 35.97 18.59 -24.59
N MET D 178 36.78 19.34 -25.33
CA MET D 178 36.83 20.78 -25.18
C MET D 178 36.81 21.48 -26.54
N GLY D 179 36.66 22.80 -26.46
CA GLY D 179 36.47 23.65 -27.63
C GLY D 179 35.03 24.08 -27.87
N GLU D 180 34.75 24.49 -29.10
CA GLU D 180 33.41 24.78 -29.49
C GLU D 180 32.73 23.47 -29.75
N HIS D 181 31.57 23.27 -29.12
CA HIS D 181 30.79 22.09 -29.39
C HIS D 181 30.49 22.02 -30.87
N GLY D 182 30.91 20.95 -31.54
CA GLY D 182 30.75 20.82 -32.97
C GLY D 182 32.01 20.27 -33.62
N ASP D 183 32.15 20.43 -34.94
CA ASP D 183 33.24 19.81 -35.73
C ASP D 183 34.63 20.01 -35.20
N THR D 184 34.86 21.18 -34.60
CA THR D 184 36.22 21.56 -34.22
C THR D 184 36.55 21.19 -32.77
N GLU D 185 35.66 20.51 -32.07
CA GLU D 185 35.95 20.13 -30.72
C GLU D 185 37.07 19.08 -30.72
N PHE D 186 37.73 18.88 -29.57
CA PHE D 186 38.85 17.94 -29.53
C PHE D 186 38.92 17.27 -28.17
N PRO D 187 39.44 16.04 -28.14
CA PRO D 187 39.65 15.33 -26.89
C PRO D 187 40.95 15.68 -26.20
N VAL D 188 40.92 15.71 -24.88
CA VAL D 188 42.09 16.03 -24.10
C VAL D 188 42.68 14.72 -23.63
N TRP D 189 43.35 14.00 -24.53
CA TRP D 189 43.95 12.71 -24.16
C TRP D 189 45.05 12.81 -23.11
N SER D 190 45.76 13.94 -23.07
CA SER D 190 46.82 14.13 -22.09
C SER D 190 46.34 13.97 -20.65
N HIS D 191 45.08 14.31 -20.36
CA HIS D 191 44.57 14.27 -18.98
C HIS D 191 43.50 13.24 -18.77
N ALA D 192 43.16 12.49 -19.80
CA ALA D 192 42.07 11.55 -19.69
C ALA D 192 42.57 10.32 -18.97
N ASN D 193 41.75 9.79 -18.07
CA ASN D 193 42.20 8.67 -17.26
C ASN D 193 41.06 7.91 -16.63
N ILE D 194 41.41 6.76 -16.09
CA ILE D 194 40.52 5.88 -15.42
C ILE D 194 41.23 5.61 -14.12
N GLY D 195 40.65 6.11 -13.05
CA GLY D 195 41.19 5.88 -11.72
C GLY D 195 42.63 6.33 -11.61
N GLY D 196 42.94 7.43 -12.30
CA GLY D 196 44.31 7.99 -12.29
C GLY D 196 45.29 7.38 -13.26
N VAL D 197 44.98 6.23 -13.86
CA VAL D 197 45.79 5.67 -14.91
C VAL D 197 45.37 6.28 -16.23
N THR D 198 46.29 6.98 -16.89
CA THR D 198 45.93 7.71 -18.09
C THR D 198 45.60 6.73 -19.16
N ILE D 199 44.98 7.22 -20.20
CA ILE D 199 44.68 6.35 -21.32
C ILE D 199 45.95 5.93 -22.07
N ALA D 200 46.90 6.85 -22.24
CA ALA D 200 48.00 6.47 -23.08
C ALA D 200 48.40 5.03 -22.65
N GLU D 201 48.72 4.85 -21.37
CA GLU D 201 49.23 3.55 -20.90
C GLU D 201 48.16 2.50 -21.04
N TRP D 202 47.00 2.83 -20.55
CA TRP D 202 45.97 1.81 -20.52
C TRP D 202 45.76 0.82 -21.75
N VAL D 203 45.76 1.29 -22.98
CA VAL D 203 45.52 0.37 -24.13
C VAL D 203 46.75 -0.44 -24.54
N LYS D 204 47.90 0.20 -24.55
CA LYS D 204 49.16 -0.45 -24.52
C LYS D 204 49.16 -1.77 -23.70
N ALA D 205 48.57 -1.71 -22.51
CA ALA D 205 48.40 -2.89 -21.67
C ALA D 205 47.50 -3.96 -22.32
N HIS D 206 46.71 -3.59 -23.34
CA HIS D 206 45.70 -4.49 -23.95
C HIS D 206 45.80 -4.54 -25.47
N PRO D 207 46.85 -5.20 -25.98
CA PRO D 207 47.11 -5.24 -27.43
C PRO D 207 46.07 -5.98 -28.30
N GLU D 208 45.06 -6.61 -27.69
CA GLU D 208 43.83 -7.05 -28.41
C GLU D 208 43.17 -5.86 -29.19
N ILE D 209 43.40 -4.64 -28.71
CA ILE D 209 43.02 -3.35 -29.31
C ILE D 209 44.17 -2.53 -29.99
N LYS D 210 43.84 -1.69 -30.97
CA LYS D 210 44.75 -0.61 -31.50
C LYS D 210 44.74 0.78 -30.69
N GLU D 211 45.69 1.73 -30.91
CA GLU D 211 45.57 3.26 -30.74
C GLU D 211 44.75 4.01 -31.88
N ASP D 212 44.67 3.34 -33.03
CA ASP D 212 43.67 3.69 -34.05
C ASP D 212 42.25 3.57 -33.48
N LYS D 213 42.06 2.71 -32.48
CA LYS D 213 40.78 2.56 -31.78
C LYS D 213 40.41 3.86 -31.10
N LEU D 214 41.40 4.49 -30.47
CA LEU D 214 41.19 5.74 -29.76
C LEU D 214 40.85 6.91 -30.67
N VAL D 215 41.50 6.95 -31.82
CA VAL D 215 41.20 7.98 -32.79
C VAL D 215 39.76 7.80 -33.26
N LYS D 216 39.40 6.58 -33.57
CA LYS D 216 38.08 6.31 -34.10
C LYS D 216 37.04 6.58 -33.01
N MET D 217 37.41 6.24 -31.78
CA MET D 217 36.50 6.44 -30.67
C MET D 217 36.12 7.92 -30.57
N PHE D 218 37.10 8.82 -30.74
CA PHE D 218 36.82 10.24 -30.73
C PHE D 218 36.01 10.70 -31.93
N GLU D 219 36.30 10.12 -33.08
CA GLU D 219 35.56 10.43 -34.29
C GLU D 219 34.09 10.08 -34.12
N ASP D 220 33.85 8.87 -33.62
CA ASP D 220 32.50 8.42 -33.30
C ASP D 220 31.80 9.42 -32.34
N VAL D 221 32.55 9.96 -31.37
CA VAL D 221 31.96 10.91 -30.44
C VAL D 221 31.60 12.17 -31.17
N ARG D 222 32.55 12.73 -31.88
CA ARG D 222 32.33 13.97 -32.65
C ARG D 222 31.15 13.88 -33.64
N ASP D 223 30.96 12.72 -34.25
CA ASP D 223 29.90 12.48 -35.19
C ASP D 223 28.68 11.78 -34.55
N ALA D 224 28.60 11.74 -33.21
CA ALA D 224 27.56 10.94 -32.57
C ALA D 224 26.12 11.40 -32.91
N ALA D 225 25.89 12.72 -32.91
CA ALA D 225 24.56 13.24 -33.24
C ALA D 225 24.09 12.75 -34.61
N TYR D 226 24.98 12.80 -35.62
CA TYR D 226 24.62 12.34 -36.96
C TYR D 226 24.21 10.85 -36.92
N GLU D 227 24.93 10.03 -36.18
CA GLU D 227 24.62 8.60 -36.12
C GLU D 227 23.28 8.35 -35.45
N ILE D 228 23.05 9.01 -34.32
CA ILE D 228 21.83 8.83 -33.56
C ILE D 228 20.61 9.32 -34.39
N ILE D 229 20.76 10.47 -35.03
CA ILE D 229 19.68 11.05 -35.82
C ILE D 229 19.32 10.09 -36.96
N LYS D 230 20.36 9.52 -37.56
CA LYS D 230 20.17 8.62 -38.67
C LYS D 230 19.40 7.43 -38.19
N LEU D 231 19.67 6.95 -36.99
CA LEU D 231 19.05 5.73 -36.51
C LEU D 231 17.66 5.90 -35.96
N LYS D 232 17.40 7.00 -35.30
CA LYS D 232 16.11 7.17 -34.59
C LYS D 232 15.44 8.54 -34.76
N GLY D 233 16.00 9.45 -35.55
CA GLY D 233 15.32 10.69 -35.89
C GLY D 233 15.78 11.90 -35.09
N ALA D 234 16.23 11.69 -33.87
CA ALA D 234 16.64 12.79 -33.03
C ALA D 234 17.54 12.31 -31.87
N THR D 235 18.19 13.25 -31.22
CA THR D 235 18.99 12.96 -30.02
C THR D 235 18.43 13.79 -28.92
N PHE D 236 18.24 13.23 -27.74
CA PHE D 236 17.71 14.03 -26.63
C PHE D 236 18.00 13.57 -25.21
N TYR D 237 18.13 12.26 -25.00
CA TYR D 237 18.34 11.77 -23.65
C TYR D 237 19.64 12.24 -23.01
N GLY D 238 20.70 12.30 -23.80
CA GLY D 238 21.98 12.75 -23.30
C GLY D 238 21.94 14.19 -22.84
N ILE D 239 21.44 15.09 -23.68
CA ILE D 239 21.51 16.55 -23.37
C ILE D 239 20.51 16.90 -22.26
N ALA D 240 19.33 16.27 -22.29
CA ALA D 240 18.38 16.43 -21.20
C ALA D 240 18.99 16.04 -19.85
N THR D 241 19.71 14.92 -19.82
CA THR D 241 20.30 14.46 -18.60
C THR D 241 21.40 15.42 -18.12
N ALA D 242 22.18 15.92 -19.06
CA ALA D 242 23.22 16.90 -18.77
C ALA D 242 22.63 18.17 -18.22
N LEU D 243 21.56 18.66 -18.87
CA LEU D 243 20.90 19.89 -18.42
C LEU D 243 20.35 19.74 -17.01
N ALA D 244 19.79 18.59 -16.69
CA ALA D 244 19.33 18.34 -15.32
C ALA D 244 20.52 18.27 -14.33
N ARG D 245 21.66 17.72 -14.76
CA ARG D 245 22.85 17.68 -13.91
C ARG D 245 23.35 19.09 -13.61
N ILE D 246 23.39 19.92 -14.63
CA ILE D 246 23.84 21.30 -14.46
C ILE D 246 22.83 22.06 -13.59
N SER D 247 21.56 21.83 -13.83
CA SER D 247 20.53 22.47 -13.04
C SER D 247 20.74 22.14 -11.56
N LYS D 248 20.99 20.86 -11.26
CA LYS D 248 21.17 20.42 -9.87
C LYS D 248 22.42 21.06 -9.24
N ALA D 249 23.46 21.29 -10.03
CA ALA D 249 24.69 21.89 -9.50
C ALA D 249 24.44 23.32 -9.08
N ILE D 250 23.65 24.03 -9.88
CA ILE D 250 23.23 25.39 -9.56
C ILE D 250 22.30 25.37 -8.34
N LEU D 251 21.20 24.65 -8.42
CA LEU D 251 20.19 24.74 -7.38
C LEU D 251 20.60 24.18 -6.02
N ASN D 252 21.49 23.19 -5.99
CA ASN D 252 22.05 22.69 -4.71
C ASN D 252 23.43 23.25 -4.41
N ASP D 253 23.80 24.33 -5.10
CA ASP D 253 24.96 25.11 -4.76
C ASP D 253 26.19 24.21 -4.53
N GLU D 254 26.48 23.37 -5.52
CA GLU D 254 27.42 22.28 -5.38
C GLU D 254 28.91 22.69 -5.53
N ASN D 255 29.21 23.73 -6.28
CA ASN D 255 30.59 23.97 -6.70
C ASN D 255 31.15 22.76 -7.41
N ALA D 256 30.35 22.19 -8.30
CA ALA D 256 30.77 21.02 -9.09
C ALA D 256 31.59 21.50 -10.28
N VAL D 257 32.50 20.63 -10.72
CA VAL D 257 33.29 20.89 -11.89
C VAL D 257 32.65 20.24 -13.08
N LEU D 258 32.28 21.04 -14.07
CA LEU D 258 31.69 20.54 -15.29
C LEU D 258 32.23 21.22 -16.51
N PRO D 259 32.25 20.53 -17.66
CA PRO D 259 32.63 21.15 -18.90
C PRO D 259 31.46 21.96 -19.42
N LEU D 260 31.65 23.28 -19.55
CA LEU D 260 30.56 24.16 -19.86
C LEU D 260 31.03 25.22 -20.79
N SER D 261 30.11 25.87 -21.50
CA SER D 261 30.49 27.04 -22.32
C SER D 261 30.52 28.25 -21.38
N VAL D 262 31.72 28.79 -21.21
CA VAL D 262 31.96 29.87 -20.28
C VAL D 262 32.75 30.99 -20.95
N TYR D 263 32.66 32.19 -20.36
CA TYR D 263 33.24 33.39 -21.00
C TYR D 263 34.74 33.43 -20.81
N MET D 264 35.41 33.69 -21.90
CA MET D 264 36.85 33.63 -21.94
C MET D 264 37.49 35.00 -21.66
N ASP D 265 38.19 35.12 -20.53
CA ASP D 265 38.90 36.35 -20.12
C ASP D 265 40.37 36.10 -19.89
N GLY D 266 41.05 35.58 -20.93
CA GLY D 266 42.49 35.32 -20.88
C GLY D 266 42.87 33.86 -20.94
N GLN D 267 41.99 32.98 -20.47
CA GLN D 267 42.29 31.55 -20.40
C GLN D 267 42.63 30.99 -21.76
N TYR D 268 43.65 30.12 -21.79
CA TYR D 268 44.12 29.52 -23.04
C TYR D 268 44.56 30.57 -24.07
N GLY D 269 44.87 31.79 -23.61
CA GLY D 269 45.14 32.91 -24.51
C GLY D 269 43.97 33.35 -25.38
N LEU D 270 42.76 33.17 -24.86
CA LEU D 270 41.53 33.53 -25.56
C LEU D 270 40.79 34.67 -24.87
N ASN D 271 40.01 35.43 -25.66
CA ASN D 271 39.20 36.54 -25.14
C ASN D 271 37.89 36.79 -25.84
N ASP D 272 36.88 37.11 -25.03
CA ASP D 272 35.58 37.59 -25.53
C ASP D 272 34.84 36.61 -26.44
N ILE D 273 34.87 35.33 -26.07
CA ILE D 273 33.98 34.33 -26.62
C ILE D 273 33.53 33.40 -25.50
N TYR D 274 32.40 32.73 -25.71
CA TYR D 274 32.05 31.60 -24.86
C TYR D 274 32.57 30.38 -25.56
N ILE D 275 33.23 29.52 -24.77
CA ILE D 275 33.77 28.27 -25.27
C ILE D 275 33.82 27.21 -24.15
N GLY D 276 33.95 25.95 -24.56
CA GLY D 276 33.90 24.83 -23.65
C GLY D 276 35.18 24.48 -22.94
N THR D 277 35.12 24.50 -21.61
CA THR D 277 36.19 24.13 -20.71
C THR D 277 35.61 23.74 -19.33
N PRO D 278 36.36 22.96 -18.53
CA PRO D 278 35.88 22.70 -17.19
C PRO D 278 35.77 23.97 -16.37
N ALA D 279 34.72 24.05 -15.57
CA ALA D 279 34.50 25.21 -14.75
C ALA D 279 33.75 24.78 -13.48
N VAL D 280 33.88 25.58 -12.42
CA VAL D 280 33.22 25.35 -11.16
C VAL D 280 31.93 26.17 -11.20
N ILE D 281 30.83 25.53 -10.87
CA ILE D 281 29.52 26.15 -10.92
C ILE D 281 28.74 25.91 -9.63
N ASN D 282 28.04 26.97 -9.19
CA ASN D 282 27.18 26.90 -7.98
C ASN D 282 25.95 27.81 -8.13
N ARG D 283 25.29 28.13 -7.02
CA ARG D 283 24.03 28.87 -7.04
C ARG D 283 24.16 30.19 -7.80
N ASN D 284 25.36 30.75 -7.80
CA ASN D 284 25.63 32.03 -8.47
C ASN D 284 26.24 31.91 -9.85
N GLY D 285 26.11 30.74 -10.45
CA GLY D 285 26.69 30.49 -11.76
C GLY D 285 28.18 30.16 -11.69
N ILE D 286 28.93 30.64 -12.67
CA ILE D 286 30.34 30.26 -12.79
C ILE D 286 31.21 30.92 -11.71
N GLN D 287 31.99 30.11 -10.98
CA GLN D 287 32.92 30.61 -9.96
C GLN D 287 34.34 30.58 -10.43
N ASN D 288 34.75 29.55 -11.13
CA ASN D 288 36.12 29.46 -11.62
C ASN D 288 36.10 28.83 -12.95
N ILE D 289 36.91 29.35 -13.84
CA ILE D 289 37.17 28.70 -15.09
C ILE D 289 38.47 27.93 -14.89
N LEU D 290 38.46 26.62 -15.13
CA LEU D 290 39.68 25.83 -14.96
C LEU D 290 40.39 25.82 -16.27
N GLU D 291 41.67 26.12 -16.20
CA GLU D 291 42.51 26.11 -17.34
C GLU D 291 43.33 24.83 -17.35
N ILE D 292 42.89 23.79 -18.05
CA ILE D 292 43.72 22.58 -18.21
C ILE D 292 44.96 22.96 -18.98
N PRO D 293 46.14 22.59 -18.48
CA PRO D 293 47.32 22.84 -19.30
C PRO D 293 47.43 21.75 -20.39
N LEU D 294 47.32 22.18 -21.63
CA LEU D 294 47.26 21.26 -22.76
C LEU D 294 48.63 20.99 -23.36
N THR D 295 48.78 19.90 -24.09
CA THR D 295 49.95 19.71 -24.93
C THR D 295 49.95 20.78 -26.04
N ASP D 296 51.05 20.90 -26.74
CA ASP D 296 51.09 21.81 -27.87
C ASP D 296 50.02 21.43 -28.89
N HIS D 297 49.93 20.13 -29.19
CA HIS D 297 48.96 19.61 -30.18
C HIS D 297 47.56 20.01 -29.72
N GLU D 298 47.25 19.76 -28.45
CA GLU D 298 45.92 20.05 -27.87
C GLU D 298 45.63 21.57 -27.82
N GLU D 299 46.63 22.36 -27.44
CA GLU D 299 46.48 23.82 -27.41
C GLU D 299 46.21 24.39 -28.81
N GLU D 300 46.82 23.78 -29.82
CA GLU D 300 46.60 24.16 -31.22
C GLU D 300 45.12 23.92 -31.61
N SER D 301 44.57 22.78 -31.18
CA SER D 301 43.18 22.46 -31.48
C SER D 301 42.24 23.47 -30.88
N MET D 302 42.53 23.83 -29.63
CA MET D 302 41.79 24.86 -28.94
C MET D 302 41.85 26.20 -29.65
N GLN D 303 43.06 26.60 -30.07
CA GLN D 303 43.24 27.87 -30.78
C GLN D 303 42.42 27.89 -32.08
N LYS D 304 42.51 26.81 -32.86
CA LYS D 304 41.75 26.72 -34.10
C LYS D 304 40.24 26.78 -33.86
N SER D 305 39.76 25.97 -32.92
CA SER D 305 38.34 25.94 -32.57
C SER D 305 37.86 27.35 -32.21
N ALA D 306 38.60 27.99 -31.31
CA ALA D 306 38.33 29.35 -30.88
C ALA D 306 38.37 30.38 -32.01
N SER D 307 39.43 30.34 -32.78
CA SER D 307 39.61 31.25 -33.90
C SER D 307 38.43 31.25 -34.90
N GLN D 308 38.04 30.06 -35.34
CA GLN D 308 36.94 29.89 -36.30
C GLN D 308 35.61 30.40 -35.70
N LEU D 309 35.38 30.05 -34.44
CA LEU D 309 34.23 30.51 -33.65
C LEU D 309 34.18 32.04 -33.54
N LYS D 310 35.31 32.63 -33.19
CA LYS D 310 35.41 34.08 -33.05
C LYS D 310 35.17 34.82 -34.37
N LYS D 311 35.65 34.28 -35.47
CA LYS D 311 35.39 34.90 -36.77
C LYS D 311 33.89 34.95 -37.07
N VAL D 312 33.18 33.86 -36.79
CA VAL D 312 31.74 33.79 -37.02
C VAL D 312 30.97 34.80 -36.15
N LEU D 313 31.35 34.91 -34.88
CA LEU D 313 30.70 35.84 -33.97
C LEU D 313 30.89 37.30 -34.41
N THR D 314 32.13 37.64 -34.71
CA THR D 314 32.46 38.97 -35.19
C THR D 314 31.64 39.27 -36.41
N ASP D 315 31.67 38.37 -37.39
CA ASP D 315 30.87 38.56 -38.62
C ASP D 315 29.38 38.68 -38.28
N ALA D 316 28.93 37.89 -37.33
CA ALA D 316 27.50 37.85 -37.01
C ALA D 316 27.00 39.19 -36.45
N PHE D 317 27.79 39.83 -35.60
CA PHE D 317 27.41 41.11 -34.99
C PHE D 317 27.88 42.38 -35.79
N ILE E 4 13.63 -17.41 -11.33
CA ILE E 4 14.99 -16.76 -11.31
C ILE E 4 15.05 -15.56 -10.36
N THR E 5 13.97 -14.77 -10.34
CA THR E 5 13.87 -13.53 -9.53
C THR E 5 13.76 -13.83 -8.03
N ASP E 6 13.51 -15.09 -7.64
CA ASP E 6 13.64 -15.51 -6.25
C ASP E 6 15.02 -15.18 -5.62
N LYS E 7 16.01 -14.93 -6.47
CA LYS E 7 17.34 -14.55 -6.04
C LYS E 7 17.57 -13.03 -6.03
N ASP E 8 16.54 -12.23 -6.34
CA ASP E 8 16.64 -10.79 -6.19
C ASP E 8 16.30 -10.40 -4.77
N HIS E 9 17.13 -10.89 -3.85
CA HIS E 9 17.04 -10.54 -2.44
C HIS E 9 18.47 -10.53 -1.93
N GLN E 10 18.97 -9.37 -1.56
CA GLN E 10 20.35 -9.21 -1.19
C GLN E 10 20.53 -9.14 0.32
N LYS E 11 21.50 -9.91 0.80
CA LYS E 11 21.67 -10.17 2.21
C LYS E 11 23.10 -9.90 2.70
N VAL E 12 23.21 -9.09 3.73
CA VAL E 12 24.49 -8.74 4.33
C VAL E 12 24.53 -9.24 5.76
N ILE E 13 25.63 -9.90 6.12
CA ILE E 13 25.90 -10.21 7.53
C ILE E 13 27.02 -9.30 8.00
N LEU E 14 26.71 -8.51 9.02
CA LEU E 14 27.67 -7.61 9.64
C LEU E 14 28.21 -8.26 10.89
N VAL E 15 29.53 -8.34 10.99
CA VAL E 15 30.19 -8.82 12.20
C VAL E 15 30.82 -7.62 12.91
N GLY E 16 30.40 -7.36 14.14
CA GLY E 16 30.83 -6.19 14.88
C GLY E 16 29.79 -5.08 14.87
N ASP E 17 29.17 -4.83 16.02
CA ASP E 17 28.13 -3.83 16.19
C ASP E 17 28.58 -2.67 17.06
N GLY E 18 29.87 -2.31 16.93
CA GLY E 18 30.42 -1.10 17.54
C GLY E 18 29.99 0.10 16.74
N ALA E 19 30.59 1.26 17.01
CA ALA E 19 30.15 2.47 16.32
C ALA E 19 30.27 2.38 14.76
N VAL E 20 31.29 1.67 14.29
CA VAL E 20 31.50 1.53 12.87
C VAL E 20 30.38 0.68 12.22
N GLY E 21 30.14 -0.50 12.78
CA GLY E 21 29.21 -1.44 12.21
C GLY E 21 27.79 -0.92 12.27
N SER E 22 27.44 -0.35 13.41
CA SER E 22 26.14 0.24 13.63
C SER E 22 25.89 1.38 12.63
N SER E 23 26.88 2.26 12.49
CA SER E 23 26.80 3.35 11.53
C SER E 23 26.72 2.86 10.08
N TYR E 24 27.46 1.80 9.78
CA TYR E 24 27.38 1.17 8.46
C TYR E 24 25.96 0.72 8.17
N ALA E 25 25.38 0.02 9.14
CA ALA E 25 24.07 -0.52 8.96
C ALA E 25 23.11 0.63 8.70
N TYR E 26 23.31 1.74 9.40
CA TYR E 26 22.38 2.86 9.30
C TYR E 26 22.50 3.46 7.92
N ALA E 27 23.74 3.54 7.44
CA ALA E 27 23.98 4.04 6.10
C ALA E 27 23.26 3.16 5.03
N MET E 28 23.29 1.85 5.24
CA MET E 28 22.68 0.90 4.31
C MET E 28 21.15 1.07 4.33
N VAL E 29 20.60 1.26 5.52
CA VAL E 29 19.17 1.56 5.70
C VAL E 29 18.71 2.82 4.97
N LEU E 30 19.40 3.94 5.19
CA LEU E 30 19.04 5.23 4.57
C LEU E 30 19.19 5.26 3.09
N GLN E 31 20.16 4.54 2.57
CA GLN E 31 20.41 4.56 1.15
C GLN E 31 19.71 3.42 0.45
N GLY E 32 19.05 2.56 1.22
CA GLY E 32 18.26 1.48 0.64
C GLY E 32 19.10 0.45 -0.07
N ILE E 33 20.27 0.15 0.48
CA ILE E 33 21.17 -0.82 -0.12
C ILE E 33 21.00 -2.14 0.61
N ALA E 34 20.76 -3.19 -0.16
CA ALA E 34 20.42 -4.54 0.32
C ALA E 34 19.05 -4.63 0.96
N GLN E 35 18.52 -5.84 1.05
CA GLN E 35 17.17 -6.07 1.59
C GLN E 35 17.18 -6.80 2.94
N GLU E 36 18.37 -7.15 3.42
CA GLU E 36 18.49 -7.90 4.66
C GLU E 36 19.87 -7.68 5.33
N ILE E 37 19.85 -7.39 6.62
CA ILE E 37 21.07 -7.17 7.37
C ILE E 37 20.96 -7.95 8.67
N GLY E 38 21.83 -8.94 8.83
CA GLY E 38 21.93 -9.68 10.09
C GLY E 38 23.13 -9.12 10.86
N ILE E 39 22.93 -8.79 12.12
CA ILE E 39 23.98 -8.17 12.92
C ILE E 39 24.52 -9.17 13.97
N VAL E 40 25.82 -9.47 13.89
CA VAL E 40 26.47 -10.44 14.78
C VAL E 40 27.53 -9.78 15.65
N ASP E 41 27.43 -10.01 16.96
CA ASP E 41 28.39 -9.48 17.93
C ASP E 41 28.36 -10.31 19.22
N ILE E 42 29.45 -10.34 19.95
CA ILE E 42 29.49 -11.05 21.25
C ILE E 42 28.37 -10.55 22.18
N PHE E 43 28.08 -9.24 22.14
CA PHE E 43 27.02 -8.60 22.93
C PHE E 43 25.65 -8.70 22.22
N LYS E 44 24.91 -9.75 22.54
CA LYS E 44 23.65 -10.03 21.86
C LYS E 44 22.59 -8.99 22.16
N ASP E 45 22.57 -8.50 23.38
CA ASP E 45 21.59 -7.48 23.72
C ASP E 45 21.75 -6.22 22.87
N LYS E 46 22.99 -5.76 22.72
CA LYS E 46 23.29 -4.58 21.92
C LYS E 46 22.76 -4.78 20.50
N THR E 47 23.02 -5.92 19.90
CA THR E 47 22.59 -6.15 18.54
C THR E 47 21.07 -6.22 18.40
N LYS E 48 20.40 -6.80 19.39
CA LYS E 48 18.94 -6.83 19.40
C LYS E 48 18.38 -5.41 19.40
N GLY E 49 18.98 -4.57 20.24
CA GLY E 49 18.56 -3.18 20.40
C GLY E 49 18.77 -2.35 19.15
N ASP E 50 19.89 -2.59 18.49
CA ASP E 50 20.24 -1.88 17.29
C ASP E 50 19.33 -2.30 16.14
N ALA E 51 19.09 -3.60 16.03
CA ALA E 51 18.14 -4.10 15.03
C ALA E 51 16.80 -3.41 15.15
N ILE E 52 16.31 -3.24 16.37
CA ILE E 52 15.05 -2.55 16.59
C ILE E 52 15.18 -1.09 16.22
N ASP E 53 16.22 -0.42 16.70
CA ASP E 53 16.36 1.04 16.53
C ASP E 53 16.50 1.36 15.04
N LEU E 54 17.25 0.54 14.33
CA LEU E 54 17.42 0.66 12.86
C LEU E 54 16.11 0.36 12.13
N SER E 55 15.38 -0.65 12.59
CA SER E 55 14.08 -0.95 11.99
C SER E 55 13.10 0.19 12.10
N ASN E 56 13.18 0.96 13.20
CA ASN E 56 12.32 2.12 13.37
C ASN E 56 12.43 3.15 12.24
N ALA E 57 13.58 3.16 11.59
CA ALA E 57 13.82 4.10 10.51
C ALA E 57 13.14 3.71 9.19
N LEU E 58 12.77 2.44 9.05
CA LEU E 58 12.38 1.90 7.76
C LEU E 58 11.14 2.51 7.07
N PRO E 59 10.17 2.97 7.84
CA PRO E 59 9.04 3.58 7.18
C PRO E 59 9.38 4.83 6.41
N PHE E 60 10.61 5.33 6.55
CA PHE E 60 11.03 6.55 5.88
C PHE E 60 12.00 6.22 4.75
N THR E 61 12.23 4.93 4.46
CA THR E 61 13.21 4.48 3.45
C THR E 61 12.64 3.22 2.82
N SER E 62 13.45 2.46 2.09
CA SER E 62 13.00 1.18 1.54
C SER E 62 13.10 0.08 2.59
N PRO E 63 12.30 -1.01 2.44
CA PRO E 63 12.23 -1.99 3.53
C PRO E 63 13.39 -2.95 3.57
N LYS E 64 13.53 -3.62 4.70
CA LYS E 64 14.67 -4.46 5.02
C LYS E 64 14.29 -5.36 6.15
N LYS E 65 14.75 -6.58 6.12
CA LYS E 65 14.69 -7.44 7.28
C LYS E 65 16.00 -7.23 8.05
N ILE E 66 15.90 -6.81 9.31
CA ILE E 66 17.06 -6.54 10.16
C ILE E 66 16.96 -7.29 11.49
N TYR E 67 18.02 -7.96 11.92
CA TYR E 67 17.90 -8.75 13.14
C TYR E 67 19.26 -9.03 13.77
N SER E 68 19.23 -9.37 15.05
CA SER E 68 20.39 -9.92 15.74
C SER E 68 20.65 -11.29 15.16
N ALA E 69 21.88 -11.56 14.75
CA ALA E 69 22.17 -12.77 13.99
C ALA E 69 23.31 -13.60 14.56
N GLU E 70 23.48 -14.78 13.98
CA GLU E 70 24.54 -15.71 14.31
C GLU E 70 25.34 -16.06 13.06
N TYR E 71 26.57 -16.47 13.25
CA TYR E 71 27.45 -16.88 12.14
C TYR E 71 26.79 -17.82 11.14
N SER E 72 25.94 -18.73 11.63
CA SER E 72 25.22 -19.67 10.75
C SER E 72 24.23 -18.97 9.79
N ASP E 73 23.81 -17.74 10.11
CA ASP E 73 22.94 -16.99 9.20
C ASP E 73 23.69 -16.50 7.94
N ALA E 74 25.00 -16.71 7.86
CA ALA E 74 25.73 -16.36 6.66
C ALA E 74 25.57 -17.37 5.52
N LYS E 75 24.89 -18.49 5.76
CA LYS E 75 24.77 -19.57 4.78
C LYS E 75 24.50 -19.03 3.38
N ASP E 76 23.51 -18.18 3.26
CA ASP E 76 23.08 -17.68 1.95
C ASP E 76 23.32 -16.18 1.78
N ALA E 77 24.32 -15.62 2.45
CA ALA E 77 24.56 -14.17 2.42
C ALA E 77 25.37 -13.78 1.20
N ASP E 78 25.10 -12.58 0.68
CA ASP E 78 25.90 -12.06 -0.42
C ASP E 78 27.22 -11.54 0.11
N LEU E 79 27.20 -11.00 1.32
CA LEU E 79 28.26 -10.16 1.78
C LEU E 79 28.47 -10.38 3.26
N VAL E 80 29.72 -10.54 3.68
CA VAL E 80 30.06 -10.57 5.07
C VAL E 80 31.02 -9.39 5.35
N VAL E 81 30.61 -8.50 6.24
CA VAL E 81 31.40 -7.34 6.57
C VAL E 81 31.97 -7.46 7.98
N ILE E 82 33.28 -7.37 8.11
CA ILE E 82 33.94 -7.60 9.39
C ILE E 82 34.50 -6.31 9.93
N THR E 83 33.98 -5.89 11.06
CA THR E 83 34.41 -4.65 11.69
C THR E 83 34.96 -4.92 13.08
N ALA E 84 35.60 -3.90 13.65
CA ALA E 84 36.00 -3.85 15.06
C ALA E 84 37.12 -4.81 15.45
N GLY E 85 38.31 -4.43 15.08
CA GLY E 85 39.47 -5.19 15.56
C GLY E 85 39.75 -4.91 17.05
N ALA E 86 40.36 -5.86 17.75
CA ALA E 86 40.89 -5.61 19.09
C ALA E 86 42.03 -4.60 19.00
N PRO E 87 41.98 -3.52 19.76
CA PRO E 87 42.99 -2.46 19.65
C PRO E 87 44.30 -2.76 20.34
N GLN E 88 45.36 -2.07 19.93
CA GLN E 88 46.69 -2.25 20.53
C GLN E 88 46.81 -1.65 21.94
N LYS E 89 47.35 -2.38 22.90
CA LYS E 89 47.67 -1.80 24.23
C LYS E 89 49.18 -1.47 24.39
N PRO E 90 49.52 -0.53 25.29
CA PRO E 90 50.92 -0.13 25.41
C PRO E 90 51.73 -1.32 25.91
N GLY E 91 52.89 -1.55 25.31
CA GLY E 91 53.66 -2.73 25.70
C GLY E 91 53.31 -3.99 24.93
N GLU E 92 52.34 -3.86 24.03
CA GLU E 92 52.18 -4.78 22.92
C GLU E 92 52.97 -4.32 21.68
N THR E 93 53.60 -5.27 21.04
CA THR E 93 54.22 -5.04 19.72
C THR E 93 53.15 -5.09 18.64
N ARG E 94 53.49 -4.64 17.44
CA ARG E 94 52.57 -4.77 16.30
C ARG E 94 52.26 -6.24 16.05
N LEU E 95 53.28 -7.07 16.21
CA LEU E 95 53.13 -8.53 16.02
C LEU E 95 52.16 -9.16 17.04
N ASP E 96 52.16 -8.62 18.26
CA ASP E 96 51.20 -9.01 19.29
C ASP E 96 49.80 -8.67 18.89
N LEU E 97 49.62 -7.44 18.41
CA LEU E 97 48.34 -6.95 17.92
C LEU E 97 47.77 -7.91 16.86
N VAL E 98 48.62 -8.24 15.90
CA VAL E 98 48.23 -9.11 14.83
C VAL E 98 47.81 -10.47 15.39
N ASN E 99 48.67 -11.10 16.21
CA ASN E 99 48.38 -12.43 16.78
C ASN E 99 47.08 -12.47 17.58
N LYS E 100 46.85 -11.44 18.38
CA LYS E 100 45.63 -11.28 19.13
C LYS E 100 44.38 -11.26 18.20
N ASN E 101 44.46 -10.42 17.16
CA ASN E 101 43.35 -10.26 16.23
C ASN E 101 43.19 -11.48 15.33
N LEU E 102 44.26 -12.28 15.17
CA LEU E 102 44.16 -13.52 14.40
C LEU E 102 43.31 -14.58 15.11
N LYS E 103 43.49 -14.71 16.42
CA LYS E 103 42.68 -15.64 17.22
C LYS E 103 41.23 -15.26 17.09
N ILE E 104 40.94 -13.98 17.29
CA ILE E 104 39.57 -13.52 17.20
C ILE E 104 39.01 -13.72 15.76
N LEU E 105 39.82 -13.37 14.77
CA LEU E 105 39.37 -13.42 13.38
C LEU E 105 39.04 -14.84 12.97
N LYS E 106 39.88 -15.78 13.42
CA LYS E 106 39.65 -17.21 13.14
C LYS E 106 38.33 -17.73 13.75
N SER E 107 37.99 -17.22 14.93
CA SER E 107 36.75 -17.60 15.62
C SER E 107 35.51 -17.04 14.90
N ILE E 108 35.71 -16.07 14.00
CA ILE E 108 34.65 -15.52 13.16
C ILE E 108 34.59 -16.21 11.79
N VAL E 109 35.73 -16.28 11.12
CA VAL E 109 35.79 -16.77 9.76
C VAL E 109 35.41 -18.24 9.66
N ASP E 110 35.96 -19.08 10.53
CA ASP E 110 35.72 -20.52 10.46
C ASP E 110 34.21 -20.84 10.50
N PRO E 111 33.49 -20.39 11.53
CA PRO E 111 32.06 -20.67 11.55
C PRO E 111 31.26 -20.06 10.38
N ILE E 112 31.72 -18.91 9.87
CA ILE E 112 31.08 -18.36 8.68
C ILE E 112 31.28 -19.26 7.46
N VAL E 113 32.50 -19.73 7.24
CA VAL E 113 32.75 -20.67 6.14
C VAL E 113 31.95 -21.98 6.33
N ASP E 114 31.91 -22.49 7.56
CA ASP E 114 31.14 -23.70 7.88
C ASP E 114 29.67 -23.53 7.58
N SER E 115 29.12 -22.33 7.72
CA SER E 115 27.72 -22.06 7.39
C SER E 115 27.38 -22.40 5.93
N GLY E 116 28.38 -22.37 5.06
CA GLY E 116 28.18 -22.55 3.62
C GLY E 116 28.29 -21.24 2.85
N PHE E 117 28.51 -20.14 3.57
CA PHE E 117 28.70 -18.83 2.96
C PHE E 117 29.57 -18.92 1.74
N ASN E 118 29.13 -18.28 0.69
CA ASN E 118 29.76 -18.41 -0.58
C ASN E 118 29.71 -17.08 -1.33
N GLY E 119 29.95 -16.00 -0.58
CA GLY E 119 29.86 -14.65 -1.12
C GLY E 119 31.18 -13.91 -1.07
N ILE E 120 31.14 -12.62 -0.76
CA ILE E 120 32.35 -11.81 -0.68
C ILE E 120 32.57 -11.34 0.75
N PHE E 121 33.82 -11.40 1.19
CA PHE E 121 34.23 -10.86 2.48
C PHE E 121 34.65 -9.40 2.27
N LEU E 122 34.13 -8.52 3.12
CA LEU E 122 34.57 -7.11 3.13
C LEU E 122 35.11 -6.80 4.50
N VAL E 123 36.38 -6.46 4.56
CA VAL E 123 37.08 -6.37 5.85
C VAL E 123 37.48 -4.94 6.15
N ALA E 124 37.06 -4.46 7.34
CA ALA E 124 37.37 -3.10 7.80
C ALA E 124 38.10 -3.04 9.15
N ALA E 125 38.09 -4.13 9.91
CA ALA E 125 38.85 -4.23 11.14
C ALA E 125 40.31 -3.85 10.97
N ASN E 126 40.82 -3.11 11.95
CA ASN E 126 42.20 -2.75 11.99
C ASN E 126 43.04 -3.77 12.73
N PRO E 127 44.27 -4.01 12.22
CA PRO E 127 44.87 -3.37 11.04
C PRO E 127 44.44 -4.02 9.69
N VAL E 128 43.83 -3.22 8.82
CA VAL E 128 42.94 -3.70 7.77
C VAL E 128 43.62 -4.48 6.67
N ASP E 129 44.73 -4.01 6.16
CA ASP E 129 45.43 -4.78 5.14
C ASP E 129 45.88 -6.17 5.64
N ILE E 130 46.39 -6.23 6.86
CA ILE E 130 46.87 -7.49 7.44
C ILE E 130 45.69 -8.41 7.64
N LEU E 131 44.60 -7.90 8.24
CA LEU E 131 43.45 -8.78 8.54
C LEU E 131 42.69 -9.16 7.30
N THR E 132 42.86 -8.38 6.24
CA THR E 132 42.32 -8.75 4.95
C THR E 132 43.10 -9.96 4.48
N TYR E 133 44.43 -9.90 4.53
CA TYR E 133 45.26 -11.08 4.18
C TYR E 133 44.93 -12.29 5.06
N ALA E 134 44.80 -12.05 6.35
CA ALA E 134 44.49 -13.11 7.26
C ALA E 134 43.13 -13.71 6.93
N THR E 135 42.16 -12.88 6.56
CA THR E 135 40.82 -13.33 6.22
C THR E 135 40.88 -14.25 4.98
N TRP E 136 41.66 -13.85 3.98
CA TRP E 136 41.87 -14.67 2.79
C TRP E 136 42.47 -16.02 3.16
N LYS E 137 43.52 -15.96 3.96
CA LYS E 137 44.27 -17.16 4.38
C LYS E 137 43.40 -18.13 5.19
N LEU E 138 42.62 -17.58 6.12
CA LEU E 138 41.69 -18.37 6.92
C LEU E 138 40.48 -18.90 6.16
N SER E 139 39.94 -18.09 5.27
CA SER E 139 38.68 -18.47 4.60
C SER E 139 38.90 -19.52 3.50
N GLY E 140 40.07 -19.48 2.89
CA GLY E 140 40.33 -20.23 1.68
C GLY E 140 39.62 -19.70 0.45
N PHE E 141 39.00 -18.52 0.53
CA PHE E 141 38.29 -17.97 -0.63
C PHE E 141 39.25 -17.44 -1.66
N PRO E 142 38.78 -17.20 -2.87
CA PRO E 142 39.68 -16.58 -3.85
C PRO E 142 40.07 -15.16 -3.45
N LYS E 143 41.23 -14.77 -3.94
CA LYS E 143 41.79 -13.41 -3.77
C LYS E 143 40.83 -12.26 -4.07
N ASN E 144 40.11 -12.36 -5.17
CA ASN E 144 39.28 -11.27 -5.63
C ASN E 144 37.96 -11.20 -4.85
N ARG E 145 37.68 -12.21 -4.02
CA ARG E 145 36.47 -12.24 -3.17
C ARG E 145 36.72 -11.98 -1.71
N VAL E 146 37.94 -11.53 -1.39
CA VAL E 146 38.26 -10.96 -0.06
C VAL E 146 38.83 -9.58 -0.28
N VAL E 147 38.17 -8.61 0.29
CA VAL E 147 38.41 -7.21 -0.01
C VAL E 147 38.51 -6.42 1.25
N GLY E 148 39.49 -5.54 1.32
CA GLY E 148 39.63 -4.67 2.48
C GLY E 148 39.33 -3.23 2.12
N SER E 149 38.95 -2.46 3.13
CA SER E 149 38.53 -1.09 2.89
C SER E 149 39.77 -0.25 2.62
N GLY E 150 40.89 -0.70 3.14
CA GLY E 150 42.16 -0.13 2.77
C GLY E 150 42.26 1.36 3.00
N THR E 151 42.67 2.06 1.98
CA THR E 151 42.79 3.50 2.06
C THR E 151 41.58 4.21 1.43
N SER E 152 40.44 3.54 1.35
CA SER E 152 39.26 4.20 0.82
C SER E 152 38.94 5.39 1.71
N LEU E 153 39.07 5.22 3.01
CA LEU E 153 38.74 6.31 3.96
C LEU E 153 39.75 7.42 3.98
N ASP E 154 41.01 7.04 4.04
CA ASP E 154 42.10 8.02 3.91
C ASP E 154 41.98 8.83 2.63
N THR E 155 41.64 8.16 1.53
CA THR E 155 41.40 8.82 0.25
C THR E 155 40.22 9.81 0.36
N ALA E 156 39.10 9.37 0.91
CA ALA E 156 37.97 10.32 1.14
C ALA E 156 38.38 11.54 1.99
N ARG E 157 39.12 11.29 3.05
CA ARG E 157 39.62 12.40 3.88
C ARG E 157 40.51 13.34 3.09
N PHE E 158 41.39 12.78 2.28
CA PHE E 158 42.27 13.58 1.46
C PHE E 158 41.47 14.46 0.51
N ARG E 159 40.52 13.88 -0.18
CA ARG E 159 39.73 14.64 -1.13
C ARG E 159 38.92 15.76 -0.49
N GLN E 160 38.37 15.49 0.68
CA GLN E 160 37.57 16.48 1.37
C GLN E 160 38.43 17.64 1.87
N SER E 161 39.63 17.32 2.29
CA SER E 161 40.60 18.32 2.67
C SER E 161 40.95 19.25 1.54
N ILE E 162 41.25 18.69 0.38
CA ILE E 162 41.54 19.46 -0.81
C ILE E 162 40.32 20.28 -1.24
N ALA E 163 39.17 19.63 -1.31
CA ALA E 163 37.89 20.27 -1.61
C ALA E 163 37.64 21.53 -0.76
N GLU E 164 37.91 21.41 0.55
CA GLU E 164 37.73 22.54 1.47
C GLU E 164 38.75 23.64 1.16
N MET E 165 39.97 23.28 0.83
CA MET E 165 40.97 24.28 0.56
C MET E 165 40.59 25.08 -0.67
N VAL E 166 40.15 24.38 -1.70
CA VAL E 166 39.95 24.98 -2.98
C VAL E 166 38.49 25.39 -3.22
N ASN E 167 37.62 25.08 -2.28
CA ASN E 167 36.18 25.40 -2.37
C ASN E 167 35.42 24.78 -3.57
N VAL E 168 35.52 23.47 -3.64
CA VAL E 168 34.99 22.68 -4.72
C VAL E 168 34.36 21.42 -4.12
N ASP E 169 33.34 20.88 -4.79
CA ASP E 169 32.69 19.64 -4.36
C ASP E 169 33.70 18.53 -4.39
N ALA E 170 33.84 17.82 -3.29
CA ALA E 170 34.83 16.74 -3.21
C ALA E 170 34.67 15.67 -4.33
N ARG E 171 33.43 15.46 -4.84
CA ARG E 171 33.26 14.54 -5.96
C ARG E 171 34.00 14.99 -7.24
N SER E 172 34.41 16.24 -7.30
CA SER E 172 35.19 16.81 -8.43
C SER E 172 36.68 16.79 -8.20
N VAL E 173 37.09 16.29 -7.04
CA VAL E 173 38.48 16.16 -6.65
C VAL E 173 38.88 14.70 -6.78
N HIS E 174 40.01 14.45 -7.39
CA HIS E 174 40.46 13.11 -7.72
C HIS E 174 41.87 12.99 -7.21
N ALA E 175 42.00 12.32 -6.07
CA ALA E 175 43.26 12.17 -5.41
C ALA E 175 43.26 10.89 -4.57
N TYR E 176 44.37 10.19 -4.51
CA TYR E 176 44.45 8.93 -3.80
C TYR E 176 45.45 8.98 -2.66
N ILE E 177 45.16 8.21 -1.63
CA ILE E 177 46.16 7.81 -0.65
C ILE E 177 46.33 6.30 -0.89
N MET E 178 47.57 5.85 -0.90
CA MET E 178 47.88 4.46 -1.18
C MET E 178 48.85 3.90 -0.16
N GLY E 179 49.07 2.60 -0.28
CA GLY E 179 49.94 1.86 0.60
C GLY E 179 49.15 1.06 1.62
N GLU E 180 49.83 0.70 2.70
CA GLU E 180 49.16 0.11 3.85
C GLU E 180 48.47 1.23 4.58
N HIS E 181 47.17 1.07 4.82
CA HIS E 181 46.45 2.02 5.66
C HIS E 181 47.15 2.13 7.01
N GLY E 182 47.57 3.33 7.37
CA GLY E 182 48.30 3.55 8.62
C GLY E 182 49.47 4.49 8.38
N ASP E 183 50.43 4.47 9.30
CA ASP E 183 51.55 5.44 9.31
C ASP E 183 52.35 5.52 8.01
N THR E 184 52.45 4.43 7.26
CA THR E 184 53.29 4.39 6.08
C THR E 184 52.58 4.70 4.79
N GLU E 185 51.30 5.05 4.86
CA GLU E 185 50.54 5.37 3.64
C GLU E 185 51.10 6.64 3.07
N PHE E 186 50.82 6.91 1.80
CA PHE E 186 51.36 8.12 1.19
C PHE E 186 50.35 8.69 0.18
N PRO E 187 50.40 10.01 -0.06
CA PRO E 187 49.61 10.63 -1.09
C PRO E 187 50.22 10.56 -2.49
N VAL E 188 49.37 10.44 -3.49
CA VAL E 188 49.83 10.41 -4.86
C VAL E 188 49.62 11.77 -5.46
N TRP E 189 50.48 12.73 -5.08
CA TRP E 189 50.35 14.09 -5.62
C TRP E 189 50.53 14.19 -7.12
N SER E 190 51.33 13.29 -7.69
CA SER E 190 51.57 13.32 -9.14
C SER E 190 50.26 13.22 -9.96
N HIS E 191 49.24 12.54 -9.45
CA HIS E 191 48.01 12.29 -10.21
C HIS E 191 46.82 12.96 -9.61
N ALA E 192 47.00 13.69 -8.53
CA ALA E 192 45.89 14.30 -7.83
C ALA E 192 45.48 15.54 -8.57
N ASN E 193 44.18 15.76 -8.72
CA ASN E 193 43.70 16.86 -9.56
C ASN E 193 42.27 17.21 -9.28
N ILE E 194 41.91 18.36 -9.80
CA ILE E 194 40.60 18.93 -9.66
C ILE E 194 40.22 19.26 -11.08
N GLY E 195 39.25 18.52 -11.59
CA GLY E 195 38.75 18.75 -12.94
C GLY E 195 39.86 18.66 -13.96
N GLY E 196 40.81 17.76 -13.72
CA GLY E 196 41.93 17.57 -14.63
C GLY E 196 43.11 18.49 -14.45
N VAL E 197 42.96 19.57 -13.68
CA VAL E 197 44.07 20.46 -13.36
C VAL E 197 44.78 19.91 -12.12
N THR E 198 46.05 19.52 -12.27
CA THR E 198 46.73 18.80 -11.18
C THR E 198 46.94 19.76 -10.04
N ILE E 199 47.23 19.23 -8.87
CA ILE E 199 47.52 20.11 -7.76
C ILE E 199 48.83 20.91 -8.01
N ALA E 200 49.82 20.31 -8.69
CA ALA E 200 51.04 21.02 -9.13
C ALA E 200 50.72 22.19 -10.06
N GLU E 201 49.85 21.95 -11.03
CA GLU E 201 49.35 23.01 -11.89
C GLU E 201 48.47 24.02 -11.11
N TRP E 202 47.71 23.55 -10.10
CA TRP E 202 46.77 24.43 -9.36
C TRP E 202 47.55 25.44 -8.55
N VAL E 203 48.64 24.97 -7.97
CA VAL E 203 49.49 25.82 -7.10
C VAL E 203 50.10 27.04 -7.83
N LYS E 204 50.36 26.86 -9.13
CA LYS E 204 50.34 27.98 -10.11
C LYS E 204 48.94 28.64 -10.20
N GLU E 211 53.76 25.07 -0.75
CA GLU E 211 54.13 23.65 -0.72
C GLU E 211 53.97 23.05 0.70
N ASP E 212 54.34 23.83 1.71
CA ASP E 212 54.25 23.36 3.10
C ASP E 212 52.78 23.13 3.56
N LYS E 213 51.84 23.87 2.98
CA LYS E 213 50.41 23.61 3.24
C LYS E 213 50.02 22.19 2.82
N LEU E 214 50.49 21.77 1.66
CA LEU E 214 50.13 20.48 1.10
C LEU E 214 50.74 19.33 1.87
N VAL E 215 51.94 19.53 2.39
CA VAL E 215 52.60 18.55 3.22
C VAL E 215 51.81 18.39 4.50
N LYS E 216 51.46 19.51 5.09
CA LYS E 216 50.72 19.50 6.35
C LYS E 216 49.33 18.90 6.12
N MET E 217 48.75 19.19 4.97
CA MET E 217 47.41 18.67 4.62
C MET E 217 47.42 17.14 4.63
N PHE E 218 48.47 16.54 4.04
CA PHE E 218 48.60 15.10 4.07
C PHE E 218 48.90 14.54 5.48
N GLU E 219 49.72 15.25 6.25
CA GLU E 219 50.00 14.86 7.62
C GLU E 219 48.74 14.84 8.43
N ASP E 220 47.95 15.91 8.32
CA ASP E 220 46.63 15.96 8.97
C ASP E 220 45.71 14.80 8.54
N VAL E 221 45.77 14.40 7.27
CA VAL E 221 45.02 13.24 6.83
C VAL E 221 45.53 11.96 7.49
N ARG E 222 46.81 11.69 7.38
CA ARG E 222 47.42 10.52 8.00
C ARG E 222 47.06 10.41 9.49
N ASP E 223 47.06 11.54 10.22
CA ASP E 223 46.83 11.58 11.66
C ASP E 223 45.40 11.90 12.03
N ALA E 224 44.50 11.82 11.06
CA ALA E 224 43.15 12.26 11.29
C ALA E 224 42.45 11.49 12.42
N ALA E 225 42.61 10.18 12.42
CA ALA E 225 41.94 9.36 13.45
C ALA E 225 42.29 9.85 14.86
N TYR E 226 43.58 10.11 15.09
CA TYR E 226 43.99 10.57 16.40
C TYR E 226 43.27 11.88 16.78
N GLU E 227 43.16 12.82 15.83
CA GLU E 227 42.53 14.10 16.14
C GLU E 227 41.04 13.90 16.47
N ILE E 228 40.35 13.09 15.67
CA ILE E 228 38.92 12.92 15.82
C ILE E 228 38.62 12.19 17.13
N ILE E 229 39.39 11.15 17.42
CA ILE E 229 39.24 10.40 18.66
C ILE E 229 39.43 11.32 19.87
N LYS E 230 40.44 12.17 19.79
CA LYS E 230 40.74 13.10 20.86
C LYS E 230 39.52 13.99 21.06
N LEU E 231 38.91 14.44 19.98
CA LEU E 231 37.86 15.43 20.09
C LEU E 231 36.52 14.85 20.46
N LYS E 232 36.20 13.66 19.96
CA LYS E 232 34.84 13.13 20.19
C LYS E 232 34.79 11.67 20.61
N GLY E 233 35.93 11.02 20.81
CA GLY E 233 35.94 9.68 21.41
C GLY E 233 36.11 8.56 20.42
N ALA E 234 35.65 8.76 19.20
CA ALA E 234 35.75 7.73 18.20
C ALA E 234 35.58 8.29 16.80
N THR E 235 35.91 7.48 15.80
CA THR E 235 35.77 7.88 14.41
C THR E 235 34.98 6.79 13.72
N PHE E 236 33.95 7.17 12.97
CA PHE E 236 33.09 6.14 12.40
C PHE E 236 32.32 6.53 11.15
N TYR E 237 31.92 7.79 11.04
CA TYR E 237 31.05 8.15 9.92
C TYR E 237 31.75 7.97 8.56
N GLY E 238 33.02 8.31 8.51
CA GLY E 238 33.78 8.15 7.28
C GLY E 238 33.87 6.72 6.81
N ILE E 239 34.29 5.81 7.68
CA ILE E 239 34.51 4.41 7.28
C ILE E 239 33.16 3.74 7.01
N ALA E 240 32.16 4.04 7.83
CA ALA E 240 30.82 3.49 7.59
C ALA E 240 30.33 3.88 6.21
N THR E 241 30.54 5.14 5.86
CA THR E 241 30.08 5.65 4.57
C THR E 241 30.85 4.96 3.39
N ALA E 242 32.14 4.76 3.59
CA ALA E 242 32.95 4.07 2.64
C ALA E 242 32.49 2.65 2.47
N LEU E 243 32.24 1.97 3.58
CA LEU E 243 31.81 0.56 3.53
C LEU E 243 30.50 0.44 2.76
N ALA E 244 29.60 1.39 2.99
CA ALA E 244 28.31 1.34 2.28
C ALA E 244 28.53 1.60 0.80
N ARG E 245 29.51 2.44 0.48
CA ARG E 245 29.81 2.72 -0.92
C ARG E 245 30.36 1.49 -1.63
N ILE E 246 31.28 0.78 -0.96
CA ILE E 246 31.84 -0.42 -1.51
C ILE E 246 30.74 -1.48 -1.63
N SER E 247 29.91 -1.58 -0.62
CA SER E 247 28.81 -2.54 -0.64
C SER E 247 27.91 -2.31 -1.85
N LYS E 248 27.59 -1.04 -2.13
CA LYS E 248 26.77 -0.71 -3.27
C LYS E 248 27.45 -1.05 -4.61
N ALA E 249 28.77 -0.88 -4.69
CA ALA E 249 29.49 -1.19 -5.92
C ALA E 249 29.41 -2.66 -6.23
N ILE E 250 29.54 -3.48 -5.19
CA ILE E 250 29.38 -4.94 -5.31
C ILE E 250 27.92 -5.25 -5.70
N LEU E 251 26.97 -4.84 -4.86
CA LEU E 251 25.58 -5.31 -5.01
C LEU E 251 24.88 -4.80 -6.27
N ASN E 252 25.26 -3.63 -6.75
CA ASN E 252 24.75 -3.14 -8.03
C ASN E 252 25.72 -3.33 -9.19
N ASP E 253 26.70 -4.22 -9.01
CA ASP E 253 27.55 -4.66 -10.08
C ASP E 253 28.10 -3.50 -10.93
N GLU E 254 28.73 -2.54 -10.27
CA GLU E 254 29.05 -1.24 -10.86
C GLU E 254 30.31 -1.22 -11.72
N ASN E 255 31.28 -2.06 -11.41
CA ASN E 255 32.63 -1.88 -11.97
C ASN E 255 33.17 -0.51 -11.65
N ALA E 256 33.00 -0.12 -10.40
CA ALA E 256 33.49 1.16 -9.96
C ALA E 256 34.98 1.06 -9.62
N VAL E 257 35.69 2.18 -9.76
CA VAL E 257 37.05 2.25 -9.35
C VAL E 257 37.12 2.81 -7.94
N LEU E 258 37.66 2.01 -7.02
CA LEU E 258 37.86 2.45 -5.64
C LEU E 258 39.25 2.04 -5.13
N PRO E 259 39.82 2.83 -4.21
CA PRO E 259 41.04 2.43 -3.53
C PRO E 259 40.70 1.39 -2.48
N LEU E 260 41.20 0.21 -2.65
CA LEU E 260 40.84 -0.88 -1.79
C LEU E 260 42.09 -1.67 -1.46
N SER E 261 42.02 -2.48 -0.43
CA SER E 261 43.06 -3.40 -0.14
C SER E 261 42.85 -4.64 -0.96
N VAL E 262 43.76 -4.89 -1.89
CA VAL E 262 43.64 -5.98 -2.87
C VAL E 262 44.93 -6.82 -2.92
N TYR E 263 44.81 -8.05 -3.42
CA TYR E 263 45.93 -8.97 -3.45
C TYR E 263 46.91 -8.61 -4.54
N MET E 264 48.17 -8.60 -4.16
CA MET E 264 49.22 -8.18 -5.03
C MET E 264 49.86 -9.39 -5.79
N ASP E 265 49.67 -9.44 -7.11
CA ASP E 265 50.27 -10.46 -7.99
C ASP E 265 51.16 -9.85 -9.07
N GLY E 266 52.16 -9.08 -8.66
CA GLY E 266 53.12 -8.47 -9.61
C GLY E 266 53.07 -6.96 -9.73
N GLN E 267 51.92 -6.39 -9.40
CA GLN E 267 51.76 -4.96 -9.45
C GLN E 267 52.75 -4.24 -8.57
N TYR E 268 53.28 -3.13 -9.08
CA TYR E 268 54.23 -2.26 -8.36
C TYR E 268 55.45 -3.10 -7.94
N GLY E 269 55.70 -4.22 -8.63
CA GLY E 269 56.73 -5.19 -8.26
C GLY E 269 56.50 -5.93 -6.96
N LEU E 270 55.25 -6.08 -6.56
CA LEU E 270 54.89 -6.60 -5.21
C LEU E 270 54.20 -7.95 -5.37
N ASN E 271 54.31 -8.81 -4.36
CA ASN E 271 53.69 -10.13 -4.35
C ASN E 271 53.23 -10.65 -2.99
N ASP E 272 52.04 -11.27 -3.00
CA ASP E 272 51.54 -12.01 -1.87
C ASP E 272 51.34 -11.16 -0.62
N ILE E 273 50.81 -9.97 -0.81
CA ILE E 273 50.23 -9.17 0.29
C ILE E 273 48.95 -8.51 -0.20
N TYR E 274 48.10 -8.13 0.75
CA TYR E 274 47.04 -7.20 0.43
C TYR E 274 47.53 -5.82 0.77
N ILE E 275 47.32 -4.90 -0.16
CA ILE E 275 47.71 -3.49 0.00
C ILE E 275 46.76 -2.58 -0.78
N GLY E 276 46.79 -1.31 -0.44
CA GLY E 276 45.90 -0.33 -1.00
C GLY E 276 46.31 0.28 -2.32
N THR E 277 45.42 0.16 -3.30
CA THR E 277 45.58 0.73 -4.66
C THR E 277 44.18 0.82 -5.33
N PRO E 278 44.00 1.70 -6.32
CA PRO E 278 42.75 1.71 -7.05
C PRO E 278 42.47 0.39 -7.76
N ALA E 279 41.23 -0.06 -7.72
CA ALA E 279 40.84 -1.31 -8.30
C ALA E 279 39.41 -1.24 -8.77
N VAL E 280 39.07 -2.08 -9.75
CA VAL E 280 37.74 -2.16 -10.30
C VAL E 280 37.01 -3.25 -9.55
N ILE E 281 35.82 -2.94 -9.05
CA ILE E 281 35.05 -3.91 -8.27
C ILE E 281 33.61 -4.03 -8.78
N ASN E 282 33.09 -5.24 -8.74
CA ASN E 282 31.69 -5.48 -9.11
C ASN E 282 31.11 -6.66 -8.33
N ARG E 283 29.99 -7.22 -8.78
CA ARG E 283 29.29 -8.27 -8.06
C ARG E 283 30.20 -9.45 -7.70
N ASN E 284 31.20 -9.69 -8.53
CA ASN E 284 32.16 -10.77 -8.31
C ASN E 284 33.45 -10.36 -7.61
N GLY E 285 33.44 -9.21 -6.96
CA GLY E 285 34.63 -8.70 -6.27
C GLY E 285 35.58 -8.00 -7.22
N ILE E 286 36.87 -8.17 -6.99
CA ILE E 286 37.89 -7.42 -7.71
C ILE E 286 38.05 -7.92 -9.13
N GLN E 287 37.94 -7.03 -10.11
CA GLN E 287 38.13 -7.38 -11.52
C GLN E 287 39.47 -6.94 -12.06
N ASN E 288 39.93 -5.76 -11.69
CA ASN E 288 41.21 -5.28 -12.15
C ASN E 288 41.85 -4.55 -11.02
N ILE E 289 43.15 -4.74 -10.90
CA ILE E 289 43.95 -3.93 -10.06
C ILE E 289 44.62 -2.85 -10.93
N LEU E 290 44.39 -1.58 -10.64
CA LEU E 290 44.98 -0.52 -11.46
C LEU E 290 46.33 -0.15 -10.89
N GLU E 291 47.32 -0.07 -11.77
CA GLU E 291 48.68 0.35 -11.39
C GLU E 291 48.97 1.76 -11.72
N ILE E 292 48.78 2.68 -10.80
CA ILE E 292 49.13 4.08 -11.09
C ILE E 292 50.65 4.17 -11.27
N PRO E 293 51.10 4.85 -12.34
CA PRO E 293 52.54 4.93 -12.50
C PRO E 293 53.02 6.08 -11.61
N LEU E 294 53.82 5.75 -10.62
CA LEU E 294 54.22 6.70 -9.59
C LEU E 294 55.55 7.37 -9.94
N THR E 295 55.82 8.53 -9.33
CA THR E 295 57.15 9.13 -9.39
C THR E 295 58.10 8.24 -8.60
N ASP E 296 59.39 8.51 -8.74
CA ASP E 296 60.34 7.73 -7.99
C ASP E 296 60.08 7.88 -6.51
N HIS E 297 59.86 9.12 -6.07
CA HIS E 297 59.58 9.44 -4.64
C HIS E 297 58.36 8.63 -4.15
N GLU E 298 57.27 8.69 -4.92
CA GLU E 298 56.03 7.95 -4.62
C GLU E 298 56.21 6.42 -4.67
N GLU E 299 56.96 5.92 -5.65
CA GLU E 299 57.21 4.48 -5.75
C GLU E 299 58.02 3.97 -4.55
N GLU E 300 58.91 4.82 -4.06
CA GLU E 300 59.71 4.49 -2.89
C GLU E 300 58.82 4.34 -1.66
N SER E 301 57.87 5.26 -1.52
CA SER E 301 56.93 5.17 -0.39
C SER E 301 56.10 3.89 -0.42
N MET E 302 55.60 3.53 -1.62
CA MET E 302 54.91 2.25 -1.81
C MET E 302 55.78 1.05 -1.43
N GLN E 303 57.03 1.04 -1.88
CA GLN E 303 57.93 -0.08 -1.60
C GLN E 303 58.14 -0.24 -0.11
N LYS E 304 58.45 0.87 0.55
CA LYS E 304 58.67 0.82 2.00
C LYS E 304 57.43 0.35 2.72
N SER E 305 56.28 0.93 2.40
CA SER E 305 55.01 0.55 3.02
C SER E 305 54.80 -0.94 2.87
N ALA E 306 54.93 -1.42 1.63
CA ALA E 306 54.84 -2.86 1.32
C ALA E 306 55.89 -3.76 2.02
N SER E 307 57.17 -3.38 1.95
CA SER E 307 58.27 -4.15 2.65
C SER E 307 58.02 -4.33 4.15
N GLN E 308 57.70 -3.26 4.86
CA GLN E 308 57.41 -3.34 6.30
C GLN E 308 56.21 -4.28 6.56
N LEU E 309 55.15 -4.08 5.77
CA LEU E 309 53.90 -4.86 5.89
C LEU E 309 54.14 -6.34 5.65
N LYS E 310 54.93 -6.63 4.62
CA LYS E 310 55.29 -8.00 4.31
C LYS E 310 56.13 -8.65 5.39
N LYS E 311 57.07 -7.91 5.99
CA LYS E 311 57.86 -8.47 7.06
C LYS E 311 56.97 -8.92 8.24
N VAL E 312 55.97 -8.10 8.58
CA VAL E 312 55.08 -8.39 9.69
C VAL E 312 54.20 -9.62 9.41
N LEU E 313 53.70 -9.72 8.18
CA LEU E 313 52.90 -10.87 7.79
C LEU E 313 53.71 -12.18 7.83
N THR E 314 54.89 -12.15 7.25
CA THR E 314 55.77 -13.29 7.26
C THR E 314 56.03 -13.72 8.70
N ASP E 315 56.44 -12.77 9.53
CA ASP E 315 56.71 -13.08 10.95
C ASP E 315 55.45 -13.63 11.60
N ALA E 316 54.29 -13.07 11.27
CA ALA E 316 53.05 -13.44 11.94
C ALA E 316 52.70 -14.87 11.67
N PHE E 317 52.87 -15.33 10.43
CA PHE E 317 52.54 -16.70 10.07
C PHE E 317 53.89 -17.46 10.04
N SER F 3 30.59 -18.24 -7.25
CA SER F 3 30.10 -17.25 -6.21
C SER F 3 28.61 -16.94 -6.32
N ILE F 4 27.96 -16.78 -5.16
CA ILE F 4 26.51 -16.49 -5.09
C ILE F 4 26.19 -15.10 -5.66
N THR F 5 27.13 -14.17 -5.45
CA THR F 5 26.98 -12.77 -5.86
C THR F 5 27.05 -12.58 -7.36
N ASP F 6 27.49 -13.61 -8.10
CA ASP F 6 27.40 -13.60 -9.57
C ASP F 6 25.98 -13.35 -10.08
N LYS F 7 25.01 -13.55 -9.21
CA LYS F 7 23.62 -13.32 -9.54
C LYS F 7 23.11 -11.94 -9.11
N ASP F 8 23.98 -11.09 -8.55
CA ASP F 8 23.60 -9.71 -8.26
C ASP F 8 23.80 -8.84 -9.49
N HIS F 9 23.04 -9.17 -10.54
CA HIS F 9 23.00 -8.42 -11.80
C HIS F 9 21.58 -8.55 -12.31
N GLN F 10 20.83 -7.46 -12.33
CA GLN F 10 19.44 -7.46 -12.73
C GLN F 10 19.21 -6.98 -14.16
N LYS F 11 18.41 -7.76 -14.88
CA LYS F 11 18.26 -7.64 -16.31
C LYS F 11 16.81 -7.51 -16.73
N VAL F 12 16.52 -6.46 -17.50
CA VAL F 12 15.19 -6.23 -18.02
C VAL F 12 15.24 -6.32 -19.54
N ILE F 13 14.28 -7.05 -20.11
CA ILE F 13 14.03 -6.98 -21.54
C ILE F 13 12.75 -6.17 -21.76
N LEU F 14 12.87 -5.09 -22.51
CA LEU F 14 11.74 -4.26 -22.89
C LEU F 14 11.31 -4.64 -24.29
N VAL F 15 10.03 -4.94 -24.45
CA VAL F 15 9.48 -5.17 -25.77
C VAL F 15 8.64 -3.94 -26.15
N GLY F 16 8.97 -3.30 -27.25
CA GLY F 16 8.27 -2.09 -27.66
C GLY F 16 9.06 -0.82 -27.33
N ASP F 17 9.59 -0.15 -28.35
CA ASP F 17 10.42 1.03 -28.20
C ASP F 17 9.72 2.27 -28.76
N GLY F 18 8.40 2.33 -28.56
CA GLY F 18 7.63 3.54 -28.78
C GLY F 18 7.84 4.53 -27.64
N ALA F 19 7.02 5.56 -27.59
CA ALA F 19 7.24 6.62 -26.58
C ALA F 19 7.17 6.04 -25.15
N VAL F 20 6.28 5.07 -24.93
CA VAL F 20 6.12 4.48 -23.60
C VAL F 20 7.38 3.74 -23.17
N GLY F 21 7.86 2.86 -24.02
CA GLY F 21 8.96 1.99 -23.70
C GLY F 21 10.24 2.80 -23.54
N SER F 22 10.45 3.70 -24.49
CA SER F 22 11.61 4.54 -24.49
C SER F 22 11.66 5.36 -23.18
N SER F 23 10.52 5.95 -22.82
CA SER F 23 10.41 6.75 -21.59
C SER F 23 10.60 5.90 -20.37
N TYR F 24 10.08 4.68 -20.41
CA TYR F 24 10.30 3.71 -19.33
C TYR F 24 11.81 3.49 -19.11
N ALA F 25 12.50 3.23 -20.20
CA ALA F 25 13.90 2.94 -20.17
C ALA F 25 14.64 4.13 -19.58
N TYR F 26 14.21 5.32 -19.95
CA TYR F 26 14.88 6.52 -19.49
C TYR F 26 14.66 6.67 -17.97
N ALA F 27 13.44 6.37 -17.54
CA ALA F 27 13.13 6.39 -16.13
C ALA F 27 14.03 5.40 -15.34
N MET F 28 14.26 4.23 -15.92
CA MET F 28 15.07 3.19 -15.26
C MET F 28 16.52 3.66 -15.16
N VAL F 29 17.00 4.29 -16.23
CA VAL F 29 18.32 4.89 -16.27
C VAL F 29 18.55 5.94 -15.19
N LEU F 30 17.66 6.91 -15.13
CA LEU F 30 17.78 8.04 -14.16
C LEU F 30 17.66 7.62 -12.74
N GLN F 31 16.84 6.64 -12.47
CA GLN F 31 16.64 6.17 -11.12
C GLN F 31 17.58 5.04 -10.75
N GLY F 32 18.38 4.56 -11.69
CA GLY F 32 19.36 3.53 -11.40
C GLY F 32 18.75 2.20 -11.03
N ILE F 33 17.66 1.84 -11.67
CA ILE F 33 16.98 0.60 -11.41
C ILE F 33 17.41 -0.40 -12.49
N ALA F 34 17.87 -1.56 -12.04
CA ALA F 34 18.44 -2.62 -12.88
C ALA F 34 19.79 -2.26 -13.45
N GLN F 35 20.54 -3.27 -13.85
CA GLN F 35 21.88 -3.06 -14.38
C GLN F 35 21.99 -3.38 -15.90
N GLU F 36 20.88 -3.81 -16.51
CA GLU F 36 20.88 -4.17 -17.92
C GLU F 36 19.49 -4.03 -18.53
N ILE F 37 19.43 -3.37 -19.68
CA ILE F 37 18.17 -3.18 -20.40
C ILE F 37 18.40 -3.54 -21.86
N GLY F 38 17.74 -4.61 -22.32
CA GLY F 38 17.76 -4.96 -23.73
C GLY F 38 16.47 -4.49 -24.36
N ILE F 39 16.57 -3.76 -25.46
CA ILE F 39 15.40 -3.17 -26.08
C ILE F 39 15.05 -3.93 -27.36
N VAL F 40 13.84 -4.49 -27.42
CA VAL F 40 13.39 -5.25 -28.57
C VAL F 40 12.19 -4.58 -29.28
N ASP F 41 12.30 -4.44 -30.59
CA ASP F 41 11.24 -3.85 -31.41
C ASP F 41 11.42 -4.27 -32.87
N ILE F 42 10.34 -4.31 -33.64
CA ILE F 42 10.42 -4.63 -35.09
C ILE F 42 11.41 -3.68 -35.79
N PHE F 43 11.42 -2.40 -35.40
CA PHE F 43 12.30 -1.37 -35.95
C PHE F 43 13.68 -1.38 -35.29
N LYS F 44 14.61 -2.13 -35.86
CA LYS F 44 15.90 -2.35 -35.24
C LYS F 44 16.74 -1.08 -35.20
N ASP F 45 16.63 -0.27 -36.24
CA ASP F 45 17.37 0.97 -36.22
C ASP F 45 16.97 1.87 -35.04
N LYS F 46 15.67 2.04 -34.83
CA LYS F 46 15.16 2.86 -33.74
C LYS F 46 15.76 2.39 -32.42
N THR F 47 15.76 1.08 -32.17
CA THR F 47 16.24 0.58 -30.90
C THR F 47 17.76 0.79 -30.74
N LYS F 48 18.49 0.63 -31.82
CA LYS F 48 19.91 0.88 -31.79
C LYS F 48 20.18 2.32 -31.38
N GLY F 49 19.41 3.23 -31.97
CA GLY F 49 19.57 4.66 -31.73
C GLY F 49 19.22 5.07 -30.32
N ASP F 50 18.14 4.48 -29.82
CA ASP F 50 17.71 4.73 -28.46
C ASP F 50 18.72 4.18 -27.42
N ALA F 51 19.20 2.96 -27.66
CA ALA F 51 20.24 2.38 -26.80
C ALA F 51 21.42 3.32 -26.68
N ILE F 52 21.83 3.91 -27.80
CA ILE F 52 22.94 4.86 -27.77
C ILE F 52 22.54 6.12 -26.99
N ASP F 53 21.38 6.68 -27.34
CA ASP F 53 20.97 7.97 -26.78
C ASP F 53 20.81 7.84 -25.26
N LEU F 54 20.22 6.73 -24.82
CA LEU F 54 20.09 6.42 -23.42
C LEU F 54 21.46 6.19 -22.76
N SER F 55 22.34 5.49 -23.44
CA SER F 55 23.67 5.27 -22.87
C SER F 55 24.41 6.58 -22.61
N ASN F 56 24.15 7.60 -23.42
CA ASN F 56 24.80 8.90 -23.25
C ASN F 56 24.50 9.53 -21.89
N ALA F 57 23.39 9.12 -21.28
CA ALA F 57 23.01 9.64 -19.98
C ALA F 57 23.75 9.02 -18.83
N LEU F 58 24.37 7.86 -19.05
CA LEU F 58 24.89 7.04 -17.94
C LEU F 58 26.02 7.68 -17.11
N PRO F 59 26.85 8.53 -17.69
CA PRO F 59 27.91 9.13 -16.86
C PRO F 59 27.38 10.07 -15.79
N PHE F 60 26.07 10.32 -15.80
CA PHE F 60 25.42 11.17 -14.80
C PHE F 60 24.51 10.34 -13.87
N THR F 61 24.50 9.01 -14.00
CA THR F 61 23.67 8.13 -13.19
C THR F 61 24.48 6.85 -12.91
N SER F 62 23.84 5.80 -12.40
CA SER F 62 24.55 4.54 -12.19
C SER F 62 24.64 3.77 -13.52
N PRO F 63 25.64 2.89 -13.65
CA PRO F 63 25.87 2.26 -14.95
C PRO F 63 24.87 1.21 -15.31
N LYS F 64 24.85 0.86 -16.59
CA LYS F 64 23.90 -0.08 -17.16
C LYS F 64 24.46 -0.54 -18.48
N LYS F 65 24.25 -1.80 -18.81
CA LYS F 65 24.47 -2.28 -20.16
C LYS F 65 23.12 -2.12 -20.90
N ILE F 66 23.10 -1.35 -21.98
CA ILE F 66 21.89 -1.09 -22.76
C ILE F 66 22.12 -1.38 -24.23
N TYR F 67 21.20 -2.08 -24.88
CA TYR F 67 21.45 -2.49 -26.28
C TYR F 67 20.18 -2.84 -26.98
N SER F 68 20.25 -2.80 -28.30
CA SER F 68 19.19 -3.34 -29.16
C SER F 68 19.23 -4.80 -28.99
N ALA F 69 18.09 -5.41 -28.69
CA ALA F 69 18.06 -6.83 -28.30
C ALA F 69 17.09 -7.67 -29.11
N GLU F 70 17.16 -8.98 -28.86
CA GLU F 70 16.32 -9.96 -29.51
C GLU F 70 15.61 -10.78 -28.48
N TYR F 71 14.46 -11.33 -28.83
CA TYR F 71 13.73 -12.21 -27.92
C TYR F 71 14.62 -13.22 -27.19
N SER F 72 15.61 -13.77 -27.90
CA SER F 72 16.47 -14.78 -27.31
C SER F 72 17.31 -14.23 -26.14
N ASP F 73 17.47 -12.91 -26.06
CA ASP F 73 18.20 -12.29 -24.95
C ASP F 73 17.42 -12.33 -23.63
N ALA F 74 16.19 -12.81 -23.67
CA ALA F 74 15.40 -12.97 -22.45
C ALA F 74 15.79 -14.21 -21.63
N LYS F 75 16.68 -15.06 -22.15
CA LYS F 75 17.01 -16.34 -21.51
C LYS F 75 17.18 -16.17 -20.00
N ASP F 76 18.00 -15.21 -19.61
CA ASP F 76 18.36 -15.03 -18.22
C ASP F 76 17.86 -13.68 -17.67
N ALA F 77 16.78 -13.15 -18.24
CA ALA F 77 16.22 -11.89 -17.77
C ALA F 77 15.35 -12.03 -16.52
N ASP F 78 15.40 -11.03 -15.65
CA ASP F 78 14.54 -11.00 -14.49
C ASP F 78 13.14 -10.63 -14.90
N LEU F 79 13.03 -9.76 -15.90
CA LEU F 79 11.82 -9.01 -16.15
C LEU F 79 11.61 -8.80 -17.62
N VAL F 80 10.40 -9.09 -18.10
CA VAL F 80 10.04 -8.79 -19.46
C VAL F 80 8.89 -7.81 -19.42
N VAL F 81 9.12 -6.64 -19.99
CA VAL F 81 8.13 -5.59 -20.02
C VAL F 81 7.57 -5.41 -21.42
N ILE F 82 6.26 -5.58 -21.56
CA ILE F 82 5.63 -5.55 -22.87
C ILE F 82 4.83 -4.27 -23.03
N THR F 83 5.25 -3.45 -23.98
CA THR F 83 4.55 -2.18 -24.30
C THR F 83 4.05 -2.12 -25.75
N ALA F 84 4.34 -3.18 -26.53
CA ALA F 84 3.98 -3.26 -27.99
C ALA F 84 2.48 -3.50 -28.27
N GLY F 85 1.68 -2.40 -28.25
CA GLY F 85 0.21 -2.48 -28.42
C GLY F 85 -0.43 -1.84 -29.67
N ALA F 86 -0.92 -2.65 -30.60
CA ALA F 86 -1.52 -2.10 -31.81
C ALA F 86 -2.83 -1.37 -31.46
N PRO F 87 -2.96 -0.13 -31.89
CA PRO F 87 -4.13 0.67 -31.47
C PRO F 87 -5.39 0.38 -32.28
N GLN F 88 -6.53 0.72 -31.71
CA GLN F 88 -7.80 0.54 -32.39
C GLN F 88 -7.98 1.51 -33.56
N LYS F 89 -8.31 0.98 -34.74
CA LYS F 89 -8.54 1.79 -35.94
C LYS F 89 -10.05 2.10 -35.97
N PRO F 90 -10.43 3.24 -36.59
CA PRO F 90 -11.85 3.59 -36.59
C PRO F 90 -12.68 2.53 -37.29
N GLY F 91 -13.79 2.15 -36.67
CA GLY F 91 -14.60 1.11 -37.27
C GLY F 91 -14.21 -0.30 -36.91
N GLU F 92 -13.14 -0.49 -36.17
CA GLU F 92 -12.84 -1.83 -35.61
C GLU F 92 -13.66 -2.04 -34.34
N THR F 93 -14.08 -3.27 -34.12
CA THR F 93 -14.74 -3.63 -32.86
C THR F 93 -13.66 -3.85 -31.78
N ARG F 94 -14.08 -3.85 -30.53
CA ARG F 94 -13.16 -4.16 -29.44
C ARG F 94 -12.59 -5.57 -29.62
N LEU F 95 -13.43 -6.46 -30.08
CA LEU F 95 -13.01 -7.83 -30.33
C LEU F 95 -11.93 -7.91 -31.43
N ASP F 96 -12.04 -7.03 -32.43
CA ASP F 96 -11.05 -6.95 -33.52
C ASP F 96 -9.72 -6.53 -32.95
N LEU F 97 -9.76 -5.48 -32.12
CA LEU F 97 -8.62 -4.96 -31.45
C LEU F 97 -7.90 -6.07 -30.69
N VAL F 98 -8.67 -6.82 -29.93
CA VAL F 98 -8.14 -7.93 -29.16
C VAL F 98 -7.47 -8.98 -30.06
N ASN F 99 -8.20 -9.46 -31.05
CA ASN F 99 -7.68 -10.47 -31.95
C ASN F 99 -6.39 -10.04 -32.65
N LYS F 100 -6.36 -8.81 -33.11
CA LYS F 100 -5.20 -8.23 -33.77
C LYS F 100 -3.99 -8.27 -32.82
N ASN F 101 -4.19 -7.83 -31.58
CA ASN F 101 -3.14 -7.79 -30.58
C ASN F 101 -2.74 -9.19 -30.09
N LEU F 102 -3.64 -10.17 -30.21
CA LEU F 102 -3.32 -11.53 -29.80
C LEU F 102 -2.33 -12.18 -30.75
N LYS F 103 -2.51 -11.94 -32.05
CA LYS F 103 -1.55 -12.44 -33.04
C LYS F 103 -0.18 -11.86 -32.74
N ILE F 104 -0.13 -10.55 -32.55
CA ILE F 104 1.13 -9.89 -32.27
C ILE F 104 1.72 -10.40 -30.94
N LEU F 105 0.88 -10.49 -29.91
CA LEU F 105 1.36 -10.88 -28.59
C LEU F 105 1.97 -12.28 -28.58
N LYS F 106 1.33 -13.18 -29.32
CA LYS F 106 1.81 -14.55 -29.44
C LYS F 106 3.20 -14.62 -30.11
N SER F 107 3.42 -13.73 -31.07
CA SER F 107 4.69 -13.67 -31.80
C SER F 107 5.81 -13.12 -30.92
N ILE F 108 5.43 -12.50 -29.80
CA ILE F 108 6.38 -12.03 -28.78
C ILE F 108 6.59 -13.08 -27.67
N VAL F 109 5.49 -13.55 -27.09
CA VAL F 109 5.56 -14.40 -25.90
C VAL F 109 6.19 -15.75 -26.22
N ASP F 110 5.80 -16.39 -27.33
CA ASP F 110 6.32 -17.72 -27.66
C ASP F 110 7.87 -17.72 -27.72
N PRO F 111 8.48 -16.81 -28.51
CA PRO F 111 9.94 -16.83 -28.59
C PRO F 111 10.61 -16.46 -27.27
N ILE F 112 9.95 -15.63 -26.48
CA ILE F 112 10.49 -15.32 -25.17
C ILE F 112 10.52 -16.55 -24.27
N VAL F 113 9.41 -17.29 -24.24
CA VAL F 113 9.36 -18.53 -23.45
C VAL F 113 10.40 -19.53 -23.98
N ASP F 114 10.52 -19.63 -25.30
CA ASP F 114 11.50 -20.53 -25.92
C ASP F 114 12.93 -20.17 -25.53
N SER F 115 13.23 -18.89 -25.32
CA SER F 115 14.55 -18.51 -24.87
C SER F 115 14.96 -19.18 -23.56
N GLY F 116 13.98 -19.58 -22.74
CA GLY F 116 14.25 -20.12 -21.40
C GLY F 116 13.94 -19.12 -20.29
N PHE F 117 13.49 -17.92 -20.66
CA PHE F 117 13.05 -16.90 -19.73
C PHE F 117 12.22 -17.52 -18.64
N ASN F 118 12.53 -17.15 -17.43
CA ASN F 118 11.95 -17.78 -16.26
C ASN F 118 11.77 -16.72 -15.16
N GLY F 119 11.33 -15.52 -15.57
CA GLY F 119 11.18 -14.38 -14.67
C GLY F 119 9.75 -13.93 -14.53
N ILE F 120 9.54 -12.62 -14.46
CA ILE F 120 8.18 -12.06 -14.38
C ILE F 120 7.83 -11.25 -15.61
N PHE F 121 6.60 -11.44 -16.10
CA PHE F 121 6.07 -10.63 -17.23
C PHE F 121 5.41 -9.41 -16.64
N LEU F 122 5.75 -8.24 -17.15
CA LEU F 122 5.05 -7.01 -16.80
C LEU F 122 4.42 -6.44 -18.06
N VAL F 123 3.09 -6.37 -18.07
CA VAL F 123 2.34 -6.02 -19.31
C VAL F 123 1.71 -4.64 -19.19
N ALA F 124 2.00 -3.78 -20.15
CA ALA F 124 1.41 -2.43 -20.22
C ALA F 124 0.66 -2.15 -21.51
N ALA F 125 0.88 -2.93 -22.55
CA ALA F 125 0.18 -2.79 -23.79
C ALA F 125 -1.33 -2.76 -23.63
N ASN F 126 -1.98 -1.84 -24.36
CA ASN F 126 -3.44 -1.73 -24.33
C ASN F 126 -4.06 -2.65 -25.35
N PRO F 127 -5.20 -3.29 -24.97
CA PRO F 127 -5.90 -3.11 -23.69
C PRO F 127 -5.35 -4.04 -22.57
N VAL F 128 -4.90 -3.41 -21.49
CA VAL F 128 -3.92 -4.04 -20.58
C VAL F 128 -4.44 -5.24 -19.79
N ASP F 129 -5.61 -5.13 -19.20
CA ASP F 129 -6.14 -6.28 -18.45
C ASP F 129 -6.33 -7.53 -19.36
N ILE F 130 -6.85 -7.32 -20.57
CA ILE F 130 -7.04 -8.40 -21.54
C ILE F 130 -5.72 -8.99 -21.96
N LEU F 131 -4.75 -8.15 -22.36
CA LEU F 131 -3.47 -8.69 -22.82
C LEU F 131 -2.66 -9.27 -21.68
N THR F 132 -2.95 -8.85 -20.46
CA THR F 132 -2.33 -9.49 -19.32
C THR F 132 -2.84 -10.92 -19.21
N TYR F 133 -4.16 -11.11 -19.30
CA TYR F 133 -4.75 -12.45 -19.35
C TYR F 133 -4.22 -13.27 -20.53
N ALA F 134 -4.20 -12.66 -21.71
CA ALA F 134 -3.66 -13.34 -22.86
C ALA F 134 -2.19 -13.75 -22.65
N THR F 135 -1.39 -12.88 -22.02
CA THR F 135 0.03 -13.16 -21.77
C THR F 135 0.14 -14.37 -20.86
N TRP F 136 -0.66 -14.41 -19.81
CA TRP F 136 -0.70 -15.60 -18.90
C TRP F 136 -1.06 -16.89 -19.64
N LYS F 137 -2.12 -16.81 -20.42
CA LYS F 137 -2.63 -17.93 -21.22
C LYS F 137 -1.55 -18.43 -22.20
N LEU F 138 -0.92 -17.49 -22.92
CA LEU F 138 0.11 -17.84 -23.90
C LEU F 138 1.41 -18.37 -23.23
N SER F 139 1.81 -17.77 -22.12
CA SER F 139 3.11 -18.05 -21.57
C SER F 139 3.11 -19.36 -20.82
N GLY F 140 1.96 -19.72 -20.27
CA GLY F 140 1.86 -20.83 -19.35
C GLY F 140 2.47 -20.56 -17.99
N PHE F 141 2.85 -19.32 -17.70
CA PHE F 141 3.51 -19.01 -16.40
C PHE F 141 2.46 -18.97 -15.31
N PRO F 142 2.88 -19.04 -14.06
CA PRO F 142 1.93 -18.89 -12.97
C PRO F 142 1.27 -17.51 -12.93
N LYS F 143 0.05 -17.49 -12.42
CA LYS F 143 -0.76 -16.30 -12.25
C LYS F 143 -0.03 -15.12 -11.62
N ASN F 144 0.70 -15.41 -10.56
CA ASN F 144 1.34 -14.36 -9.79
C ASN F 144 2.61 -13.81 -10.46
N ARG F 145 3.09 -14.47 -11.51
CA ARG F 145 4.27 -14.01 -12.27
C ARG F 145 3.93 -13.35 -13.62
N VAL F 146 2.64 -13.06 -13.83
CA VAL F 146 2.20 -12.23 -14.98
C VAL F 146 1.36 -11.11 -14.41
N VAL F 147 1.85 -9.91 -14.64
CA VAL F 147 1.35 -8.75 -13.96
C VAL F 147 1.06 -7.66 -14.99
N GLY F 148 -0.09 -7.00 -14.83
CA GLY F 148 -0.40 -5.86 -15.69
C GLY F 148 -0.37 -4.55 -14.90
N SER F 149 -0.16 -3.45 -15.62
CA SER F 149 -0.01 -2.18 -15.00
C SER F 149 -1.39 -1.72 -14.52
N GLY F 150 -2.41 -2.21 -15.17
CA GLY F 150 -3.77 -2.00 -14.72
C GLY F 150 -4.15 -0.57 -14.49
N THR F 151 -4.64 -0.28 -13.30
CA THR F 151 -5.07 1.05 -12.92
C THR F 151 -4.01 1.76 -12.04
N SER F 152 -2.76 1.34 -12.14
CA SER F 152 -1.70 2.07 -11.43
C SER F 152 -1.61 3.53 -11.90
N LEU F 153 -1.73 3.75 -13.19
CA LEU F 153 -1.63 5.09 -13.71
C LEU F 153 -2.87 5.92 -13.41
N ASP F 154 -4.04 5.36 -13.65
CA ASP F 154 -5.31 6.01 -13.32
C ASP F 154 -5.32 6.42 -11.87
N THR F 155 -4.84 5.51 -11.02
CA THR F 155 -4.74 5.79 -9.59
C THR F 155 -3.81 6.99 -9.36
N ALA F 156 -2.64 6.97 -9.97
CA ALA F 156 -1.74 8.11 -9.82
C ALA F 156 -2.48 9.39 -10.23
N ARG F 157 -3.15 9.35 -11.38
CA ARG F 157 -3.85 10.57 -11.90
C ARG F 157 -4.88 11.05 -10.86
N PHE F 158 -5.60 10.09 -10.28
CA PHE F 158 -6.60 10.37 -9.28
C PHE F 158 -6.00 11.06 -8.07
N ARG F 159 -4.90 10.51 -7.57
CA ARG F 159 -4.26 11.09 -6.42
C ARG F 159 -3.72 12.48 -6.67
N GLN F 160 -3.18 12.70 -7.85
CA GLN F 160 -2.63 13.98 -8.16
C GLN F 160 -3.71 15.02 -8.31
N SER F 161 -4.83 14.61 -8.84
CA SER F 161 -6.02 15.48 -8.95
C SER F 161 -6.51 15.95 -7.59
N ILE F 162 -6.66 14.99 -6.67
CA ILE F 162 -7.06 15.28 -5.31
C ILE F 162 -6.01 16.18 -4.64
N ALA F 163 -4.76 15.77 -4.74
CA ALA F 163 -3.61 16.55 -4.21
C ALA F 163 -3.68 18.02 -4.63
N GLU F 164 -3.95 18.25 -5.90
CA GLU F 164 -4.02 19.64 -6.42
C GLU F 164 -5.24 20.38 -5.84
N MET F 165 -6.37 19.70 -5.68
CA MET F 165 -7.54 20.32 -5.12
C MET F 165 -7.26 20.76 -3.69
N VAL F 166 -6.70 19.88 -2.87
CA VAL F 166 -6.56 20.16 -1.42
C VAL F 166 -5.19 20.77 -1.09
N ASN F 167 -4.31 20.92 -2.08
CA ASN F 167 -2.94 21.43 -1.89
C ASN F 167 -2.02 20.65 -0.93
N VAL F 168 -1.86 19.38 -1.25
CA VAL F 168 -1.15 18.45 -0.40
C VAL F 168 -0.30 17.59 -1.35
N ASP F 169 0.83 17.08 -0.85
CA ASP F 169 1.68 16.17 -1.60
C ASP F 169 0.90 14.94 -1.96
N ALA F 170 0.88 14.57 -3.24
CA ALA F 170 0.15 13.38 -3.65
C ALA F 170 0.56 12.09 -2.94
N ARG F 171 1.83 12.00 -2.48
CA ARG F 171 2.22 10.83 -1.68
C ARG F 171 1.44 10.70 -0.36
N SER F 172 0.78 11.78 0.07
CA SER F 172 -0.03 11.80 1.29
C SER F 172 -1.50 11.57 0.99
N VAL F 173 -1.83 11.36 -0.28
CA VAL F 173 -3.19 11.05 -0.72
C VAL F 173 -3.27 9.59 -1.04
N HIS F 174 -4.31 8.92 -0.57
CA HIS F 174 -4.46 7.48 -0.69
C HIS F 174 -5.84 7.20 -1.27
N ALA F 175 -5.89 6.91 -2.57
CA ALA F 175 -7.11 6.71 -3.26
C ALA F 175 -6.86 5.80 -4.43
N TYR F 176 -7.81 4.93 -4.72
CA TYR F 176 -7.69 3.99 -5.81
C TYR F 176 -8.71 4.20 -6.93
N ILE F 177 -8.29 3.88 -8.14
CA ILE F 177 -9.20 3.60 -9.24
C ILE F 177 -9.08 2.11 -9.48
N MET F 178 -10.22 1.46 -9.67
CA MET F 178 -10.25 0.03 -9.82
C MET F 178 -11.11 -0.37 -11.00
N GLY F 179 -11.05 -1.66 -11.30
CA GLY F 179 -11.74 -2.25 -12.43
C GLY F 179 -10.84 -2.54 -13.60
N GLU F 180 -11.46 -2.69 -14.77
CA GLU F 180 -10.71 -2.75 -15.98
C GLU F 180 -10.24 -1.35 -16.33
N HIS F 181 -8.96 -1.19 -16.57
CA HIS F 181 -8.43 0.08 -17.03
C HIS F 181 -9.15 0.46 -18.33
N GLY F 182 -9.79 1.64 -18.33
CA GLY F 182 -10.56 2.08 -19.46
C GLY F 182 -11.88 2.68 -19.01
N ASP F 183 -12.83 2.79 -19.95
CA ASP F 183 -14.12 3.48 -19.74
C ASP F 183 -14.94 2.98 -18.55
N THR F 184 -14.83 1.71 -18.17
CA THR F 184 -15.63 1.17 -17.07
C THR F 184 -14.95 1.21 -15.70
N GLU F 185 -13.75 1.79 -15.59
CA GLU F 185 -13.08 1.84 -14.28
C GLU F 185 -13.86 2.76 -13.35
N PHE F 186 -13.62 2.68 -12.05
CA PHE F 186 -14.38 3.47 -11.09
C PHE F 186 -13.54 3.84 -9.89
N PRO F 187 -13.86 4.96 -9.26
CA PRO F 187 -13.14 5.39 -8.06
C PRO F 187 -13.69 4.77 -6.78
N VAL F 188 -12.81 4.50 -5.82
CA VAL F 188 -13.22 3.96 -4.55
C VAL F 188 -13.27 5.07 -3.55
N TRP F 189 -14.30 5.90 -3.63
CA TRP F 189 -14.41 7.01 -2.69
C TRP F 189 -14.51 6.56 -1.25
N SER F 190 -15.12 5.40 -1.01
CA SER F 190 -15.35 4.94 0.35
C SER F 190 -14.06 4.81 1.15
N HIS F 191 -12.94 4.54 0.49
CA HIS F 191 -11.66 4.34 1.19
C HIS F 191 -10.60 5.34 0.83
N ALA F 192 -10.95 6.32 0.01
CA ALA F 192 -10.01 7.32 -0.40
C ALA F 192 -9.82 8.27 0.75
N ASN F 193 -8.59 8.69 0.98
CA ASN F 193 -8.32 9.60 2.11
C ASN F 193 -7.05 10.38 1.95
N ILE F 194 -6.90 11.37 2.83
CA ILE F 194 -5.74 12.23 2.90
C ILE F 194 -5.32 12.18 4.36
N GLY F 195 -4.17 11.55 4.62
CA GLY F 195 -3.65 11.43 5.97
C GLY F 195 -4.61 10.74 6.89
N GLY F 196 -5.31 9.74 6.38
CA GLY F 196 -6.34 9.03 7.15
C GLY F 196 -7.71 9.67 7.24
N VAL F 197 -7.85 10.94 6.86
CA VAL F 197 -9.15 11.61 6.85
C VAL F 197 -9.80 11.29 5.50
N THR F 198 -10.94 10.59 5.50
CA THR F 198 -11.55 10.16 4.24
C THR F 198 -12.08 11.36 3.48
N ILE F 199 -12.32 11.19 2.18
CA ILE F 199 -12.82 12.29 1.39
C ILE F 199 -14.24 12.64 1.89
N ALA F 200 -15.02 11.63 2.32
CA ALA F 200 -16.35 11.86 2.96
C ALA F 200 -16.24 12.71 4.22
N GLU F 201 -15.26 12.40 5.05
CA GLU F 201 -14.95 13.21 6.22
C GLU F 201 -14.36 14.58 5.83
N TRP F 202 -13.58 14.63 4.74
CA TRP F 202 -12.92 15.90 4.33
C TRP F 202 -13.99 16.88 3.90
N VAL F 203 -14.98 16.38 3.17
CA VAL F 203 -16.07 17.20 2.62
C VAL F 203 -17.00 17.75 3.70
N LYS F 204 -17.28 16.94 4.73
CA LYS F 204 -17.90 17.39 5.99
C LYS F 204 -17.17 18.62 6.55
N ALA F 205 -15.86 18.52 6.81
CA ALA F 205 -15.08 19.65 7.33
C ALA F 205 -14.91 20.82 6.33
N HIS F 206 -15.04 20.54 5.02
CA HIS F 206 -14.85 21.56 3.97
C HIS F 206 -15.98 21.51 2.96
N PRO F 207 -17.17 21.97 3.36
CA PRO F 207 -18.35 21.91 2.50
C PRO F 207 -18.31 22.78 1.22
N GLU F 208 -17.28 23.61 1.04
CA GLU F 208 -16.99 24.26 -0.26
C GLU F 208 -16.87 23.22 -1.39
N ILE F 209 -16.40 22.02 -1.02
CA ILE F 209 -16.12 20.96 -1.98
C ILE F 209 -17.45 20.30 -2.34
N LYS F 210 -17.95 20.60 -3.53
CA LYS F 210 -19.26 20.11 -3.95
C LYS F 210 -19.19 18.68 -4.48
N GLU F 211 -20.25 17.90 -4.23
CA GLU F 211 -20.33 16.50 -4.70
C GLU F 211 -20.04 16.46 -6.19
N ASP F 212 -20.57 17.44 -6.92
CA ASP F 212 -20.38 17.50 -8.37
C ASP F 212 -18.93 17.73 -8.82
N LYS F 213 -18.14 18.45 -8.02
CA LYS F 213 -16.72 18.63 -8.27
C LYS F 213 -16.00 17.28 -8.27
N LEU F 214 -16.35 16.43 -7.30
CA LEU F 214 -15.73 15.13 -7.15
C LEU F 214 -16.08 14.19 -8.29
N VAL F 215 -17.32 14.25 -8.74
CA VAL F 215 -17.77 13.42 -9.86
C VAL F 215 -17.00 13.83 -11.09
N LYS F 216 -16.89 15.15 -11.31
CA LYS F 216 -16.20 15.67 -12.50
C LYS F 216 -14.70 15.35 -12.39
N MET F 217 -14.17 15.43 -11.19
CA MET F 217 -12.77 15.09 -10.97
C MET F 217 -12.48 13.66 -11.47
N PHE F 218 -13.37 12.72 -11.14
CA PHE F 218 -13.18 11.34 -11.59
C PHE F 218 -13.39 11.19 -13.08
N GLU F 219 -14.35 11.91 -13.63
CA GLU F 219 -14.58 11.90 -15.08
C GLU F 219 -13.33 12.37 -15.80
N ASP F 220 -12.77 13.48 -15.32
CA ASP F 220 -11.53 14.00 -15.88
C ASP F 220 -10.38 12.95 -15.81
N VAL F 221 -10.33 12.19 -14.72
CA VAL F 221 -9.34 11.12 -14.61
C VAL F 221 -9.57 10.03 -15.62
N ARG F 222 -10.77 9.50 -15.67
CA ARG F 222 -11.15 8.50 -16.65
C ARG F 222 -10.85 8.90 -18.08
N ASP F 223 -11.07 10.17 -18.40
CA ASP F 223 -10.89 10.66 -19.75
C ASP F 223 -9.53 11.30 -19.95
N ALA F 224 -8.60 11.12 -19.02
CA ALA F 224 -7.35 11.88 -19.07
C ALA F 224 -6.52 11.55 -20.32
N ALA F 225 -6.42 10.28 -20.70
CA ALA F 225 -5.72 9.91 -21.93
C ALA F 225 -6.27 10.68 -23.12
N TYR F 226 -7.59 10.75 -23.27
CA TYR F 226 -8.17 11.47 -24.41
C TYR F 226 -7.72 12.94 -24.42
N GLU F 227 -7.72 13.60 -23.26
CA GLU F 227 -7.35 15.00 -23.17
C GLU F 227 -5.88 15.19 -23.55
N ILE F 228 -5.02 14.33 -23.03
CA ILE F 228 -3.60 14.43 -23.27
C ILE F 228 -3.28 14.16 -24.75
N ILE F 229 -3.86 13.11 -25.29
CA ILE F 229 -3.67 12.78 -26.70
C ILE F 229 -4.11 13.94 -27.59
N LYS F 230 -5.24 14.56 -27.25
CA LYS F 230 -5.78 15.65 -28.01
C LYS F 230 -4.79 16.80 -27.98
N LEU F 231 -4.16 17.04 -26.83
CA LEU F 231 -3.28 18.19 -26.67
C LEU F 231 -1.90 17.99 -27.24
N LYS F 232 -1.35 16.79 -27.11
CA LYS F 232 0.05 16.57 -27.51
C LYS F 232 0.33 15.31 -28.30
N GLY F 233 -0.70 14.53 -28.66
CA GLY F 233 -0.54 13.43 -29.61
C GLY F 233 -0.45 12.08 -28.96
N ALA F 234 0.08 12.03 -27.74
CA ALA F 234 0.29 10.77 -27.06
C ALA F 234 0.44 10.98 -25.55
N THR F 235 0.32 9.89 -24.82
CA THR F 235 0.51 9.93 -23.40
C THR F 235 1.61 8.91 -23.09
N PHE F 236 2.60 9.28 -22.26
CA PHE F 236 3.67 8.34 -21.93
C PHE F 236 4.43 8.51 -20.62
N TYR F 237 4.57 9.73 -20.15
CA TYR F 237 5.33 9.93 -18.93
C TYR F 237 4.72 9.21 -17.73
N GLY F 238 3.41 9.26 -17.62
CA GLY F 238 2.77 8.68 -16.47
C GLY F 238 2.99 7.17 -16.41
N ILE F 239 2.70 6.47 -17.51
CA ILE F 239 2.77 5.01 -17.52
C ILE F 239 4.20 4.53 -17.43
N ALA F 240 5.11 5.22 -18.10
CA ALA F 240 6.56 4.94 -17.94
C ALA F 240 6.97 5.01 -16.49
N THR F 241 6.54 6.06 -15.80
CA THR F 241 6.91 6.25 -14.41
C THR F 241 6.31 5.14 -13.52
N ALA F 242 5.09 4.76 -13.82
CA ALA F 242 4.45 3.65 -13.11
C ALA F 242 5.14 2.33 -13.33
N LEU F 243 5.49 2.05 -14.57
CA LEU F 243 6.19 0.82 -14.91
C LEU F 243 7.53 0.74 -14.18
N ALA F 244 8.25 1.86 -14.12
CA ALA F 244 9.50 1.88 -13.38
C ALA F 244 9.25 1.64 -11.88
N ARG F 245 8.15 2.18 -11.36
CA ARG F 245 7.84 1.97 -9.95
C ARG F 245 7.58 0.48 -9.66
N ILE F 246 6.80 -0.15 -10.53
CA ILE F 246 6.47 -1.56 -10.37
C ILE F 246 7.75 -2.37 -10.50
N SER F 247 8.59 -1.99 -11.46
CA SER F 247 9.85 -2.67 -11.71
C SER F 247 10.68 -2.63 -10.45
N LYS F 248 10.71 -1.46 -9.81
CA LYS F 248 11.51 -1.32 -8.58
C LYS F 248 10.95 -2.18 -7.43
N ALA F 249 9.63 -2.32 -7.37
CA ALA F 249 9.03 -3.10 -6.30
C ALA F 249 9.44 -4.56 -6.43
N ILE F 250 9.47 -5.03 -7.67
CA ILE F 250 9.88 -6.39 -7.93
C ILE F 250 11.36 -6.55 -7.64
N LEU F 251 12.18 -5.74 -8.28
CA LEU F 251 13.62 -5.92 -8.20
C LEU F 251 14.23 -5.67 -6.83
N ASN F 252 13.65 -4.77 -6.03
CA ASN F 252 14.10 -4.58 -4.62
C ASN F 252 13.21 -5.32 -3.61
N ASP F 253 12.40 -6.27 -4.08
CA ASP F 253 11.68 -7.17 -3.23
C ASP F 253 10.94 -6.44 -2.10
N GLU F 254 10.13 -5.47 -2.49
CA GLU F 254 9.55 -4.50 -1.56
C GLU F 254 8.31 -4.97 -0.78
N ASN F 255 7.52 -5.88 -1.34
CA ASN F 255 6.19 -6.14 -0.84
C ASN F 255 5.35 -4.88 -0.78
N ALA F 256 5.42 -4.10 -1.84
CA ALA F 256 4.70 -2.86 -1.89
C ALA F 256 3.30 -3.13 -2.32
N VAL F 257 2.39 -2.27 -1.87
CA VAL F 257 1.01 -2.37 -2.28
C VAL F 257 0.80 -1.45 -3.46
N LEU F 258 0.43 -2.02 -4.59
CA LEU F 258 0.12 -1.23 -5.78
C LEU F 258 -1.16 -1.72 -6.43
N PRO F 259 -1.90 -0.81 -7.07
CA PRO F 259 -3.03 -1.22 -7.91
C PRO F 259 -2.51 -1.83 -9.21
N LEU F 260 -2.78 -3.11 -9.43
CA LEU F 260 -2.24 -3.83 -10.55
C LEU F 260 -3.30 -4.71 -11.14
N SER F 261 -3.09 -5.13 -12.36
CA SER F 261 -3.95 -6.08 -12.96
C SER F 261 -3.50 -7.46 -12.50
N VAL F 262 -4.35 -8.13 -11.71
CA VAL F 262 -4.02 -9.42 -11.10
C VAL F 262 -5.13 -10.46 -11.31
N TYR F 263 -4.79 -11.73 -11.18
CA TYR F 263 -5.72 -12.83 -11.50
C TYR F 263 -6.75 -13.03 -10.42
N MET F 264 -7.99 -13.12 -10.87
CA MET F 264 -9.12 -13.14 -9.96
C MET F 264 -9.54 -14.59 -9.61
N ASP F 265 -9.37 -14.98 -8.35
CA ASP F 265 -9.73 -16.33 -7.83
C ASP F 265 -10.71 -16.23 -6.69
N GLY F 266 -11.84 -15.56 -6.93
CA GLY F 266 -12.90 -15.40 -5.93
C GLY F 266 -13.14 -13.98 -5.46
N GLN F 267 -12.08 -13.17 -5.47
CA GLN F 267 -12.14 -11.81 -4.94
C GLN F 267 -13.22 -11.00 -5.66
N TYR F 268 -13.96 -10.22 -4.87
CA TYR F 268 -15.08 -9.45 -5.35
C TYR F 268 -16.17 -10.30 -6.06
N GLY F 269 -16.19 -11.59 -5.76
CA GLY F 269 -17.09 -12.52 -6.47
C GLY F 269 -16.77 -12.68 -7.95
N LEU F 270 -15.49 -12.55 -8.28
CA LEU F 270 -15.00 -12.67 -9.65
C LEU F 270 -14.07 -13.85 -9.83
N ASN F 271 -14.00 -14.35 -11.06
CA ASN F 271 -13.15 -15.49 -11.41
C ASN F 271 -12.60 -15.51 -12.81
N ASP F 272 -11.34 -15.92 -12.92
CA ASP F 272 -10.72 -16.22 -14.20
C ASP F 272 -10.64 -15.03 -15.16
N ILE F 273 -10.33 -13.86 -14.61
CA ILE F 273 -9.95 -12.69 -15.39
C ILE F 273 -8.87 -11.95 -14.66
N TYR F 274 -8.11 -11.16 -15.40
CA TYR F 274 -7.19 -10.23 -14.79
C TYR F 274 -7.96 -8.92 -14.74
N ILE F 275 -7.89 -8.29 -13.58
CA ILE F 275 -8.52 -7.01 -13.35
C ILE F 275 -7.76 -6.20 -12.28
N GLY F 276 -8.04 -4.90 -12.23
CA GLY F 276 -7.35 -3.99 -11.36
C GLY F 276 -7.84 -3.91 -9.93
N THR F 277 -6.93 -4.18 -8.99
CA THR F 277 -7.15 -4.05 -7.56
C THR F 277 -5.77 -3.87 -6.86
N PRO F 278 -5.73 -3.28 -5.65
CA PRO F 278 -4.51 -3.29 -4.89
C PRO F 278 -3.99 -4.69 -4.63
N ALA F 279 -2.68 -4.85 -4.74
CA ALA F 279 -2.06 -6.13 -4.48
C ALA F 279 -0.67 -5.92 -3.94
N VAL F 280 -0.16 -6.92 -3.22
CA VAL F 280 1.20 -6.88 -2.66
C VAL F 280 2.11 -7.56 -3.68
N ILE F 281 3.21 -6.89 -4.02
CA ILE F 281 4.14 -7.41 -5.02
C ILE F 281 5.59 -7.38 -4.50
N ASN F 282 6.35 -8.42 -4.85
CA ASN F 282 7.77 -8.50 -4.52
C ASN F 282 8.56 -9.24 -5.60
N ARG F 283 9.77 -9.71 -5.28
CA ARG F 283 10.65 -10.34 -6.24
C ARG F 283 10.02 -11.54 -6.94
N ASN F 284 9.08 -12.20 -6.26
CA ASN F 284 8.32 -13.32 -6.83
C ASN F 284 6.97 -12.97 -7.43
N GLY F 285 6.75 -11.69 -7.74
CA GLY F 285 5.46 -11.24 -8.29
C GLY F 285 4.40 -11.06 -7.20
N ILE F 286 3.17 -11.43 -7.53
CA ILE F 286 2.04 -11.12 -6.67
C ILE F 286 2.02 -12.03 -5.46
N GLN F 287 1.95 -11.44 -4.27
CA GLN F 287 1.87 -12.20 -3.04
C GLN F 287 0.46 -12.21 -2.45
N ASN F 288 -0.22 -11.08 -2.48
CA ASN F 288 -1.56 -11.01 -1.95
C ASN F 288 -2.36 -10.13 -2.84
N ILE F 289 -3.59 -10.54 -3.10
CA ILE F 289 -4.55 -9.69 -3.72
C ILE F 289 -5.35 -9.09 -2.58
N LEU F 290 -5.39 -7.77 -2.49
CA LEU F 290 -6.18 -7.14 -1.45
C LEU F 290 -7.60 -6.96 -1.96
N GLU F 291 -8.54 -7.37 -1.15
CA GLU F 291 -9.94 -7.22 -1.46
C GLU F 291 -10.52 -6.05 -0.67
N ILE F 292 -10.56 -4.85 -1.26
CA ILE F 292 -11.18 -3.74 -0.56
C ILE F 292 -12.70 -4.04 -0.42
N PRO F 293 -13.27 -3.88 0.79
CA PRO F 293 -14.70 -4.09 0.90
C PRO F 293 -15.43 -2.85 0.41
N LEU F 294 -16.18 -2.98 -0.68
CA LEU F 294 -16.74 -1.83 -1.38
C LEU F 294 -18.15 -1.56 -0.91
N THR F 295 -18.63 -0.35 -1.12
CA THR F 295 -20.05 -0.05 -0.97
C THR F 295 -20.83 -0.84 -2.00
N ASP F 296 -22.15 -0.88 -1.84
CA ASP F 296 -22.98 -1.51 -2.86
C ASP F 296 -22.77 -0.81 -4.20
N HIS F 297 -22.79 0.53 -4.20
CA HIS F 297 -22.62 1.32 -5.46
C HIS F 297 -21.29 0.91 -6.10
N GLU F 298 -20.20 0.90 -5.30
CA GLU F 298 -18.86 0.57 -5.77
C GLU F 298 -18.74 -0.89 -6.24
N GLU F 299 -19.34 -1.81 -5.50
CA GLU F 299 -19.31 -3.21 -5.89
C GLU F 299 -20.05 -3.45 -7.23
N GLU F 300 -21.12 -2.69 -7.46
CA GLU F 300 -21.86 -2.75 -8.72
C GLU F 300 -20.96 -2.32 -9.90
N SER F 301 -20.21 -1.24 -9.72
CA SER F 301 -19.26 -0.77 -10.75
C SER F 301 -18.20 -1.81 -11.11
N MET F 302 -17.67 -2.46 -10.06
CA MET F 302 -16.74 -3.56 -10.24
C MET F 302 -17.36 -4.73 -11.01
N GLN F 303 -18.58 -5.14 -10.63
CA GLN F 303 -19.28 -6.23 -11.32
C GLN F 303 -19.49 -5.91 -12.82
N LYS F 304 -19.99 -4.70 -13.13
CA LYS F 304 -20.17 -4.28 -14.52
C LYS F 304 -18.87 -4.27 -15.30
N SER F 305 -17.82 -3.64 -14.73
CA SER F 305 -16.51 -3.61 -15.36
C SER F 305 -16.02 -5.00 -15.66
N ALA F 306 -16.07 -5.86 -14.64
CA ALA F 306 -15.68 -7.26 -14.78
C ALA F 306 -16.53 -8.01 -15.83
N SER F 307 -17.85 -7.88 -15.73
CA SER F 307 -18.79 -8.55 -16.65
C SER F 307 -18.41 -8.34 -18.08
N GLN F 308 -18.31 -7.07 -18.43
CA GLN F 308 -18.09 -6.64 -19.82
C GLN F 308 -16.75 -7.18 -20.31
N LEU F 309 -15.72 -7.05 -19.44
CA LEU F 309 -14.38 -7.59 -19.69
C LEU F 309 -14.36 -9.11 -19.91
N LYS F 310 -15.08 -9.82 -19.05
CA LYS F 310 -15.20 -11.26 -19.18
C LYS F 310 -15.91 -11.71 -20.46
N LYS F 311 -16.96 -10.99 -20.87
CA LYS F 311 -17.67 -11.36 -22.10
C LYS F 311 -16.71 -11.27 -23.27
N VAL F 312 -15.90 -10.21 -23.32
CA VAL F 312 -14.94 -10.00 -24.42
C VAL F 312 -13.82 -11.08 -24.44
N LEU F 313 -13.30 -11.45 -23.28
CA LEU F 313 -12.32 -12.51 -23.20
C LEU F 313 -12.87 -13.87 -23.67
N THR F 314 -14.04 -14.23 -23.17
CA THR F 314 -14.70 -15.45 -23.56
C THR F 314 -14.88 -15.46 -25.08
N ASP F 315 -15.46 -14.38 -25.63
CA ASP F 315 -15.68 -14.29 -27.08
C ASP F 315 -14.35 -14.36 -27.80
N ALA F 316 -13.32 -13.76 -27.23
CA ALA F 316 -12.03 -13.70 -27.89
C ALA F 316 -11.38 -15.07 -28.05
N PHE F 317 -11.42 -15.90 -27.00
CA PHE F 317 -10.81 -17.23 -27.06
C PHE F 317 -11.73 -18.37 -27.57
N ALA F 318 -13.02 -18.12 -27.74
CA ALA F 318 -13.94 -19.11 -28.35
C ALA F 318 -13.53 -19.42 -29.80
S SO4 G . -42.92 -6.83 -2.47
O1 SO4 G . -42.07 -5.66 -2.77
O2 SO4 G . -42.35 -7.56 -1.28
O3 SO4 G . -42.93 -7.77 -3.62
O4 SO4 G . -44.29 -6.28 -2.31
S SO4 H . -21.04 -17.69 16.74
O1 SO4 H . -20.33 -18.82 17.48
O2 SO4 H . -20.21 -16.46 16.84
O3 SO4 H . -21.22 -18.11 15.35
O4 SO4 H . -22.45 -17.39 17.16
P1 FBP I . -29.07 -35.41 22.49
O1P FBP I . -28.34 -36.01 23.73
O2P FBP I . -29.63 -34.04 22.52
O3P FBP I . -28.10 -35.45 21.39
O1 FBP I . -30.40 -36.12 21.85
C1 FBP I . -31.47 -35.41 21.16
C2 FBP I . -31.93 -35.95 19.78
O2 FBP I . -31.30 -35.22 18.75
C3 FBP I . -33.41 -35.83 19.43
O3 FBP I . -33.53 -34.94 18.32
C4 FBP I . -33.90 -37.24 19.08
O4 FBP I . -35.23 -37.48 19.55
C5 FBP I . -32.80 -38.13 19.67
O5 FBP I . -31.62 -37.31 19.56
C6 FBP I . -32.52 -39.48 19.01
O6 FBP I . -31.24 -40.07 19.37
P2 FBP I . -31.06 -41.69 19.31
O4P FBP I . -29.70 -42.39 19.46
O5P FBP I . -31.77 -41.81 17.96
O6P FBP I . -31.81 -42.00 20.59
S SO4 J . 11.74 8.29 22.12
O1 SO4 J . 12.71 7.59 21.20
O2 SO4 J . 12.28 8.56 23.46
O3 SO4 J . 10.55 7.43 22.29
O4 SO4 J . 11.38 9.62 21.51
S SO4 K . 24.19 17.17 -30.18
O1 SO4 K . 25.62 16.90 -29.89
O2 SO4 K . 24.19 17.91 -31.48
O3 SO4 K . 23.47 15.85 -30.11
O4 SO4 K . 23.48 18.03 -29.18
S SO4 L . 41.04 5.19 11.05
O1 SO4 L . 41.45 4.93 12.48
O2 SO4 L . 42.07 5.89 10.23
O3 SO4 L . 39.82 6.07 10.99
O4 SO4 L . 40.77 3.84 10.50
P1 FBP M . 34.59 14.36 -12.96
O1P FBP M . 35.83 14.15 -13.72
O2P FBP M . 34.92 15.18 -11.78
O3P FBP M . 33.58 14.96 -13.88
O1 FBP M . 33.88 13.06 -12.33
C1 FBP M . 32.95 13.18 -11.29
C2 FBP M . 32.84 11.79 -10.72
O2 FBP M . 32.72 10.98 -11.88
C3 FBP M . 31.63 11.59 -9.86
O3 FBP M . 30.47 11.25 -10.66
C4 FBP M . 32.09 10.51 -8.94
O4 FBP M . 31.39 10.55 -7.70
C5 FBP M . 33.54 10.85 -8.69
O5 FBP M . 33.98 11.34 -9.95
C6 FBP M . 34.38 9.68 -8.22
O6 FBP M . 35.63 9.87 -8.87
P2 FBP M . 36.97 8.95 -8.65
O4P FBP M . 38.04 10.03 -8.72
O5P FBP M . 36.82 8.36 -7.30
O6P FBP M . 37.19 7.89 -9.74
S SO4 N . -3.42 5.35 -20.64
O1 SO4 N . -2.08 4.69 -20.62
O2 SO4 N . -3.05 6.73 -20.94
O3 SO4 N . -4.32 4.62 -21.57
O4 SO4 N . -4.17 5.40 -19.37
P1 FBP O . 0.78 8.63 4.97
O1P FBP O . 2.00 8.79 5.78
O2P FBP O . -0.53 8.21 5.61
O3P FBP O . 0.52 9.95 4.32
O1 FBP O . 1.46 7.57 3.92
C1 FBP O . 2.63 8.00 3.18
C2 FBP O . 3.01 7.03 2.05
O2 FBP O . 3.55 5.90 2.72
C3 FBP O . 4.10 7.42 1.08
O3 FBP O . 5.37 6.99 1.63
C4 FBP O . 3.80 6.67 -0.22
O4 FBP O . 4.19 7.32 -1.42
C5 FBP O . 2.30 6.40 -0.17
O5 FBP O . 1.93 6.62 1.20
C6 FBP O . 2.02 4.96 -0.60
O6 FBP O . 0.89 4.37 0.08
P2 FBP O . -0.51 3.98 -0.69
O4P FBP O . -0.02 4.02 -2.11
O5P FBP O . -1.39 5.18 -0.48
O6P FBP O . -1.22 2.74 -0.10
#